data_6A95
#
_entry.id   6A95
#
_cell.length_a   1
_cell.length_b   1
_cell.length_c   1
_cell.angle_alpha   90.00
_cell.angle_beta   90.00
_cell.angle_gamma   90.00
#
_symmetry.space_group_name_H-M   'P 1'
#
loop_
_entity.id
_entity.type
_entity.pdbx_description
1 polymer 'Sodium channel protein PaFPC1'
2 polymer Mu-diguetoxin-Dc1a
3 branched 2-acetamido-2-deoxy-beta-D-glucopyranose-(1-4)-2-acetamido-2-deoxy-beta-D-glucopyranose
4 non-polymer 2-acetamido-2-deoxy-beta-D-glucopyranose
5 non-polymer '(1R,5R,6R,7R,9S,11S,12S,13S,14S)-3-amino-14-(hydroxymethyl)-8,10-dioxa-2,4-diazatetracyclo[7.3.1.1~7,11~.0~1,6~]tetradec-3-ene-5,9,12,13,14-pentol (non-preferred name)'
6 non-polymer 'SODIUM ION'
7 water water
#
loop_
_entity_poly.entity_id
_entity_poly.type
_entity_poly.pdbx_seq_one_letter_code
_entity_poly.pdbx_strand_id
1 'polypeptide(L)'
;MASWSHPQFEKGGGARGGSGGGSWSHPQFEKGFDYKDDDDKGTMADNSPLIREERQRLFRPYTRAMLTAPSAQPAKENGK
TEENKDNSRDKGRGANKDRDGSAHPDQALEQGSRLPARMRNIFPAELASTPLEDFDPFYKNKKTFVVVTKAGDIFRFSGE
KSLWMLDPFTPIRRVAISTMVQPIFSYFIMITILIHCIFMIMPATQTTYILELVFLSIYTIEVVVKVLARGFILHPFAYL
RDPWNWLDFLVTLIGYITLVVDLGHLYALRAFRVLRSWRTVTIVPGWRTIVDALSLSITSLKDLVLLLLFSLFVFAVLGL
QIYMGVLTQKCVKHFPADGSWGNFTDERWFNYTSNSSHWYIPDDWIEYPLCGNSSGAGMCPPGYTCLQGYGGNPNYGYTS
FDTFGWAFLSVFRLVTLDYWEDLYQLALRSAGPWHILFFIIVVFYGTFCFLNFILAVVVMSYTHMVKRADEEKAAERELK
KEKKAASVANNTANGQEQTTIEMNGDEAVVIDNNDQAARQQSDPETPAPSVTQRLTDFLCVWDCCVPWQKLQGAIGAVVL
SPFFELFIAVIIVLNITFMALDHHDMNIEFERILRTGNYIFTSIYIVEAVLKIIALSPKFYFKDSWNVFDFIIVVFAILE
LGLEGVQGLSVFRSFRLLRVFRLAKFWPTLNNFMSVMTKSYGAFVNVMYVMFLLLFIFAIIGMQLFGMNYIDNMERFPDG
DLPRWNFTDFLHSFMIVFRALCGEWIESMWDCMLVGDWSCIPFFVAVFFVGNLVILNLLIALLLNNYGSFCTSPTSDEED
SKDEDALAQIVRIFKRFKPNLNAVKLSPMKPDSEDIVESQEIQGNNIADAEDVLAGEFPPDCCCNAFYKCFPSRPARDSS
VQRMWSNIRRVCFLLAKNKYFQKFVTAVLVITSVLLALEDIYLPQRPVLVNITLYVDYVLTAFFVIEMIIMLFAVGFKKY
FTSKWYWLDFIVVVAYLLNFVLMCAGIEALQTLRLLRVFRLFRPLSKVNGMQVVTSTLVEAVPHIFNVILVGIFFWLVFA
IMGVQLFAGKFYKCVDENSTVLSHEITMDRNDCLHENYTWENSPMNFDHVGNAYLSLLQVATFKGWLQIMNDAIDSREVH
KQPIRETNIYMYLYFIFFIVFGSFFILKLFVCILIDIFRQQRRKAEGLSATDSRTQLIYRRAVMRTMSAKPVKRIPKPTC
HPQSLMYDISVNRKFEYTMMILIILNVAVMAIDHYGQSMEFSEVLDYLNLIFIIIFFVECVIKVSGLRHHYFKDPWNIID
FLYVVLAIAGLMLSDVIEKYFISPTLLRILRILRVGRLLRYFQSARGMRLLLLALRKALRTLFNVSFLLFVIMFVYAVFG
MEFFMHIRDAGAIDDVYNFKTFGQSIILLFQLATSAGWDGVYFAIANEEDCRAPDHELGYPGNCGSRALGIAYLVSYLII
TCLVVINMYAAVILDYVLEVYEDSKEGLTDDDYDMFFEVWQQFDPEATQYIRYDQLSELLEALQPPLQVQKPNKYKILSM
NIPICKDDHIFYKDVLEALVKDVFSRRGSPVEAGDVQAPNVDEAEYKPVSSTLQRQREEYCVRLIQNAWRKHKQQN
;
A
2 'polypeptide(L)' SAKDGDVEGPAGCKKYDVECDSGECCQKQYLWYKWRPLDCRCLKSGFFSSKCVCRDV B
#
# COMPACT_ATOMS: atom_id res chain seq x y z
N ASP A 90 -34.13 -25.02 9.68
CA ASP A 90 -33.22 -23.88 9.53
C ASP A 90 -33.46 -23.17 8.20
N LYS A 91 -32.53 -22.28 7.83
CA LYS A 91 -32.66 -21.56 6.57
C LYS A 91 -32.25 -22.43 5.38
N GLY A 92 -31.13 -23.13 5.49
CA GLY A 92 -30.70 -24.02 4.43
C GLY A 92 -30.65 -25.47 4.89
N ARG A 93 -30.36 -25.69 6.17
CA ARG A 93 -30.28 -27.03 6.72
C ARG A 93 -31.65 -27.63 7.03
N GLY A 94 -32.72 -26.84 6.93
CA GLY A 94 -34.06 -27.34 7.13
C GLY A 94 -34.89 -27.25 5.87
N ALA A 95 -34.59 -26.27 5.01
CA ALA A 95 -35.34 -26.13 3.77
C ALA A 95 -34.94 -27.18 2.75
N ASN A 96 -33.68 -27.60 2.74
CA ASN A 96 -33.24 -28.66 1.84
C ASN A 96 -33.70 -30.04 2.28
N LYS A 97 -34.18 -30.18 3.52
CA LYS A 97 -34.79 -31.41 4.01
C LYS A 97 -36.30 -31.38 3.96
N ASP A 98 -36.91 -30.18 4.07
CA ASP A 98 -38.36 -30.08 3.92
C ASP A 98 -38.77 -30.22 2.46
N ARG A 99 -37.88 -29.88 1.53
CA ARG A 99 -38.15 -30.14 0.12
C ARG A 99 -37.95 -31.60 -0.26
N ASP A 100 -37.32 -32.39 0.62
CA ASP A 100 -37.21 -33.83 0.42
C ASP A 100 -38.47 -34.58 0.79
N GLY A 101 -39.41 -33.93 1.47
CA GLY A 101 -40.62 -34.59 1.91
C GLY A 101 -41.62 -34.83 0.80
N SER A 102 -41.91 -33.81 0.00
CA SER A 102 -42.92 -33.93 -1.04
C SER A 102 -42.41 -33.45 -2.40
N ALA A 103 -41.49 -32.49 -2.40
CA ALA A 103 -41.08 -31.87 -3.66
C ALA A 103 -40.10 -32.75 -4.43
N HIS A 104 -38.90 -32.97 -3.87
CA HIS A 104 -37.88 -33.78 -4.53
C HIS A 104 -36.85 -34.26 -3.53
N PRO A 105 -36.61 -35.58 -3.44
CA PRO A 105 -35.62 -36.09 -2.50
C PRO A 105 -34.22 -36.19 -3.09
N ASP A 106 -33.28 -36.72 -2.31
CA ASP A 106 -31.90 -36.88 -2.74
C ASP A 106 -31.77 -38.12 -3.64
N GLN A 107 -30.57 -38.31 -4.18
CA GLN A 107 -30.33 -39.47 -5.06
C GLN A 107 -29.11 -40.28 -4.67
N ALA A 108 -28.03 -39.65 -4.23
CA ALA A 108 -26.78 -40.35 -3.94
C ALA A 108 -25.96 -39.52 -2.98
N LEU A 109 -24.83 -40.07 -2.56
CA LEU A 109 -23.90 -39.40 -1.64
C LEU A 109 -22.53 -40.05 -1.78
N GLU A 110 -21.49 -39.28 -1.46
CA GLU A 110 -20.11 -39.74 -1.56
C GLU A 110 -19.34 -39.26 -0.34
N GLN A 111 -18.97 -40.19 0.55
CA GLN A 111 -18.11 -39.89 1.70
C GLN A 111 -17.14 -41.05 1.84
N GLY A 112 -15.98 -40.93 1.20
CA GLY A 112 -15.00 -41.99 1.21
C GLY A 112 -15.41 -43.17 0.35
N SER A 113 -15.48 -42.93 -0.97
CA SER A 113 -15.82 -43.92 -2.00
C SER A 113 -17.21 -44.51 -1.74
N ARG A 114 -18.21 -43.65 -1.83
CA ARG A 114 -19.61 -44.01 -1.65
C ARG A 114 -20.41 -43.61 -2.88
N LEU A 115 -21.39 -44.45 -3.24
CA LEU A 115 -22.28 -44.17 -4.36
C LEU A 115 -23.61 -44.85 -4.09
N PRO A 116 -24.65 -44.08 -3.72
CA PRO A 116 -25.94 -44.70 -3.38
C PRO A 116 -26.89 -44.83 -4.56
N ALA A 117 -28.05 -45.43 -4.31
CA ALA A 117 -29.11 -45.57 -5.31
C ALA A 117 -30.45 -45.40 -4.59
N ARG A 118 -30.95 -44.16 -4.56
CA ARG A 118 -32.22 -43.83 -3.95
C ARG A 118 -33.17 -43.28 -5.01
N MET A 119 -34.31 -42.78 -4.57
CA MET A 119 -35.29 -42.18 -5.47
C MET A 119 -36.00 -41.04 -4.75
N ARG A 120 -37.06 -40.53 -5.36
CA ARG A 120 -37.83 -39.41 -4.84
C ARG A 120 -39.15 -39.86 -4.23
N ASN A 121 -39.12 -41.00 -3.50
CA ASN A 121 -40.28 -41.62 -2.86
C ASN A 121 -41.36 -42.00 -3.87
N ILE A 122 -40.92 -42.45 -5.05
CA ILE A 122 -41.80 -42.96 -6.09
C ILE A 122 -41.66 -44.46 -6.26
N PHE A 123 -40.41 -44.94 -6.39
CA PHE A 123 -40.12 -46.36 -6.47
C PHE A 123 -38.71 -46.61 -5.93
N PRO A 124 -38.42 -46.21 -4.70
CA PRO A 124 -37.07 -46.45 -4.15
C PRO A 124 -36.91 -47.90 -3.72
N ALA A 125 -35.72 -48.43 -3.97
CA ALA A 125 -35.43 -49.84 -3.70
C ALA A 125 -34.27 -49.94 -2.70
N GLU A 126 -34.62 -49.84 -1.41
CA GLU A 126 -33.76 -50.20 -0.27
C GLU A 126 -32.43 -49.44 -0.26
N LEU A 127 -32.52 -48.12 -0.11
CA LEU A 127 -31.31 -47.30 -0.05
C LEU A 127 -30.88 -47.10 1.39
N ALA A 128 -31.70 -46.38 2.17
CA ALA A 128 -31.47 -46.11 3.58
C ALA A 128 -32.71 -45.52 4.23
N SER A 129 -33.18 -46.10 5.33
CA SER A 129 -34.06 -45.40 6.25
C SER A 129 -33.30 -44.93 7.49
N THR A 130 -32.77 -45.88 8.27
CA THR A 130 -31.71 -45.71 9.24
C THR A 130 -31.09 -47.08 9.52
N PRO A 131 -30.64 -47.80 8.49
CA PRO A 131 -30.16 -49.16 8.73
C PRO A 131 -28.69 -49.23 9.14
N LEU A 132 -27.88 -48.30 8.60
CA LEU A 132 -26.42 -48.26 8.77
C LEU A 132 -25.77 -49.61 8.48
N GLU A 133 -26.22 -50.26 7.41
CA GLU A 133 -25.81 -51.63 7.12
C GLU A 133 -25.67 -51.83 5.62
N ASP A 134 -24.99 -52.92 5.25
CA ASP A 134 -24.68 -53.23 3.86
C ASP A 134 -25.17 -54.61 3.47
N PHE A 135 -26.42 -54.94 3.80
CA PHE A 135 -26.95 -56.28 3.58
C PHE A 135 -27.72 -56.42 2.27
N ASP A 136 -28.57 -55.44 1.95
CA ASP A 136 -29.49 -55.55 0.82
C ASP A 136 -28.80 -55.50 -0.53
N PRO A 137 -28.26 -54.36 -0.93
CA PRO A 137 -27.73 -54.22 -2.30
C PRO A 137 -26.26 -54.56 -2.43
N PHE A 138 -25.73 -54.42 -3.65
CA PHE A 138 -24.31 -54.57 -3.91
C PHE A 138 -23.58 -53.23 -4.06
N TYR A 139 -24.29 -52.19 -4.51
CA TYR A 139 -23.69 -50.87 -4.64
C TYR A 139 -23.93 -49.98 -3.42
N LYS A 140 -24.95 -50.29 -2.61
CA LYS A 140 -25.20 -49.52 -1.39
C LYS A 140 -24.24 -49.85 -0.26
N ASN A 141 -23.41 -50.89 -0.42
CA ASN A 141 -22.36 -51.18 0.55
C ASN A 141 -21.29 -50.09 0.58
N LYS A 142 -21.11 -49.36 -0.52
CA LYS A 142 -20.18 -48.23 -0.52
C LYS A 142 -20.72 -47.08 0.31
N LYS A 143 -22.04 -46.87 0.30
CA LYS A 143 -22.68 -45.82 1.07
C LYS A 143 -23.32 -46.35 2.35
N THR A 144 -22.69 -47.33 2.98
CA THR A 144 -23.20 -47.95 4.21
C THR A 144 -22.34 -47.68 5.42
N PHE A 145 -21.01 -47.73 5.26
CA PHE A 145 -20.09 -47.44 6.35
C PHE A 145 -19.81 -45.95 6.51
N VAL A 146 -20.44 -45.09 5.70
CA VAL A 146 -20.19 -43.65 5.74
C VAL A 146 -21.31 -42.96 6.51
N VAL A 147 -22.00 -43.70 7.38
CA VAL A 147 -23.04 -43.11 8.20
C VAL A 147 -22.45 -42.23 9.29
N VAL A 148 -21.22 -42.49 9.72
CA VAL A 148 -20.53 -41.66 10.69
C VAL A 148 -19.57 -40.67 10.03
N THR A 149 -19.56 -40.61 8.70
CA THR A 149 -18.69 -39.69 7.96
C THR A 149 -19.45 -38.59 7.23
N LYS A 150 -20.68 -38.86 6.80
CA LYS A 150 -21.47 -37.82 6.14
C LYS A 150 -22.02 -36.80 7.13
N ALA A 151 -22.10 -37.15 8.40
CA ALA A 151 -22.62 -36.27 9.46
C ALA A 151 -21.50 -35.63 10.24
N GLY A 152 -20.42 -35.21 9.57
CA GLY A 152 -19.26 -34.66 10.24
C GLY A 152 -19.49 -33.34 10.93
N ASP A 153 -19.68 -32.25 10.18
CA ASP A 153 -20.05 -30.99 10.81
C ASP A 153 -21.56 -30.78 10.75
N ILE A 154 -22.10 -30.59 9.55
CA ILE A 154 -23.54 -30.69 9.35
C ILE A 154 -23.82 -31.59 8.15
N PHE A 155 -23.43 -31.12 6.95
CA PHE A 155 -23.61 -31.87 5.72
C PHE A 155 -22.45 -31.64 4.74
N ARG A 156 -21.25 -31.34 5.25
CA ARG A 156 -20.14 -30.89 4.42
C ARG A 156 -19.28 -32.02 3.89
N PHE A 157 -19.85 -33.21 3.69
CA PHE A 157 -19.09 -34.36 3.23
C PHE A 157 -19.52 -34.90 1.87
N SER A 158 -20.72 -34.59 1.40
CA SER A 158 -21.22 -35.18 0.17
C SER A 158 -22.13 -34.19 -0.55
N GLY A 159 -22.59 -34.59 -1.73
CA GLY A 159 -23.56 -33.83 -2.48
C GLY A 159 -24.68 -34.71 -2.97
N GLU A 160 -25.87 -34.12 -3.07
CA GLU A 160 -27.10 -34.86 -3.32
C GLU A 160 -27.78 -34.36 -4.59
N LYS A 161 -27.96 -35.25 -5.56
CA LYS A 161 -28.68 -34.92 -6.78
C LYS A 161 -30.19 -34.97 -6.53
N SER A 162 -30.94 -34.34 -7.44
CA SER A 162 -32.39 -34.29 -7.36
C SER A 162 -32.98 -35.17 -8.45
N LEU A 163 -33.40 -36.38 -8.06
CA LEU A 163 -33.91 -37.37 -9.01
C LEU A 163 -35.36 -37.05 -9.31
N TRP A 164 -35.58 -36.22 -10.35
CA TRP A 164 -36.93 -35.77 -10.66
C TRP A 164 -37.27 -35.69 -12.13
N MET A 165 -36.39 -36.12 -13.05
CA MET A 165 -36.73 -36.07 -14.47
C MET A 165 -36.80 -37.45 -15.11
N LEU A 166 -35.73 -38.24 -15.10
CA LEU A 166 -35.72 -39.52 -15.78
C LEU A 166 -34.91 -40.57 -15.02
N ASP A 167 -34.91 -40.52 -13.69
CA ASP A 167 -34.02 -41.29 -12.82
C ASP A 167 -34.20 -42.80 -12.92
N PRO A 168 -35.35 -43.32 -12.51
CA PRO A 168 -35.54 -44.77 -12.49
C PRO A 168 -35.96 -45.30 -13.86
N PHE A 169 -35.78 -46.62 -14.02
CA PHE A 169 -36.06 -47.37 -15.26
C PHE A 169 -35.31 -46.81 -16.47
N THR A 170 -34.10 -46.30 -16.24
CA THR A 170 -33.28 -45.73 -17.32
C THR A 170 -31.86 -46.19 -17.07
N PRO A 171 -31.34 -47.11 -17.90
CA PRO A 171 -29.99 -47.65 -17.66
C PRO A 171 -28.87 -46.69 -18.00
N ILE A 172 -29.13 -45.67 -18.81
CA ILE A 172 -28.07 -44.74 -19.20
C ILE A 172 -27.75 -43.79 -18.04
N ARG A 173 -28.78 -43.26 -17.39
CA ARG A 173 -28.59 -42.30 -16.31
C ARG A 173 -28.01 -42.96 -15.06
N ARG A 174 -28.21 -44.26 -14.87
CA ARG A 174 -27.57 -44.97 -13.76
C ARG A 174 -26.05 -45.01 -13.94
N VAL A 175 -25.58 -45.09 -15.19
CA VAL A 175 -24.14 -45.00 -15.45
C VAL A 175 -23.63 -43.58 -15.17
N ALA A 176 -24.48 -42.57 -15.37
CA ALA A 176 -24.04 -41.18 -15.22
C ALA A 176 -23.83 -40.80 -13.76
N ILE A 177 -24.64 -41.34 -12.85
CA ILE A 177 -24.36 -41.16 -11.43
C ILE A 177 -23.11 -41.92 -11.04
N SER A 178 -22.93 -43.14 -11.54
CA SER A 178 -21.73 -43.91 -11.26
C SER A 178 -20.52 -43.47 -12.08
N THR A 179 -20.61 -42.37 -12.81
CA THR A 179 -19.47 -41.73 -13.45
C THR A 179 -19.13 -40.40 -12.79
N MET A 180 -20.15 -39.57 -12.51
CA MET A 180 -19.93 -38.26 -11.91
C MET A 180 -19.42 -38.35 -10.48
N VAL A 181 -19.94 -39.31 -9.71
CA VAL A 181 -19.65 -39.38 -8.28
C VAL A 181 -18.24 -39.90 -8.02
N GLN A 182 -17.78 -40.84 -8.84
CA GLN A 182 -16.50 -41.51 -8.60
C GLN A 182 -15.34 -40.54 -8.76
N PRO A 183 -14.35 -40.57 -7.86
CA PRO A 183 -13.33 -39.52 -7.84
C PRO A 183 -12.34 -39.60 -8.98
N ILE A 184 -12.17 -40.76 -9.60
CA ILE A 184 -11.23 -40.90 -10.72
C ILE A 184 -11.69 -40.10 -11.94
N PHE A 185 -12.98 -39.83 -12.06
CA PHE A 185 -13.47 -38.93 -13.10
C PHE A 185 -13.17 -37.48 -12.78
N SER A 186 -13.06 -37.14 -11.50
CA SER A 186 -12.75 -35.76 -11.12
C SER A 186 -11.26 -35.49 -11.08
N TYR A 187 -10.45 -36.49 -10.74
CA TYR A 187 -9.01 -36.32 -10.81
C TYR A 187 -8.49 -36.41 -12.24
N PHE A 188 -9.30 -36.94 -13.16
CA PHE A 188 -8.90 -36.97 -14.56
C PHE A 188 -9.04 -35.62 -15.21
N ILE A 189 -9.99 -34.79 -14.75
CA ILE A 189 -10.16 -33.45 -15.30
C ILE A 189 -9.09 -32.51 -14.77
N MET A 190 -8.70 -32.67 -13.49
CA MET A 190 -7.64 -31.83 -12.92
C MET A 190 -6.28 -32.10 -13.55
N ILE A 191 -6.05 -33.30 -14.06
CA ILE A 191 -4.85 -33.52 -14.86
C ILE A 191 -5.02 -32.90 -16.24
N THR A 192 -6.23 -32.99 -16.79
CA THR A 192 -6.50 -32.50 -18.14
C THR A 192 -6.43 -30.98 -18.21
N ILE A 193 -6.87 -30.30 -17.14
CA ILE A 193 -6.75 -28.84 -17.09
C ILE A 193 -5.30 -28.43 -16.91
N LEU A 194 -4.56 -29.14 -16.04
CA LEU A 194 -3.18 -28.75 -15.75
C LEU A 194 -2.24 -29.03 -16.92
N ILE A 195 -2.53 -30.03 -17.76
CA ILE A 195 -1.74 -30.23 -18.96
C ILE A 195 -2.07 -29.14 -19.99
N HIS A 196 -3.34 -28.74 -20.04
CA HIS A 196 -3.79 -27.75 -21.01
C HIS A 196 -3.23 -26.36 -20.69
N CYS A 197 -2.89 -26.10 -19.43
CA CYS A 197 -2.26 -24.85 -19.05
C CYS A 197 -0.79 -24.77 -19.46
N ILE A 198 -0.15 -25.91 -19.69
CA ILE A 198 1.23 -25.91 -20.16
C ILE A 198 1.28 -25.49 -21.63
N PHE A 199 0.27 -25.90 -22.40
CA PHE A 199 0.23 -25.59 -23.83
C PHE A 199 -0.14 -24.14 -24.11
N MET A 200 -0.48 -23.38 -23.08
CA MET A 200 -0.70 -21.94 -23.18
C MET A 200 0.57 -21.14 -22.99
N ILE A 201 1.51 -21.61 -22.15
CA ILE A 201 2.72 -20.83 -21.89
C ILE A 201 3.76 -21.01 -22.98
N MET A 202 3.55 -21.90 -23.88
CA MET A 202 4.44 -22.12 -25.00
C MET A 202 3.84 -21.53 -26.27
N PRO A 203 4.68 -21.00 -27.17
CA PRO A 203 4.15 -20.44 -28.42
C PRO A 203 3.64 -21.54 -29.35
N ALA A 204 2.47 -21.29 -29.93
CA ALA A 204 1.69 -22.34 -30.56
C ALA A 204 2.27 -22.73 -31.92
N THR A 205 1.78 -23.86 -32.43
CA THR A 205 2.18 -24.38 -33.73
C THR A 205 0.99 -25.16 -34.30
N GLN A 206 1.25 -25.88 -35.40
CA GLN A 206 0.17 -26.62 -36.05
C GLN A 206 -0.21 -27.87 -35.26
N THR A 207 0.75 -28.48 -34.56
CA THR A 207 0.42 -29.61 -33.70
C THR A 207 -0.24 -29.17 -32.40
N THR A 208 -0.12 -27.89 -32.04
CA THR A 208 -0.88 -27.37 -30.90
C THR A 208 -2.36 -27.29 -31.21
N TYR A 209 -2.71 -27.05 -32.48
CA TYR A 209 -4.11 -26.90 -32.88
C TYR A 209 -4.87 -28.22 -32.78
N ILE A 210 -4.29 -29.30 -33.30
CA ILE A 210 -4.96 -30.59 -33.25
C ILE A 210 -4.93 -31.15 -31.83
N LEU A 211 -4.00 -30.69 -31.00
CA LEU A 211 -3.99 -31.06 -29.60
C LEU A 211 -4.93 -30.19 -28.78
N GLU A 212 -5.20 -28.97 -29.25
CA GLU A 212 -6.27 -28.15 -28.66
C GLU A 212 -7.63 -28.79 -28.87
N LEU A 213 -7.82 -29.45 -30.02
CA LEU A 213 -9.11 -30.00 -30.40
C LEU A 213 -9.47 -31.23 -29.58
N VAL A 214 -8.50 -31.96 -29.04
CA VAL A 214 -8.83 -33.12 -28.22
C VAL A 214 -9.19 -32.71 -26.78
N PHE A 215 -8.72 -31.54 -26.30
CA PHE A 215 -9.21 -31.05 -25.03
C PHE A 215 -10.64 -30.53 -25.14
N LEU A 216 -11.00 -29.98 -26.29
CA LEU A 216 -12.35 -29.45 -26.48
C LEU A 216 -13.39 -30.56 -26.57
N SER A 217 -13.00 -31.76 -26.98
CA SER A 217 -13.91 -32.89 -27.05
C SER A 217 -13.86 -33.76 -25.81
N ILE A 218 -12.97 -33.47 -24.86
CA ILE A 218 -12.93 -34.19 -23.60
C ILE A 218 -13.66 -33.41 -22.51
N TYR A 219 -13.89 -32.11 -22.72
CA TYR A 219 -14.69 -31.29 -21.83
C TYR A 219 -16.16 -31.31 -22.20
N THR A 220 -16.46 -31.61 -23.46
CA THR A 220 -17.84 -31.90 -23.86
C THR A 220 -18.34 -33.17 -23.18
N ILE A 221 -17.47 -34.17 -23.05
CA ILE A 221 -17.81 -35.42 -22.37
C ILE A 221 -18.10 -35.15 -20.89
N GLU A 222 -17.39 -34.21 -20.28
CA GLU A 222 -17.69 -33.83 -18.91
C GLU A 222 -19.05 -33.17 -18.79
N VAL A 223 -19.42 -32.31 -19.74
CA VAL A 223 -20.70 -31.61 -19.67
C VAL A 223 -21.84 -32.58 -19.99
N VAL A 224 -21.68 -33.42 -21.01
CA VAL A 224 -22.80 -34.25 -21.45
C VAL A 224 -23.08 -35.39 -20.47
N VAL A 225 -22.11 -35.75 -19.63
CA VAL A 225 -22.39 -36.71 -18.57
C VAL A 225 -23.04 -36.03 -17.39
N LYS A 226 -22.56 -34.84 -17.02
CA LYS A 226 -23.00 -34.16 -15.81
C LYS A 226 -24.35 -33.49 -15.95
N VAL A 227 -24.72 -33.07 -17.16
CA VAL A 227 -26.10 -32.59 -17.40
C VAL A 227 -27.06 -33.77 -17.37
N LEU A 228 -26.61 -34.93 -17.84
CA LEU A 228 -27.46 -36.11 -17.92
C LEU A 228 -27.78 -36.68 -16.54
N ALA A 229 -26.89 -36.49 -15.57
CA ALA A 229 -27.11 -36.98 -14.22
C ALA A 229 -27.76 -35.96 -13.30
N ARG A 230 -27.93 -34.72 -13.73
CA ARG A 230 -28.52 -33.70 -12.89
C ARG A 230 -29.67 -32.93 -13.52
N GLY A 231 -29.83 -32.97 -14.84
CA GLY A 231 -30.81 -32.15 -15.51
C GLY A 231 -30.29 -30.77 -15.82
N PHE A 232 -30.77 -30.15 -16.90
CA PHE A 232 -30.29 -28.85 -17.32
C PHE A 232 -30.66 -27.76 -16.31
N ILE A 233 -31.95 -27.43 -16.18
CA ILE A 233 -32.41 -26.47 -15.17
C ILE A 233 -33.71 -27.00 -14.56
N LEU A 234 -33.66 -27.36 -13.28
CA LEU A 234 -34.81 -27.60 -12.41
C LEU A 234 -34.79 -26.55 -11.30
N HIS A 235 -35.75 -26.64 -10.41
CA HIS A 235 -35.64 -25.86 -9.18
C HIS A 235 -34.75 -26.56 -8.14
N PRO A 236 -34.84 -27.92 -7.90
CA PRO A 236 -33.80 -28.54 -7.06
C PRO A 236 -32.62 -29.03 -7.87
N PHE A 237 -31.41 -28.57 -7.50
CA PHE A 237 -30.13 -29.17 -7.82
C PHE A 237 -29.85 -29.34 -9.32
N ALA A 238 -29.92 -28.25 -10.06
CA ALA A 238 -29.75 -28.26 -11.51
C ALA A 238 -28.27 -28.23 -11.86
N TYR A 239 -27.98 -28.40 -13.16
CA TYR A 239 -26.61 -28.20 -13.62
C TYR A 239 -26.26 -26.72 -13.63
N LEU A 240 -27.14 -25.87 -14.14
CA LEU A 240 -26.89 -24.43 -14.14
C LEU A 240 -27.40 -23.76 -12.87
N ARG A 241 -27.03 -24.32 -11.71
CA ARG A 241 -27.35 -23.71 -10.43
C ARG A 241 -26.10 -23.42 -9.60
N ASP A 242 -25.18 -24.36 -9.53
CA ASP A 242 -23.91 -24.12 -8.86
C ASP A 242 -22.99 -23.31 -9.76
N PRO A 243 -22.36 -22.25 -9.24
CA PRO A 243 -21.49 -21.45 -10.11
C PRO A 243 -20.06 -21.97 -10.24
N TRP A 244 -19.91 -23.29 -10.35
CA TRP A 244 -18.73 -23.91 -10.90
C TRP A 244 -19.05 -24.61 -12.20
N ASN A 245 -20.33 -24.82 -12.49
CA ASN A 245 -20.77 -25.37 -13.76
C ASN A 245 -21.12 -24.29 -14.77
N TRP A 246 -21.40 -23.07 -14.32
CA TRP A 246 -21.51 -21.95 -15.24
C TRP A 246 -20.20 -21.65 -15.93
N LEU A 247 -19.10 -21.68 -15.18
CA LEU A 247 -17.77 -21.51 -15.77
C LEU A 247 -17.37 -22.72 -16.61
N ASP A 248 -17.88 -23.91 -16.25
CA ASP A 248 -17.62 -25.09 -17.06
C ASP A 248 -18.37 -25.04 -18.38
N PHE A 249 -19.53 -24.37 -18.40
CA PHE A 249 -20.41 -24.36 -19.55
C PHE A 249 -20.14 -23.19 -20.50
N LEU A 250 -19.88 -22.01 -19.95
CA LEU A 250 -19.63 -20.84 -20.78
C LEU A 250 -18.29 -20.96 -21.51
N VAL A 251 -17.27 -21.50 -20.85
CA VAL A 251 -15.97 -21.64 -21.46
C VAL A 251 -15.99 -22.75 -22.51
N THR A 252 -16.84 -23.75 -22.34
CA THR A 252 -16.97 -24.79 -23.36
C THR A 252 -17.72 -24.27 -24.58
N LEU A 253 -18.74 -23.42 -24.37
CA LEU A 253 -19.48 -22.86 -25.49
C LEU A 253 -18.66 -21.84 -26.28
N ILE A 254 -17.74 -21.14 -25.63
CA ILE A 254 -16.82 -20.27 -26.36
C ILE A 254 -15.85 -21.09 -27.20
N GLY A 255 -15.45 -22.26 -26.71
CA GLY A 255 -14.60 -23.16 -27.49
C GLY A 255 -15.29 -23.82 -28.68
N TYR A 256 -16.60 -23.67 -28.82
CA TYR A 256 -17.29 -24.03 -30.06
C TYR A 256 -17.28 -22.87 -31.05
N ILE A 257 -17.51 -21.66 -30.55
CA ILE A 257 -17.64 -20.50 -31.42
C ILE A 257 -16.28 -20.10 -31.99
N THR A 258 -15.23 -20.13 -31.18
CA THR A 258 -13.89 -19.80 -31.65
C THR A 258 -13.24 -20.93 -32.44
N LEU A 259 -13.96 -22.02 -32.74
CA LEU A 259 -13.40 -23.13 -33.50
C LEU A 259 -14.23 -23.56 -34.70
N VAL A 260 -15.34 -22.89 -35.02
CA VAL A 260 -16.05 -23.15 -36.26
C VAL A 260 -16.17 -21.91 -37.15
N VAL A 261 -16.18 -20.73 -36.53
CA VAL A 261 -16.30 -19.49 -37.28
C VAL A 261 -15.48 -18.37 -36.62
N ASP A 262 -15.67 -17.15 -37.10
CA ASP A 262 -14.95 -16.00 -36.56
C ASP A 262 -13.47 -16.31 -36.36
N LEU A 263 -12.72 -16.35 -37.46
CA LEU A 263 -11.30 -16.63 -37.40
C LEU A 263 -10.47 -15.35 -37.50
N GLY A 264 -11.14 -14.24 -37.79
CA GLY A 264 -10.48 -12.95 -37.91
C GLY A 264 -11.04 -11.92 -36.95
N HIS A 265 -12.35 -12.00 -36.70
CA HIS A 265 -13.01 -11.07 -35.81
C HIS A 265 -13.37 -11.80 -34.52
N LEU A 266 -13.42 -11.04 -33.42
CA LEU A 266 -13.43 -11.54 -32.05
C LEU A 266 -12.27 -12.50 -31.78
N TYR A 267 -11.04 -11.98 -31.83
CA TYR A 267 -9.90 -12.68 -31.25
C TYR A 267 -9.96 -12.68 -29.73
N ALA A 268 -10.75 -11.78 -29.15
CA ALA A 268 -10.73 -11.56 -27.71
C ALA A 268 -11.36 -12.71 -26.95
N LEU A 269 -12.43 -13.31 -27.51
CA LEU A 269 -13.14 -14.35 -26.78
C LEU A 269 -12.36 -15.65 -26.71
N ARG A 270 -11.43 -15.86 -27.63
CA ARG A 270 -10.53 -17.02 -27.57
C ARG A 270 -9.64 -17.00 -26.33
N ALA A 271 -9.34 -15.83 -25.78
CA ALA A 271 -8.44 -15.71 -24.65
C ALA A 271 -9.10 -16.00 -23.31
N PHE A 272 -10.42 -16.16 -23.26
CA PHE A 272 -11.11 -16.39 -21.99
C PHE A 272 -11.39 -17.87 -21.75
N ARG A 273 -10.71 -18.75 -22.47
CA ARG A 273 -10.72 -20.17 -22.16
C ARG A 273 -9.73 -20.53 -21.07
N VAL A 274 -9.02 -19.54 -20.52
CA VAL A 274 -8.08 -19.73 -19.43
C VAL A 274 -8.78 -19.66 -18.09
N LEU A 275 -9.99 -19.11 -18.05
CA LEU A 275 -10.78 -19.00 -16.81
C LEU A 275 -11.19 -20.36 -16.27
N ARG A 276 -11.15 -21.41 -17.10
CA ARG A 276 -11.35 -22.78 -16.64
C ARG A 276 -10.29 -23.20 -15.65
N SER A 277 -9.09 -22.63 -15.74
CA SER A 277 -8.03 -22.92 -14.78
C SER A 277 -8.25 -22.28 -13.41
N TRP A 278 -9.37 -21.60 -13.16
CA TRP A 278 -9.71 -21.23 -11.80
C TRP A 278 -10.23 -22.42 -11.01
N ARG A 279 -10.64 -23.48 -11.69
CA ARG A 279 -11.18 -24.67 -11.04
C ARG A 279 -10.12 -25.44 -10.25
N THR A 280 -8.85 -25.27 -10.57
CA THR A 280 -7.80 -25.98 -9.85
C THR A 280 -7.41 -25.32 -8.52
N VAL A 281 -8.20 -24.36 -8.03
CA VAL A 281 -8.03 -23.88 -6.66
C VAL A 281 -8.35 -25.00 -5.67
N THR A 282 -9.32 -25.84 -6.00
CA THR A 282 -9.89 -26.83 -5.10
C THR A 282 -9.02 -28.06 -4.93
N ILE A 283 -7.74 -27.99 -5.27
CA ILE A 283 -6.82 -29.11 -5.13
C ILE A 283 -5.79 -28.86 -4.04
N VAL A 284 -5.72 -27.65 -3.50
CA VAL A 284 -4.81 -27.31 -2.42
C VAL A 284 -5.61 -27.30 -1.12
N PRO A 285 -5.19 -28.06 -0.10
CA PRO A 285 -6.07 -28.26 1.07
C PRO A 285 -6.21 -27.01 1.92
N GLY A 286 -7.46 -26.66 2.22
CA GLY A 286 -7.77 -25.44 2.94
C GLY A 286 -8.26 -24.30 2.07
N TRP A 287 -8.77 -24.58 0.88
CA TRP A 287 -9.07 -23.51 -0.07
C TRP A 287 -10.36 -22.78 0.27
N ARG A 288 -11.32 -23.45 0.91
CA ARG A 288 -12.62 -22.86 1.16
C ARG A 288 -12.59 -21.75 2.20
N THR A 289 -11.50 -21.62 2.96
CA THR A 289 -11.37 -20.46 3.83
C THR A 289 -11.01 -19.22 3.03
N ILE A 290 -10.13 -19.36 2.05
CA ILE A 290 -9.61 -18.21 1.31
C ILE A 290 -10.53 -17.81 0.15
N VAL A 291 -11.19 -18.76 -0.50
CA VAL A 291 -12.10 -18.41 -1.58
C VAL A 291 -13.38 -17.78 -1.03
N ASP A 292 -13.87 -18.27 0.11
CA ASP A 292 -15.05 -17.65 0.70
C ASP A 292 -14.74 -16.29 1.33
N ALA A 293 -13.50 -16.07 1.77
CA ALA A 293 -13.11 -14.73 2.18
C ALA A 293 -12.92 -13.82 0.99
N LEU A 294 -12.59 -14.39 -0.17
CA LEU A 294 -12.45 -13.61 -1.38
C LEU A 294 -13.81 -13.21 -1.93
N SER A 295 -14.79 -14.11 -1.86
CA SER A 295 -16.15 -13.79 -2.28
C SER A 295 -16.79 -12.78 -1.34
N LEU A 296 -16.54 -12.92 -0.04
CA LEU A 296 -17.15 -12.02 0.94
C LEU A 296 -16.53 -10.63 0.87
N SER A 297 -15.26 -10.53 0.46
CA SER A 297 -14.64 -9.21 0.35
C SER A 297 -15.22 -8.42 -0.80
N ILE A 298 -15.53 -9.07 -1.93
CA ILE A 298 -16.04 -8.35 -3.09
C ILE A 298 -17.46 -7.86 -2.85
N THR A 299 -18.32 -8.70 -2.27
CA THR A 299 -19.69 -8.30 -2.03
C THR A 299 -19.84 -7.33 -0.86
N SER A 300 -18.85 -7.22 0.01
CA SER A 300 -18.89 -6.24 1.08
C SER A 300 -18.26 -4.91 0.71
N LEU A 301 -17.69 -4.79 -0.49
CA LEU A 301 -17.16 -3.53 -0.98
C LEU A 301 -18.14 -2.76 -1.85
N LYS A 302 -19.41 -3.20 -1.90
CA LYS A 302 -20.39 -2.51 -2.74
C LYS A 302 -20.70 -1.12 -2.20
N ASP A 303 -20.74 -0.97 -0.87
CA ASP A 303 -21.01 0.32 -0.26
C ASP A 303 -19.83 1.28 -0.35
N LEU A 304 -18.62 0.76 -0.56
CA LEU A 304 -17.42 1.56 -0.63
C LEU A 304 -17.02 1.93 -2.05
N VAL A 305 -17.36 1.09 -3.04
CA VAL A 305 -17.11 1.43 -4.44
C VAL A 305 -18.00 2.60 -4.87
N LEU A 306 -19.23 2.66 -4.37
CA LEU A 306 -20.10 3.80 -4.70
C LEU A 306 -19.66 5.08 -3.99
N LEU A 307 -19.08 4.96 -2.80
CA LEU A 307 -18.57 6.14 -2.11
C LEU A 307 -17.25 6.60 -2.69
N LEU A 308 -16.44 5.67 -3.21
CA LEU A 308 -15.18 6.05 -3.84
C LEU A 308 -15.41 6.66 -5.21
N LEU A 309 -16.41 6.17 -5.96
CA LEU A 309 -16.71 6.75 -7.26
C LEU A 309 -17.34 8.14 -7.13
N PHE A 310 -18.03 8.40 -6.02
CA PHE A 310 -18.53 9.73 -5.76
C PHE A 310 -17.39 10.70 -5.45
N SER A 311 -16.38 10.24 -4.72
CA SER A 311 -15.29 11.12 -4.32
C SER A 311 -14.30 11.35 -5.46
N LEU A 312 -14.16 10.38 -6.37
CA LEU A 312 -13.40 10.60 -7.58
C LEU A 312 -14.12 11.57 -8.51
N PHE A 313 -15.45 11.59 -8.47
CA PHE A 313 -16.21 12.54 -9.29
C PHE A 313 -15.98 13.97 -8.84
N VAL A 314 -15.89 14.19 -7.53
CA VAL A 314 -15.74 15.55 -7.01
C VAL A 314 -14.32 16.04 -7.23
N PHE A 315 -13.33 15.17 -7.07
CA PHE A 315 -11.94 15.56 -7.26
C PHE A 315 -11.59 15.73 -8.74
N ALA A 316 -12.29 15.03 -9.63
CA ALA A 316 -12.02 15.19 -11.05
C ALA A 316 -12.62 16.49 -11.58
N VAL A 317 -13.80 16.86 -11.11
CA VAL A 317 -14.37 18.15 -11.48
C VAL A 317 -13.57 19.27 -10.86
N LEU A 318 -13.04 19.05 -9.65
CA LEU A 318 -12.17 20.04 -9.03
C LEU A 318 -10.86 20.17 -9.79
N GLY A 319 -10.31 19.06 -10.28
CA GLY A 319 -9.09 19.14 -11.07
C GLY A 319 -9.32 19.64 -12.48
N LEU A 320 -10.52 19.45 -13.01
CA LEU A 320 -10.85 19.93 -14.35
C LEU A 320 -10.93 21.45 -14.38
N GLN A 321 -11.50 22.08 -13.34
CA GLN A 321 -11.75 23.50 -13.40
C GLN A 321 -10.51 24.34 -13.14
N ILE A 322 -9.47 23.77 -12.52
CA ILE A 322 -8.28 24.54 -12.18
C ILE A 322 -7.05 24.10 -12.95
N TYR A 323 -7.13 23.05 -13.77
CA TYR A 323 -5.95 22.57 -14.47
C TYR A 323 -6.13 22.29 -15.95
N MET A 324 -7.22 22.73 -16.57
CA MET A 324 -7.36 22.46 -18.01
C MET A 324 -6.47 23.40 -18.81
N GLY A 325 -5.73 22.83 -19.77
CA GLY A 325 -4.83 23.57 -20.60
C GLY A 325 -3.45 23.81 -20.02
N VAL A 326 -3.25 23.52 -18.74
CA VAL A 326 -2.04 23.96 -18.04
C VAL A 326 -0.88 23.02 -18.32
N LEU A 327 -1.15 21.75 -18.62
CA LEU A 327 -0.09 20.84 -19.00
C LEU A 327 0.30 20.97 -20.48
N THR A 328 -0.24 21.96 -21.21
CA THR A 328 0.23 22.31 -22.54
C THR A 328 1.08 23.58 -22.52
N GLN A 329 1.57 23.99 -21.36
CA GLN A 329 2.35 25.22 -21.26
C GLN A 329 3.80 24.94 -21.60
N LYS A 330 4.34 25.63 -22.61
CA LYS A 330 5.69 25.43 -23.09
C LYS A 330 6.37 26.77 -23.24
N CYS A 331 7.70 26.79 -23.12
CA CYS A 331 8.48 27.97 -23.45
C CYS A 331 8.56 28.11 -24.97
N VAL A 332 8.04 29.20 -25.50
CA VAL A 332 8.00 29.41 -26.94
C VAL A 332 8.79 30.66 -27.27
N LYS A 333 9.54 30.61 -28.38
CA LYS A 333 10.43 31.69 -28.77
C LYS A 333 9.65 32.92 -29.21
N HIS A 334 10.21 34.10 -28.93
CA HIS A 334 9.61 35.36 -29.33
C HIS A 334 9.59 35.49 -30.85
N PHE A 335 8.63 36.24 -31.34
CA PHE A 335 8.55 36.51 -32.77
C PHE A 335 9.72 37.39 -33.17
N PRO A 336 10.51 37.01 -34.19
CA PRO A 336 11.77 37.72 -34.47
C PRO A 336 11.53 39.12 -35.02
N ALA A 337 11.99 40.12 -34.28
CA ALA A 337 11.67 41.50 -34.61
C ALA A 337 12.43 41.95 -35.85
N ASP A 338 13.76 41.91 -35.80
CA ASP A 338 14.59 42.25 -36.95
C ASP A 338 14.91 40.94 -37.68
N GLY A 339 14.15 40.66 -38.72
CA GLY A 339 14.47 39.49 -39.50
C GLY A 339 13.26 39.00 -40.28
N SER A 340 13.27 37.69 -40.50
CA SER A 340 12.31 37.02 -41.38
C SER A 340 10.98 36.72 -40.68
N TRP A 341 10.19 35.83 -41.30
CA TRP A 341 8.78 35.56 -40.96
C TRP A 341 7.93 36.82 -41.10
N GLY A 342 8.23 37.63 -42.10
CA GLY A 342 7.48 38.85 -42.32
C GLY A 342 7.86 39.93 -41.34
N ASN A 343 7.02 40.96 -41.27
CA ASN A 343 7.21 42.03 -40.30
C ASN A 343 6.42 41.79 -39.02
N PHE A 344 5.09 41.74 -39.10
CA PHE A 344 4.18 41.25 -38.08
C PHE A 344 2.81 41.12 -38.70
N THR A 345 2.13 40.01 -38.39
CA THR A 345 0.73 39.79 -38.73
C THR A 345 0.23 38.78 -37.70
N ASP A 346 -1.05 38.89 -37.32
CA ASP A 346 -1.65 37.93 -36.42
C ASP A 346 -1.74 36.54 -37.02
N GLU A 347 -1.67 36.42 -38.35
CA GLU A 347 -1.55 35.12 -38.99
C GLU A 347 -0.11 34.64 -39.05
N ARG A 348 0.85 35.55 -39.20
CA ARG A 348 2.26 35.16 -39.21
C ARG A 348 2.80 34.91 -37.81
N TRP A 349 2.22 35.56 -36.80
CA TRP A 349 2.60 35.27 -35.41
C TRP A 349 2.17 33.86 -35.03
N PHE A 350 0.98 33.45 -35.48
CA PHE A 350 0.47 32.12 -35.16
C PHE A 350 1.22 31.04 -35.93
N ASN A 351 1.67 31.38 -37.14
CA ASN A 351 2.41 30.43 -37.96
C ASN A 351 3.78 30.16 -37.34
N TYR A 352 4.39 31.21 -36.78
CA TYR A 352 5.69 31.09 -36.14
C TYR A 352 5.60 30.32 -34.84
N THR A 353 4.55 30.57 -34.07
CA THR A 353 4.43 30.03 -32.71
C THR A 353 4.04 28.56 -32.71
N SER A 354 3.28 28.11 -33.70
CA SER A 354 2.87 26.71 -33.76
C SER A 354 3.97 25.78 -34.24
N ASN A 355 5.08 26.34 -34.70
CA ASN A 355 6.20 25.52 -35.19
C ASN A 355 6.91 24.85 -34.03
N SER A 356 7.03 23.53 -34.08
CA SER A 356 7.70 22.78 -33.02
C SER A 356 9.19 23.07 -32.92
N SER A 357 9.80 23.63 -33.98
CA SER A 357 11.21 23.97 -33.94
C SER A 357 11.49 25.20 -33.09
N HIS A 358 10.45 25.95 -32.70
CA HIS A 358 10.59 27.22 -32.00
C HIS A 358 10.19 27.09 -30.54
N TRP A 359 10.16 25.86 -30.02
CA TRP A 359 9.80 25.57 -28.64
C TRP A 359 11.05 25.03 -27.97
N TYR A 360 11.22 25.34 -26.68
CA TYR A 360 12.48 25.06 -26.02
C TYR A 360 12.58 23.62 -25.55
N ILE A 361 13.58 22.90 -26.03
CA ILE A 361 13.93 21.57 -25.52
C ILE A 361 15.43 21.59 -25.28
N PRO A 362 15.94 20.94 -24.25
CA PRO A 362 17.38 20.64 -24.20
C PRO A 362 17.73 19.53 -25.19
N ASP A 363 19.03 19.25 -25.32
CA ASP A 363 19.50 18.24 -26.27
C ASP A 363 19.38 16.82 -25.70
N ASP A 364 18.19 16.49 -25.22
CA ASP A 364 17.79 15.27 -24.55
C ASP A 364 16.28 15.40 -24.48
N TRP A 365 15.61 14.64 -23.62
CA TRP A 365 14.27 14.96 -23.14
C TRP A 365 13.20 14.94 -24.23
N ILE A 366 12.76 13.74 -24.61
CA ILE A 366 11.64 13.47 -25.52
C ILE A 366 10.44 14.38 -25.24
N GLU A 367 10.06 14.53 -23.98
CA GLU A 367 9.01 15.48 -23.61
C GLU A 367 9.58 16.88 -23.43
N TYR A 368 8.69 17.89 -23.56
CA TYR A 368 9.20 19.25 -23.47
C TYR A 368 8.98 19.79 -22.06
N PRO A 369 9.87 20.63 -21.54
CA PRO A 369 9.70 21.12 -20.17
C PRO A 369 8.56 22.11 -20.05
N LEU A 370 7.88 22.08 -18.90
CA LEU A 370 6.78 22.98 -18.65
C LEU A 370 7.25 24.21 -17.88
N CYS A 371 6.58 25.33 -18.13
CA CYS A 371 6.89 26.61 -17.54
C CYS A 371 5.63 27.16 -16.89
N GLY A 372 5.77 28.29 -16.21
CA GLY A 372 4.61 28.94 -15.62
C GLY A 372 4.91 30.40 -15.37
N ASN A 373 3.85 31.17 -15.15
CA ASN A 373 4.01 32.58 -14.83
C ASN A 373 3.86 32.89 -13.34
N SER A 374 3.67 31.88 -12.50
CA SER A 374 3.56 32.11 -11.07
C SER A 374 4.93 32.29 -10.45
N SER A 375 4.95 32.57 -9.15
CA SER A 375 6.17 33.00 -8.48
C SER A 375 7.14 31.86 -8.20
N GLY A 376 6.69 30.62 -8.23
CA GLY A 376 7.63 29.52 -8.03
C GLY A 376 7.50 28.41 -9.05
N ALA A 377 7.04 28.75 -10.25
CA ALA A 377 6.80 27.76 -11.28
C ALA A 377 8.06 27.59 -12.15
N GLY A 378 7.93 26.86 -13.25
CA GLY A 378 9.05 26.70 -14.15
C GLY A 378 9.36 28.00 -14.88
N MET A 379 10.64 28.30 -15.02
CA MET A 379 11.09 29.56 -15.58
C MET A 379 11.63 29.31 -16.98
N CYS A 380 11.41 30.27 -17.87
CA CYS A 380 11.93 30.14 -19.23
C CYS A 380 13.30 30.78 -19.36
N PRO A 381 14.12 30.27 -20.28
CA PRO A 381 15.34 30.96 -20.69
C PRO A 381 15.02 32.31 -21.33
N PRO A 382 15.96 33.28 -21.33
CA PRO A 382 15.57 34.68 -21.57
C PRO A 382 15.12 35.08 -22.97
N GLY A 383 14.94 34.14 -23.89
CA GLY A 383 14.39 34.49 -25.19
C GLY A 383 13.02 33.89 -25.44
N TYR A 384 12.31 33.54 -24.37
CA TYR A 384 11.12 32.70 -24.42
C TYR A 384 9.99 33.37 -23.64
N THR A 385 8.75 32.90 -23.85
CA THR A 385 7.63 33.64 -23.29
C THR A 385 6.50 32.82 -22.65
N CYS A 386 6.59 31.49 -22.60
CA CYS A 386 5.74 30.63 -21.76
C CYS A 386 4.25 30.75 -22.10
N LEU A 387 3.89 30.24 -23.28
CA LEU A 387 2.53 30.32 -23.76
C LEU A 387 1.76 29.03 -23.45
N GLN A 388 0.44 29.13 -23.50
CA GLN A 388 -0.46 28.02 -23.23
C GLN A 388 -1.24 27.66 -24.47
N GLY A 389 -1.34 26.37 -24.76
CA GLY A 389 -2.17 25.85 -25.82
C GLY A 389 -1.46 25.35 -27.05
N TYR A 390 -0.19 24.94 -26.94
CA TYR A 390 0.63 24.61 -28.10
C TYR A 390 1.21 23.21 -27.96
N GLY A 391 0.65 22.28 -28.71
CA GLY A 391 1.31 21.02 -29.01
C GLY A 391 1.33 19.89 -28.00
N GLY A 392 0.17 19.41 -27.57
CA GLY A 392 0.12 18.12 -26.90
C GLY A 392 0.46 18.06 -25.42
N ASN A 393 -0.23 17.17 -24.72
CA ASN A 393 -0.11 16.92 -23.30
C ASN A 393 1.03 15.94 -23.02
N PRO A 394 1.57 15.92 -21.79
CA PRO A 394 2.62 14.94 -21.48
C PRO A 394 2.11 13.51 -21.44
N ASN A 395 3.06 12.59 -21.59
CA ASN A 395 2.85 11.13 -21.60
C ASN A 395 1.91 10.71 -22.72
N TYR A 396 2.29 11.11 -23.94
CA TYR A 396 1.62 10.86 -25.23
C TYR A 396 0.25 11.52 -25.33
N GLY A 397 -0.08 12.43 -24.44
CA GLY A 397 -1.39 13.03 -24.40
C GLY A 397 -2.33 12.40 -23.41
N TYR A 398 -1.86 11.49 -22.59
CA TYR A 398 -2.70 10.71 -21.69
C TYR A 398 -2.78 11.30 -20.30
N THR A 399 -1.93 12.27 -20.00
CA THR A 399 -1.87 12.91 -18.68
C THR A 399 -2.36 14.35 -18.86
N SER A 400 -3.63 14.59 -18.53
CA SER A 400 -4.18 15.92 -18.68
C SER A 400 -5.36 16.10 -17.75
N PHE A 401 -5.87 17.33 -17.72
CA PHE A 401 -7.14 17.69 -17.12
C PHE A 401 -7.99 18.42 -18.14
N ASP A 402 -7.84 18.06 -19.42
CA ASP A 402 -8.49 18.83 -20.48
C ASP A 402 -9.94 18.41 -20.68
N THR A 403 -10.27 17.17 -20.38
CA THR A 403 -11.62 16.66 -20.47
C THR A 403 -11.90 15.92 -19.17
N PHE A 404 -13.18 15.64 -18.90
CA PHE A 404 -13.56 14.96 -17.66
C PHE A 404 -13.01 13.55 -17.57
N GLY A 405 -12.92 12.85 -18.70
CA GLY A 405 -12.44 11.48 -18.68
C GLY A 405 -10.97 11.37 -18.37
N TRP A 406 -10.17 12.30 -18.90
CA TRP A 406 -8.76 12.29 -18.57
C TRP A 406 -8.48 12.83 -17.18
N ALA A 407 -9.31 13.77 -16.70
CA ALA A 407 -9.21 14.19 -15.31
C ALA A 407 -9.61 13.08 -14.37
N PHE A 408 -10.54 12.22 -14.78
CA PHE A 408 -10.92 11.08 -13.96
C PHE A 408 -9.79 10.06 -13.88
N LEU A 409 -9.01 9.92 -14.95
CA LEU A 409 -7.87 9.01 -14.93
C LEU A 409 -6.70 9.60 -14.17
N SER A 410 -6.53 10.92 -14.19
CA SER A 410 -5.44 11.54 -13.44
C SER A 410 -5.72 11.55 -11.94
N VAL A 411 -6.98 11.70 -11.55
CA VAL A 411 -7.35 11.69 -10.15
C VAL A 411 -7.32 10.26 -9.58
N PHE A 412 -7.74 9.27 -10.39
CA PHE A 412 -7.65 7.89 -9.94
C PHE A 412 -6.21 7.42 -9.82
N ARG A 413 -5.33 7.90 -10.70
CA ARG A 413 -3.90 7.62 -10.61
C ARG A 413 -3.30 8.16 -9.33
N LEU A 414 -3.87 9.21 -8.75
CA LEU A 414 -3.32 9.91 -7.60
C LEU A 414 -3.73 9.25 -6.29
N VAL A 415 -4.99 8.81 -6.17
CA VAL A 415 -5.44 8.07 -5.00
C VAL A 415 -4.77 6.71 -4.93
N THR A 416 -4.65 6.06 -6.09
CA THR A 416 -4.02 4.74 -6.17
C THR A 416 -2.51 4.84 -6.00
N LEU A 417 -2.01 6.06 -5.92
CA LEU A 417 -0.58 6.30 -5.75
C LEU A 417 0.24 5.42 -6.71
N ASP A 418 0.32 5.84 -7.96
CA ASP A 418 1.07 5.10 -8.97
C ASP A 418 1.87 6.04 -9.88
N TYR A 419 3.05 6.43 -9.42
CA TYR A 419 3.91 7.32 -10.19
C TYR A 419 3.37 8.75 -10.12
N TRP A 420 2.83 9.09 -8.96
CA TRP A 420 2.09 10.33 -8.77
C TRP A 420 3.02 11.51 -8.65
N GLU A 421 4.27 11.27 -8.26
CA GLU A 421 5.27 12.33 -8.18
C GLU A 421 5.66 12.86 -9.55
N ASP A 422 5.40 12.11 -10.62
CA ASP A 422 5.52 12.69 -11.94
C ASP A 422 4.33 13.60 -12.26
N LEU A 423 3.11 13.21 -11.85
CA LEU A 423 1.99 14.13 -11.98
C LEU A 423 2.11 15.31 -11.02
N TYR A 424 2.69 15.06 -9.84
CA TYR A 424 2.92 16.09 -8.84
C TYR A 424 3.93 17.14 -9.31
N GLN A 425 5.03 16.69 -9.89
CA GLN A 425 6.05 17.64 -10.33
C GLN A 425 5.67 18.33 -11.63
N LEU A 426 4.88 17.68 -12.47
CA LEU A 426 4.40 18.35 -13.67
C LEU A 426 3.39 19.45 -13.33
N ALA A 427 2.61 19.26 -12.27
CA ALA A 427 1.57 20.22 -11.94
C ALA A 427 2.09 21.45 -11.21
N LEU A 428 3.11 21.32 -10.38
CA LEU A 428 3.65 22.46 -9.66
C LEU A 428 4.69 23.23 -10.46
N ARG A 429 5.16 22.68 -11.57
CA ARG A 429 6.08 23.37 -12.45
C ARG A 429 5.35 24.32 -13.37
N SER A 430 4.08 24.05 -13.65
CA SER A 430 3.29 24.86 -14.57
C SER A 430 2.23 25.70 -13.88
N ALA A 431 1.74 25.30 -12.70
CA ALA A 431 0.76 26.10 -11.99
C ALA A 431 1.32 26.82 -10.77
N GLY A 432 2.47 26.40 -10.25
CA GLY A 432 3.06 27.03 -9.09
C GLY A 432 2.97 26.16 -7.86
N PRO A 433 3.76 26.48 -6.83
CA PRO A 433 3.87 25.58 -5.67
C PRO A 433 2.73 25.66 -4.67
N TRP A 434 1.87 26.67 -4.72
CA TRP A 434 0.74 26.71 -3.80
C TRP A 434 -0.32 25.66 -4.10
N HIS A 435 -0.26 25.04 -5.27
CA HIS A 435 -1.10 23.92 -5.65
C HIS A 435 -0.67 22.60 -5.03
N ILE A 436 0.25 22.61 -4.07
CA ILE A 436 0.48 21.46 -3.20
C ILE A 436 -0.76 21.17 -2.36
N LEU A 437 -1.60 22.19 -2.11
CA LEU A 437 -2.82 22.02 -1.33
C LEU A 437 -3.83 21.11 -2.02
N PHE A 438 -3.87 21.13 -3.35
CA PHE A 438 -4.71 20.17 -4.07
C PHE A 438 -4.24 18.74 -3.86
N PHE A 439 -2.92 18.53 -3.83
CA PHE A 439 -2.38 17.19 -3.71
C PHE A 439 -2.48 16.66 -2.28
N ILE A 440 -2.46 17.55 -1.28
CA ILE A 440 -2.63 17.12 0.11
C ILE A 440 -4.05 16.61 0.34
N ILE A 441 -5.04 17.28 -0.25
CA ILE A 441 -6.44 16.93 -0.01
C ILE A 441 -6.79 15.61 -0.67
N VAL A 442 -6.29 15.37 -1.88
CA VAL A 442 -6.60 14.12 -2.58
C VAL A 442 -5.83 12.95 -1.97
N VAL A 443 -4.63 13.19 -1.43
CA VAL A 443 -3.90 12.11 -0.77
C VAL A 443 -4.52 11.76 0.58
N PHE A 444 -4.95 12.78 1.34
CA PHE A 444 -5.50 12.53 2.67
C PHE A 444 -6.82 11.76 2.59
N TYR A 445 -7.77 12.26 1.81
CA TYR A 445 -9.05 11.58 1.74
C TYR A 445 -9.02 10.38 0.79
N GLY A 446 -8.12 10.38 -0.19
CA GLY A 446 -8.05 9.27 -1.12
C GLY A 446 -7.31 8.04 -0.64
N THR A 447 -5.99 8.13 -0.44
CA THR A 447 -5.21 6.94 -0.10
C THR A 447 -5.05 6.73 1.39
N PHE A 448 -5.15 7.78 2.20
CA PHE A 448 -5.00 7.59 3.63
C PHE A 448 -6.31 7.30 4.31
N CYS A 449 -7.45 7.49 3.64
CA CYS A 449 -8.74 7.11 4.19
C CYS A 449 -9.41 6.00 3.37
N PHE A 450 -9.65 6.21 2.08
CA PHE A 450 -10.51 5.30 1.34
C PHE A 450 -9.80 4.01 0.92
N LEU A 451 -8.50 4.06 0.66
CA LEU A 451 -7.78 2.80 0.46
C LEU A 451 -7.54 2.07 1.76
N ASN A 452 -7.67 2.75 2.90
CA ASN A 452 -7.64 2.09 4.18
C ASN A 452 -9.01 1.60 4.63
N PHE A 453 -10.10 2.07 4.03
CA PHE A 453 -11.36 1.38 4.24
C PHE A 453 -11.41 0.09 3.44
N ILE A 454 -10.66 0.01 2.33
CA ILE A 454 -10.61 -1.21 1.55
C ILE A 454 -9.90 -2.32 2.32
N LEU A 455 -8.80 -1.97 2.99
CA LEU A 455 -8.09 -2.92 3.84
C LEU A 455 -8.95 -3.42 5.00
N ALA A 456 -9.75 -2.53 5.60
CA ALA A 456 -10.54 -2.90 6.77
C ALA A 456 -11.64 -3.88 6.42
N VAL A 457 -12.26 -3.74 5.24
CA VAL A 457 -13.30 -4.66 4.80
C VAL A 457 -12.71 -6.03 4.50
N VAL A 458 -11.55 -6.06 3.87
CA VAL A 458 -10.86 -7.31 3.57
C VAL A 458 -10.40 -8.01 4.85
N VAL A 459 -10.01 -7.25 5.86
CA VAL A 459 -9.62 -7.84 7.15
C VAL A 459 -10.82 -8.43 7.87
N MET A 460 -11.96 -7.73 7.87
CA MET A 460 -13.17 -8.26 8.50
C MET A 460 -13.70 -9.49 7.78
N SER A 461 -13.57 -9.54 6.46
CA SER A 461 -14.06 -10.69 5.71
C SER A 461 -13.23 -11.93 5.99
N TYR A 462 -11.91 -11.79 6.07
CA TYR A 462 -11.04 -12.93 6.33
C TYR A 462 -11.14 -13.39 7.78
N THR A 463 -11.30 -12.46 8.72
CA THR A 463 -11.38 -12.81 10.13
C THR A 463 -12.68 -13.56 10.43
N HIS A 464 -13.76 -13.19 9.75
CA HIS A 464 -15.04 -13.87 9.93
C HIS A 464 -15.01 -15.29 9.36
N MET A 465 -14.20 -15.53 8.33
CA MET A 465 -14.06 -16.88 7.78
C MET A 465 -13.15 -17.75 8.63
N VAL A 466 -12.21 -17.16 9.35
CA VAL A 466 -11.33 -17.92 10.22
C VAL A 466 -12.07 -18.38 11.47
N LYS A 467 -12.87 -17.48 12.06
CA LYS A 467 -13.65 -17.84 13.24
C LYS A 467 -14.76 -18.83 12.92
N ARG A 468 -15.21 -18.88 11.67
CA ARG A 468 -16.11 -19.95 11.27
C ARG A 468 -15.38 -21.28 11.20
N ALA A 469 -14.12 -21.26 10.79
CA ALA A 469 -13.36 -22.50 10.63
C ALA A 469 -12.78 -22.99 11.95
N ASP A 470 -12.36 -22.08 12.82
CA ASP A 470 -11.81 -22.50 14.11
C ASP A 470 -12.89 -23.01 15.04
N GLU A 471 -14.12 -22.50 14.90
CA GLU A 471 -15.22 -23.03 15.69
C GLU A 471 -15.60 -24.43 15.24
N GLU A 472 -15.57 -24.66 13.93
CA GLU A 472 -15.90 -25.99 13.41
C GLU A 472 -14.78 -26.99 13.67
N LYS A 473 -13.53 -26.53 13.71
CA LYS A 473 -12.41 -27.45 13.98
C LYS A 473 -12.41 -27.90 15.44
N ALA A 474 -12.93 -27.06 16.34
CA ALA A 474 -13.12 -27.47 17.73
C ALA A 474 -14.19 -28.54 17.85
N ALA A 475 -15.20 -28.51 16.98
CA ALA A 475 -16.21 -29.56 16.97
C ALA A 475 -15.63 -30.88 16.49
N GLU A 476 -14.63 -30.83 15.61
CA GLU A 476 -13.87 -32.02 15.24
C GLU A 476 -13.05 -32.53 16.42
N ARG A 477 -12.56 -31.62 17.27
CA ARG A 477 -11.82 -32.02 18.45
C ARG A 477 -12.74 -32.60 19.52
N GLU A 478 -13.91 -32.02 19.70
CA GLU A 478 -14.86 -32.48 20.71
C GLU A 478 -15.64 -33.70 20.22
N GLN A 552 31.87 -43.53 23.91
CA GLN A 552 30.47 -43.10 23.98
C GLN A 552 30.16 -42.47 25.33
N GLY A 553 31.08 -42.63 26.27
CA GLY A 553 30.90 -42.08 27.61
C GLY A 553 31.47 -40.69 27.78
N ALA A 554 32.75 -40.52 27.42
CA ALA A 554 33.38 -39.22 27.52
C ALA A 554 32.94 -38.26 26.43
N ILE A 555 32.36 -38.77 25.34
CA ILE A 555 31.85 -37.89 24.30
C ILE A 555 30.56 -37.22 24.75
N GLY A 556 29.82 -37.83 25.68
CA GLY A 556 28.62 -37.20 26.18
C GLY A 556 28.89 -36.01 27.08
N ALA A 557 30.01 -36.03 27.80
CA ALA A 557 30.39 -34.87 28.60
C ALA A 557 30.93 -33.74 27.74
N VAL A 558 31.36 -34.03 26.52
CA VAL A 558 31.89 -33.01 25.63
C VAL A 558 30.82 -32.47 24.69
N VAL A 559 30.08 -33.36 24.03
CA VAL A 559 29.14 -32.92 23.00
C VAL A 559 27.87 -32.33 23.60
N LEU A 560 27.39 -32.86 24.73
CA LEU A 560 26.18 -32.36 25.35
C LEU A 560 26.45 -31.27 26.38
N SER A 561 27.66 -30.71 26.39
CA SER A 561 27.96 -29.60 27.28
C SER A 561 27.25 -28.36 26.79
N PRO A 562 26.60 -27.59 27.68
CA PRO A 562 26.06 -26.30 27.25
C PRO A 562 27.12 -25.27 26.93
N PHE A 563 28.33 -25.41 27.48
CA PHE A 563 29.46 -24.56 27.13
C PHE A 563 30.23 -25.08 25.92
N PHE A 564 29.74 -26.13 25.28
CA PHE A 564 30.22 -26.57 23.98
C PHE A 564 29.33 -26.10 22.84
N GLU A 565 28.03 -26.00 23.10
CA GLU A 565 27.11 -25.44 22.12
C GLU A 565 27.36 -23.95 21.92
N LEU A 566 27.96 -23.29 22.91
CA LEU A 566 28.38 -21.91 22.77
C LEU A 566 29.52 -21.78 21.76
N PHE A 567 30.33 -22.82 21.59
CA PHE A 567 31.45 -22.76 20.67
C PHE A 567 30.99 -22.80 19.23
N ILE A 568 29.97 -23.61 18.93
CA ILE A 568 29.43 -23.69 17.57
C ILE A 568 28.71 -22.40 17.22
N ALA A 569 28.08 -21.74 18.20
CA ALA A 569 27.44 -20.44 17.96
C ALA A 569 28.45 -19.35 17.60
N VAL A 570 29.71 -19.50 18.02
CA VAL A 570 30.75 -18.58 17.58
C VAL A 570 31.14 -18.86 16.14
N ILE A 571 31.29 -20.15 15.80
CA ILE A 571 31.75 -20.56 14.47
C ILE A 571 30.73 -20.21 13.40
N ILE A 572 29.44 -20.28 13.72
CA ILE A 572 28.41 -19.96 12.74
C ILE A 572 28.41 -18.46 12.41
N VAL A 573 28.51 -17.61 13.44
CA VAL A 573 28.54 -16.17 13.22
C VAL A 573 29.83 -15.75 12.53
N LEU A 574 30.94 -16.45 12.81
CA LEU A 574 32.16 -16.27 12.02
C LEU A 574 31.95 -16.67 10.56
N ASN A 575 31.21 -17.76 10.32
CA ASN A 575 31.03 -18.25 8.97
C ASN A 575 30.06 -17.36 8.17
N ILE A 576 29.05 -16.80 8.83
CA ILE A 576 28.15 -15.85 8.17
C ILE A 576 28.90 -14.57 7.82
N THR A 577 29.85 -14.17 8.66
CA THR A 577 30.65 -12.98 8.36
C THR A 577 31.57 -13.22 7.16
N PHE A 578 32.13 -14.43 7.04
CA PHE A 578 33.01 -14.68 5.90
C PHE A 578 32.27 -14.83 4.57
N MET A 579 30.95 -15.02 4.59
CA MET A 579 30.20 -15.00 3.34
C MET A 579 29.83 -13.58 2.93
N ALA A 580 29.60 -12.70 3.91
CA ALA A 580 29.32 -11.31 3.63
C ALA A 580 30.56 -10.52 3.28
N LEU A 581 31.74 -10.98 3.68
CA LEU A 581 32.98 -10.31 3.32
C LEU A 581 33.47 -10.68 1.94
N ASP A 582 32.86 -11.66 1.29
CA ASP A 582 33.21 -12.03 -0.08
C ASP A 582 32.63 -11.01 -1.06
N HIS A 583 33.47 -10.49 -1.95
CA HIS A 583 33.05 -9.42 -2.85
C HIS A 583 33.92 -9.47 -4.11
N HIS A 584 33.63 -8.56 -5.02
CA HIS A 584 34.36 -8.49 -6.28
C HIS A 584 35.62 -7.64 -6.14
N ASP A 585 36.70 -8.11 -6.76
CA ASP A 585 38.00 -7.43 -6.86
C ASP A 585 38.60 -7.17 -5.47
N MET A 586 38.98 -8.28 -4.82
CA MET A 586 39.70 -8.24 -3.56
C MET A 586 41.18 -8.57 -3.79
N ASN A 587 41.94 -8.61 -2.70
CA ASN A 587 43.37 -8.91 -2.75
C ASN A 587 43.57 -10.42 -2.89
N ILE A 588 44.82 -10.86 -2.76
CA ILE A 588 45.13 -12.28 -2.66
C ILE A 588 45.12 -12.74 -1.22
N GLU A 589 45.78 -11.98 -0.34
CA GLU A 589 45.85 -12.33 1.07
C GLU A 589 44.48 -12.25 1.73
N PHE A 590 43.62 -11.36 1.26
CA PHE A 590 42.24 -11.35 1.75
C PHE A 590 41.47 -12.55 1.20
N GLU A 591 41.75 -12.93 -0.05
CA GLU A 591 41.08 -14.09 -0.63
C GLU A 591 41.60 -15.38 -0.03
N ARG A 592 42.85 -15.38 0.45
CA ARG A 592 43.43 -16.57 1.06
C ARG A 592 42.83 -16.86 2.43
N ILE A 593 42.50 -15.81 3.19
CA ILE A 593 41.87 -15.99 4.49
C ILE A 593 40.48 -16.61 4.34
N LEU A 594 39.72 -16.14 3.36
CA LEU A 594 38.34 -16.58 3.19
C LEU A 594 38.25 -18.02 2.70
N ARG A 595 39.19 -18.45 1.87
CA ARG A 595 39.15 -19.84 1.41
C ARG A 595 39.79 -20.80 2.40
N THR A 596 40.72 -20.33 3.24
CA THR A 596 41.28 -21.17 4.29
C THR A 596 40.29 -21.30 5.44
N GLY A 597 39.53 -20.24 5.71
CA GLY A 597 38.47 -20.31 6.70
C GLY A 597 37.35 -21.25 6.30
N ASN A 598 37.20 -21.51 5.00
CA ASN A 598 36.27 -22.52 4.53
C ASN A 598 36.69 -23.91 4.99
N TYR A 599 37.97 -24.25 4.85
CA TYR A 599 38.41 -25.60 5.21
C TYR A 599 38.39 -25.82 6.71
N ILE A 600 38.57 -24.76 7.49
CA ILE A 600 38.47 -24.88 8.94
C ILE A 600 37.03 -25.10 9.36
N PHE A 601 36.11 -24.31 8.81
CA PHE A 601 34.72 -24.35 9.23
C PHE A 601 34.02 -25.64 8.82
N THR A 602 34.39 -26.22 7.68
CA THR A 602 33.84 -27.52 7.31
C THR A 602 34.43 -28.63 8.17
N SER A 603 35.69 -28.51 8.57
CA SER A 603 36.29 -29.53 9.42
C SER A 603 35.77 -29.46 10.85
N ILE A 604 35.26 -28.31 11.28
CA ILE A 604 34.57 -28.25 12.57
C ILE A 604 33.21 -28.92 12.47
N TYR A 605 32.52 -28.74 11.35
CA TYR A 605 31.16 -29.26 11.21
C TYR A 605 31.14 -30.77 11.05
N ILE A 606 32.22 -31.35 10.49
CA ILE A 606 32.28 -32.80 10.36
C ILE A 606 32.55 -33.45 11.71
N VAL A 607 33.49 -32.88 12.48
CA VAL A 607 33.85 -33.43 13.79
C VAL A 607 32.69 -33.31 14.78
N GLU A 608 31.88 -32.26 14.66
CA GLU A 608 30.69 -32.14 15.50
C GLU A 608 29.66 -33.22 15.17
N ALA A 609 29.47 -33.51 13.88
CA ALA A 609 28.47 -34.49 13.49
C ALA A 609 28.92 -35.92 13.80
N VAL A 610 30.22 -36.16 13.93
CA VAL A 610 30.69 -37.46 14.36
C VAL A 610 30.61 -37.58 15.89
N LEU A 611 31.01 -36.53 16.60
CA LEU A 611 30.95 -36.53 18.06
C LEU A 611 29.53 -36.39 18.61
N LYS A 612 28.52 -36.17 17.77
CA LYS A 612 27.14 -36.21 18.21
C LYS A 612 26.40 -37.45 17.76
N ILE A 613 27.04 -38.36 17.03
CA ILE A 613 26.46 -39.67 16.77
C ILE A 613 27.21 -40.78 17.50
N ILE A 614 28.26 -40.45 18.23
CA ILE A 614 28.92 -41.42 19.11
C ILE A 614 28.46 -41.26 20.55
N ALA A 615 27.98 -40.07 20.93
CA ALA A 615 27.40 -39.85 22.24
C ALA A 615 25.88 -39.88 22.21
N LEU A 616 25.30 -39.78 21.02
CA LEU A 616 23.85 -39.81 20.83
C LEU A 616 23.47 -40.75 19.69
N SER A 617 23.89 -42.02 19.74
CA SER A 617 23.90 -43.11 18.75
C SER A 617 22.71 -43.07 17.80
N PRO A 618 22.89 -43.28 16.49
CA PRO A 618 21.98 -42.73 15.47
C PRO A 618 20.53 -43.21 15.48
N LYS A 619 20.12 -44.05 16.44
CA LYS A 619 18.72 -44.19 16.79
C LYS A 619 18.12 -42.87 17.29
N PHE A 620 18.90 -42.05 18.01
CA PHE A 620 18.40 -40.83 18.62
C PHE A 620 18.80 -39.56 17.88
N TYR A 621 19.87 -39.60 17.07
CA TYR A 621 20.40 -38.39 16.45
C TYR A 621 19.44 -37.81 15.42
N PHE A 622 18.80 -38.66 14.62
CA PHE A 622 17.97 -38.23 13.51
C PHE A 622 16.53 -37.93 13.92
N LYS A 623 16.28 -37.63 15.19
CA LYS A 623 14.95 -37.27 15.68
C LYS A 623 14.82 -35.78 15.98
N ASP A 624 15.93 -35.11 16.28
CA ASP A 624 15.93 -33.75 16.82
C ASP A 624 15.44 -32.71 15.82
N SER A 625 15.57 -32.99 14.52
CA SER A 625 15.14 -32.19 13.36
C SER A 625 15.99 -30.95 13.12
N TRP A 626 16.88 -30.60 14.06
CA TRP A 626 18.01 -29.74 13.75
C TRP A 626 19.25 -30.56 13.43
N ASN A 627 19.39 -31.73 14.04
CA ASN A 627 20.52 -32.58 13.74
C ASN A 627 20.41 -33.23 12.37
N VAL A 628 19.20 -33.38 11.83
CA VAL A 628 19.06 -33.89 10.48
C VAL A 628 19.14 -32.77 9.46
N PHE A 629 18.86 -31.52 9.86
CA PHE A 629 19.17 -30.37 9.01
C PHE A 629 20.67 -30.14 8.95
N ASP A 630 21.35 -30.25 10.10
CA ASP A 630 22.79 -30.10 10.15
C ASP A 630 23.52 -31.20 9.39
N PHE A 631 22.95 -32.41 9.34
CA PHE A 631 23.58 -33.49 8.61
C PHE A 631 23.48 -33.28 7.10
N ILE A 632 22.47 -32.55 6.63
CA ILE A 632 22.41 -32.18 5.22
C ILE A 632 23.48 -31.14 4.89
N ILE A 633 23.84 -30.29 5.85
CA ILE A 633 24.92 -29.32 5.64
C ILE A 633 26.26 -30.03 5.51
N VAL A 634 26.48 -31.09 6.29
CA VAL A 634 27.77 -31.76 6.29
C VAL A 634 27.97 -32.57 5.00
N VAL A 635 26.90 -33.19 4.49
CA VAL A 635 27.02 -33.96 3.27
C VAL A 635 27.15 -33.06 2.04
N PHE A 636 26.67 -31.82 2.11
CA PHE A 636 26.94 -30.86 1.04
C PHE A 636 28.36 -30.32 1.12
N ALA A 637 28.94 -30.28 2.32
CA ALA A 637 30.29 -29.76 2.46
C ALA A 637 31.34 -30.73 1.95
N ILE A 638 31.07 -32.04 2.04
CA ILE A 638 32.06 -33.01 1.55
C ILE A 638 31.95 -33.19 0.05
N LEU A 639 30.74 -33.04 -0.53
CA LEU A 639 30.62 -33.08 -1.98
C LEU A 639 31.17 -31.82 -2.62
N GLU A 640 31.11 -30.69 -1.91
CA GLU A 640 31.83 -29.50 -2.31
C GLU A 640 33.34 -29.70 -2.20
N LEU A 641 33.77 -30.46 -1.19
CA LEU A 641 35.19 -30.71 -1.01
C LEU A 641 35.72 -31.72 -2.02
N GLY A 642 34.86 -32.63 -2.50
CA GLY A 642 35.27 -33.59 -3.50
C GLY A 642 35.24 -33.06 -4.91
N LEU A 643 34.30 -32.17 -5.21
CA LEU A 643 34.20 -31.50 -6.50
C LEU A 643 34.93 -30.16 -6.51
N GLU A 644 35.94 -30.00 -5.65
CA GLU A 644 36.57 -28.70 -5.46
C GLU A 644 37.44 -28.33 -6.66
N GLY A 645 38.31 -29.25 -7.09
CA GLY A 645 39.13 -28.98 -8.26
C GLY A 645 38.42 -29.13 -9.58
N VAL A 646 37.24 -29.75 -9.58
CA VAL A 646 36.51 -30.02 -10.82
C VAL A 646 35.88 -28.73 -11.33
N GLN A 647 36.08 -28.45 -12.62
CA GLN A 647 35.46 -27.32 -13.29
C GLN A 647 34.16 -27.72 -14.00
N GLY A 648 33.40 -28.63 -13.40
CA GLY A 648 32.17 -29.11 -13.99
C GLY A 648 30.96 -28.28 -13.62
N LEU A 649 30.01 -28.92 -12.93
CA LEU A 649 28.75 -28.27 -12.57
C LEU A 649 28.96 -27.12 -11.59
N SER A 650 29.43 -27.44 -10.37
CA SER A 650 29.86 -26.48 -9.34
C SER A 650 28.74 -25.51 -8.92
N VAL A 651 27.55 -26.06 -8.68
CA VAL A 651 26.47 -25.35 -7.99
C VAL A 651 26.24 -25.96 -6.61
N PHE A 652 26.96 -27.02 -6.25
CA PHE A 652 26.98 -27.52 -4.88
C PHE A 652 27.59 -26.52 -3.91
N ARG A 653 28.45 -25.62 -4.41
CA ARG A 653 29.07 -24.58 -3.61
C ARG A 653 28.08 -23.44 -3.31
N SER A 654 26.94 -23.42 -3.98
CA SER A 654 25.86 -22.49 -3.67
C SER A 654 25.01 -22.91 -2.49
N PHE A 655 25.13 -24.14 -2.02
CA PHE A 655 24.44 -24.59 -0.81
C PHE A 655 25.20 -24.24 0.45
N ARG A 656 26.21 -23.39 0.36
CA ARG A 656 26.83 -22.80 1.52
C ARG A 656 25.91 -21.76 2.18
N LEU A 657 24.98 -21.19 1.41
CA LEU A 657 24.01 -20.23 1.92
C LEU A 657 23.07 -20.84 2.96
N LEU A 658 22.95 -22.16 2.99
CA LEU A 658 22.00 -22.84 3.84
C LEU A 658 22.51 -22.98 5.28
N ARG A 659 23.78 -22.66 5.52
CA ARG A 659 24.32 -22.64 6.88
C ARG A 659 23.80 -21.47 7.70
N VAL A 660 23.24 -20.46 7.05
CA VAL A 660 22.78 -19.24 7.72
C VAL A 660 21.55 -19.53 8.58
N PHE A 661 20.72 -20.48 8.16
CA PHE A 661 19.52 -20.84 8.89
C PHE A 661 19.79 -21.75 10.07
N ARG A 662 21.02 -22.21 10.21
CA ARG A 662 21.39 -23.09 11.31
C ARG A 662 21.60 -22.30 12.59
N LEU A 663 21.73 -20.98 12.45
CA LEU A 663 21.92 -20.10 13.60
C LEU A 663 20.60 -19.80 14.29
N ALA A 664 19.51 -19.85 13.53
CA ALA A 664 18.18 -19.59 14.07
C ALA A 664 17.98 -20.31 15.40
N LYS A 665 18.73 -21.40 15.59
CA LYS A 665 18.63 -22.19 16.81
C LYS A 665 18.96 -21.37 18.06
N PHE A 666 19.71 -20.28 17.93
CA PHE A 666 20.30 -19.64 19.09
C PHE A 666 19.59 -18.37 19.53
N TRP A 667 19.35 -17.41 18.61
CA TRP A 667 18.67 -16.26 19.21
C TRP A 667 17.17 -16.36 18.96
N PRO A 668 16.36 -16.26 20.03
CA PRO A 668 15.01 -16.85 19.99
C PRO A 668 13.99 -16.07 19.18
N THR A 669 14.13 -14.77 18.99
CA THR A 669 13.13 -14.05 18.22
C THR A 669 13.23 -14.33 16.72
N LEU A 670 14.31 -14.97 16.26
CA LEU A 670 14.28 -15.57 14.94
C LEU A 670 13.59 -16.92 14.99
N ASN A 671 13.82 -17.68 16.06
CA ASN A 671 13.20 -18.99 16.21
C ASN A 671 11.71 -18.86 16.49
N ASN A 672 11.30 -17.87 17.29
CA ASN A 672 9.88 -17.61 17.47
C ASN A 672 9.24 -17.02 16.23
N PHE A 673 10.03 -16.39 15.35
CA PHE A 673 9.49 -15.91 14.09
C PHE A 673 9.21 -17.06 13.13
N MET A 674 10.11 -18.04 13.08
CA MET A 674 9.93 -19.19 12.20
C MET A 674 9.07 -20.28 12.82
N SER A 675 8.76 -20.19 14.11
CA SER A 675 7.81 -21.13 14.70
C SER A 675 6.38 -20.80 14.32
N VAL A 676 6.13 -19.60 13.79
CA VAL A 676 4.80 -19.26 13.29
C VAL A 676 4.62 -19.77 11.86
N MET A 677 5.63 -19.57 11.01
CA MET A 677 5.53 -19.97 9.61
C MET A 677 5.47 -21.48 9.44
N THR A 678 6.16 -22.23 10.31
CA THR A 678 6.04 -23.68 10.29
C THR A 678 4.76 -24.18 10.93
N LYS A 679 3.96 -23.31 11.54
CA LYS A 679 2.72 -23.69 12.19
C LYS A 679 1.50 -23.41 11.32
N SER A 680 1.42 -22.20 10.77
CA SER A 680 0.29 -21.77 9.95
C SER A 680 0.64 -21.76 8.47
N TYR A 681 1.39 -22.78 8.02
CA TYR A 681 1.91 -22.77 6.65
C TYR A 681 0.82 -23.00 5.62
N GLY A 682 -0.26 -23.69 5.99
CA GLY A 682 -1.33 -23.96 5.05
C GLY A 682 -2.12 -22.72 4.66
N ALA A 683 -2.15 -21.72 5.54
CA ALA A 683 -2.81 -20.47 5.21
C ALA A 683 -1.99 -19.66 4.21
N PHE A 684 -0.66 -19.64 4.38
CA PHE A 684 0.21 -18.95 3.44
C PHE A 684 0.27 -19.63 2.08
N VAL A 685 0.17 -20.96 2.03
CA VAL A 685 0.22 -21.69 0.76
C VAL A 685 -1.03 -21.39 -0.08
N ASN A 686 -2.19 -21.31 0.56
CA ASN A 686 -3.44 -21.04 -0.16
C ASN A 686 -3.46 -19.63 -0.73
N VAL A 687 -2.89 -18.66 -0.03
CA VAL A 687 -2.92 -17.29 -0.53
C VAL A 687 -1.85 -17.09 -1.61
N MET A 688 -0.70 -17.75 -1.49
CA MET A 688 0.31 -17.64 -2.52
C MET A 688 -0.12 -18.35 -3.81
N TYR A 689 -0.83 -19.47 -3.69
CA TYR A 689 -1.25 -20.17 -4.90
C TYR A 689 -2.37 -19.42 -5.61
N VAL A 690 -3.29 -18.81 -4.85
CA VAL A 690 -4.36 -18.03 -5.46
C VAL A 690 -3.80 -16.78 -6.13
N MET A 691 -2.77 -16.18 -5.53
CA MET A 691 -2.11 -15.03 -6.14
C MET A 691 -1.42 -15.40 -7.45
N PHE A 692 -0.65 -16.49 -7.46
CA PHE A 692 0.00 -16.89 -8.70
C PHE A 692 -0.96 -17.49 -9.71
N LEU A 693 -2.13 -17.98 -9.29
CA LEU A 693 -3.11 -18.42 -10.27
C LEU A 693 -3.82 -17.24 -10.91
N LEU A 694 -4.11 -16.18 -10.13
CA LEU A 694 -4.62 -14.95 -10.74
C LEU A 694 -3.62 -14.34 -11.70
N LEU A 695 -2.34 -14.32 -11.32
CA LEU A 695 -1.31 -13.77 -12.20
C LEU A 695 -1.15 -14.60 -13.46
N PHE A 696 -1.41 -15.90 -13.40
CA PHE A 696 -1.36 -16.73 -14.60
C PHE A 696 -2.52 -16.42 -15.53
N ILE A 697 -3.74 -16.28 -14.99
CA ILE A 697 -4.94 -16.05 -15.78
C ILE A 697 -4.87 -14.71 -16.49
N PHE A 698 -4.43 -13.66 -15.78
CA PHE A 698 -4.25 -12.36 -16.42
C PHE A 698 -3.12 -12.36 -17.43
N ALA A 699 -2.07 -13.15 -17.22
CA ALA A 699 -0.95 -13.14 -18.15
C ALA A 699 -1.24 -13.87 -19.45
N ILE A 700 -2.21 -14.78 -19.49
CA ILE A 700 -2.56 -15.41 -20.75
C ILE A 700 -3.59 -14.57 -21.50
N ILE A 701 -4.50 -13.91 -20.78
CA ILE A 701 -5.50 -13.06 -21.41
C ILE A 701 -4.86 -11.85 -22.06
N GLY A 702 -3.94 -11.19 -21.35
CA GLY A 702 -3.31 -10.00 -21.90
C GLY A 702 -2.32 -10.31 -23.00
N MET A 703 -1.74 -11.51 -22.99
CA MET A 703 -0.83 -11.92 -24.05
C MET A 703 -1.59 -12.16 -25.35
N GLN A 704 -2.83 -12.61 -25.27
CA GLN A 704 -3.59 -12.87 -26.48
C GLN A 704 -4.46 -11.69 -26.89
N LEU A 705 -4.84 -10.83 -25.95
CA LEU A 705 -5.48 -9.56 -26.32
C LEU A 705 -4.49 -8.58 -26.91
N PHE A 706 -3.33 -8.41 -26.29
CA PHE A 706 -2.47 -7.27 -26.60
C PHE A 706 -1.13 -7.65 -27.20
N GLY A 707 -0.85 -8.94 -27.37
CA GLY A 707 0.50 -9.35 -27.71
C GLY A 707 0.91 -9.04 -29.14
N MET A 708 -0.03 -9.04 -30.07
CA MET A 708 0.30 -8.79 -31.47
C MET A 708 0.39 -7.31 -31.82
N ASN A 709 -0.12 -6.42 -30.96
CA ASN A 709 -0.04 -5.00 -31.23
C ASN A 709 1.37 -4.47 -31.06
N TYR A 710 2.16 -5.09 -30.17
CA TYR A 710 3.53 -4.65 -29.92
C TYR A 710 4.45 -4.93 -31.09
N ILE A 711 4.18 -5.97 -31.86
CA ILE A 711 4.99 -6.32 -33.01
C ILE A 711 4.53 -5.57 -34.26
N ASP A 712 3.22 -5.42 -34.42
CA ASP A 712 2.66 -4.82 -35.62
C ASP A 712 2.78 -3.30 -35.64
N ASN A 713 2.76 -2.66 -34.48
CA ASN A 713 2.80 -1.21 -34.37
C ASN A 713 4.03 -0.75 -33.61
N MET A 714 5.15 -1.43 -33.85
CA MET A 714 6.39 -1.17 -33.10
C MET A 714 6.96 0.21 -33.41
N GLU A 715 6.62 0.78 -34.57
CA GLU A 715 7.16 2.08 -34.98
C GLU A 715 6.66 3.23 -34.13
N ARG A 716 5.57 3.06 -33.39
CA ARG A 716 5.03 4.15 -32.57
C ARG A 716 5.86 4.40 -31.33
N PHE A 717 6.61 3.41 -30.87
CA PHE A 717 7.48 3.60 -29.72
C PHE A 717 8.68 4.46 -30.10
N PRO A 718 9.28 5.17 -29.12
CA PRO A 718 10.51 5.90 -29.40
C PRO A 718 11.65 4.96 -29.76
N ASP A 719 12.42 5.37 -30.78
CA ASP A 719 13.49 4.67 -31.49
C ASP A 719 12.98 3.50 -32.33
N GLY A 720 11.68 3.25 -32.35
CA GLY A 720 11.12 2.13 -33.08
C GLY A 720 11.45 0.77 -32.52
N ASP A 721 11.67 0.68 -31.21
CA ASP A 721 12.11 -0.54 -30.57
C ASP A 721 11.09 -0.97 -29.52
N LEU A 722 11.03 -2.28 -29.26
CA LEU A 722 10.14 -2.79 -28.22
C LEU A 722 10.57 -2.30 -26.85
N PRO A 723 9.63 -2.01 -25.97
CA PRO A 723 9.99 -1.74 -24.57
C PRO A 723 10.45 -3.01 -23.87
N ARG A 724 11.07 -2.81 -22.72
CA ARG A 724 11.44 -3.91 -21.84
C ARG A 724 10.23 -4.68 -21.37
N TRP A 725 9.09 -4.01 -21.25
CA TRP A 725 7.88 -4.57 -20.67
C TRP A 725 6.81 -4.60 -21.75
N ASN A 726 6.39 -5.80 -22.14
CA ASN A 726 5.52 -6.02 -23.28
C ASN A 726 4.78 -7.34 -23.10
N PHE A 727 4.02 -7.73 -24.13
CA PHE A 727 3.16 -8.92 -24.06
C PHE A 727 3.49 -9.95 -25.13
N THR A 728 4.74 -10.03 -25.58
CA THR A 728 5.02 -10.87 -26.73
C THR A 728 5.11 -12.35 -26.40
N ASP A 729 5.55 -12.71 -25.19
CA ASP A 729 5.57 -14.11 -24.77
C ASP A 729 5.05 -14.19 -23.34
N PHE A 730 5.10 -15.39 -22.77
CA PHE A 730 4.49 -15.61 -21.46
C PHE A 730 5.31 -14.98 -20.34
N LEU A 731 6.63 -15.05 -20.42
CA LEU A 731 7.46 -14.58 -19.31
C LEU A 731 7.44 -13.06 -19.20
N HIS A 732 7.38 -12.36 -20.32
CA HIS A 732 7.18 -10.92 -20.29
C HIS A 732 5.79 -10.58 -19.79
N SER A 733 4.79 -11.36 -20.21
CA SER A 733 3.41 -11.09 -19.83
C SER A 733 3.17 -11.35 -18.35
N PHE A 734 3.84 -12.35 -17.78
CA PHE A 734 3.74 -12.60 -16.35
C PHE A 734 4.38 -11.48 -15.56
N MET A 735 5.52 -10.97 -16.02
CA MET A 735 6.24 -9.94 -15.28
C MET A 735 5.54 -8.60 -15.33
N ILE A 736 4.90 -8.28 -16.46
CA ILE A 736 4.19 -7.01 -16.59
C ILE A 736 2.88 -7.02 -15.81
N VAL A 737 2.31 -8.20 -15.56
CA VAL A 737 1.14 -8.35 -14.70
C VAL A 737 1.53 -8.39 -13.22
N PHE A 738 2.69 -8.97 -12.91
CA PHE A 738 3.20 -8.99 -11.55
C PHE A 738 3.59 -7.60 -11.08
N ARG A 739 4.14 -6.78 -11.99
CA ARG A 739 4.47 -5.39 -11.69
C ARG A 739 3.23 -4.59 -11.33
N ALA A 740 2.08 -4.89 -11.95
CA ALA A 740 0.85 -4.19 -11.64
C ALA A 740 0.29 -4.57 -10.27
N LEU A 741 0.56 -5.79 -9.80
CA LEU A 741 0.15 -6.17 -8.45
C LEU A 741 0.99 -5.49 -7.39
N CYS A 742 2.23 -5.13 -7.72
CA CYS A 742 3.09 -4.37 -6.82
C CYS A 742 2.73 -2.88 -6.80
N GLY A 743 1.79 -2.45 -7.63
CA GLY A 743 1.29 -1.09 -7.58
C GLY A 743 1.64 -0.20 -8.74
N GLU A 744 2.18 -0.73 -9.83
CA GLU A 744 2.60 0.09 -10.97
C GLU A 744 1.91 -0.42 -12.23
N TRP A 745 0.96 0.35 -12.74
CA TRP A 745 0.17 -0.07 -13.88
C TRP A 745 0.00 0.98 -14.97
N ILE A 746 0.16 2.28 -14.67
CA ILE A 746 -0.19 3.28 -15.67
C ILE A 746 0.94 3.46 -16.68
N GLU A 747 2.18 3.15 -16.33
CA GLU A 747 3.27 3.18 -17.30
C GLU A 747 3.15 2.06 -18.31
N SER A 748 2.68 0.90 -17.88
CA SER A 748 2.40 -0.20 -18.79
C SER A 748 1.10 0.00 -19.55
N MET A 749 0.25 0.91 -19.11
CA MET A 749 -1.00 1.18 -19.80
C MET A 749 -0.86 2.31 -20.83
N TRP A 750 0.11 3.20 -20.65
CA TRP A 750 0.43 4.19 -21.68
C TRP A 750 0.98 3.51 -22.93
N ASP A 751 1.90 2.56 -22.77
CA ASP A 751 2.43 1.80 -23.89
C ASP A 751 1.40 0.86 -24.49
N CYS A 752 0.40 0.45 -23.71
CA CYS A 752 -0.63 -0.42 -24.25
C CYS A 752 -1.61 0.35 -25.12
N MET A 753 -2.04 1.54 -24.68
CA MET A 753 -2.96 2.35 -25.45
C MET A 753 -2.32 2.94 -26.70
N LEU A 754 -0.99 3.05 -26.73
CA LEU A 754 -0.31 3.63 -27.88
C LEU A 754 -0.36 2.70 -29.08
N VAL A 755 -0.03 1.42 -28.87
CA VAL A 755 -0.12 0.44 -29.95
C VAL A 755 -1.49 -0.20 -30.05
N GLY A 756 -2.36 0.00 -29.07
CA GLY A 756 -3.65 -0.66 -29.06
C GLY A 756 -4.84 0.25 -28.91
N ASP A 757 -6.00 -0.34 -28.61
CA ASP A 757 -7.26 0.38 -28.48
C ASP A 757 -7.51 0.78 -27.03
N TRP A 758 -8.75 1.17 -26.75
CA TRP A 758 -9.19 1.59 -25.42
C TRP A 758 -9.20 0.46 -24.41
N SER A 759 -9.23 -0.81 -24.86
CA SER A 759 -9.46 -1.94 -23.97
C SER A 759 -8.27 -2.32 -23.11
N CYS A 760 -7.21 -1.50 -23.09
CA CYS A 760 -6.14 -1.67 -22.11
C CYS A 760 -6.51 -1.13 -20.75
N ILE A 761 -7.43 -0.17 -20.69
CA ILE A 761 -7.83 0.48 -19.45
C ILE A 761 -8.67 -0.45 -18.56
N PRO A 762 -9.68 -1.21 -19.04
CA PRO A 762 -10.31 -2.17 -18.13
C PRO A 762 -9.42 -3.31 -17.69
N PHE A 763 -8.39 -3.63 -18.48
CA PHE A 763 -7.48 -4.71 -18.11
C PHE A 763 -6.60 -4.30 -16.94
N PHE A 764 -6.03 -3.10 -17.00
CA PHE A 764 -5.06 -2.69 -15.99
C PHE A 764 -5.69 -2.17 -14.71
N VAL A 765 -6.97 -1.80 -14.74
CA VAL A 765 -7.65 -1.50 -13.48
C VAL A 765 -8.05 -2.78 -12.78
N ALA A 766 -8.55 -3.77 -13.53
CA ALA A 766 -8.98 -5.04 -12.94
C ALA A 766 -7.80 -5.84 -12.39
N VAL A 767 -6.63 -5.77 -13.03
CA VAL A 767 -5.48 -6.44 -12.44
C VAL A 767 -4.95 -5.63 -11.26
N PHE A 768 -5.20 -4.32 -11.21
CA PHE A 768 -4.84 -3.57 -10.02
C PHE A 768 -5.86 -3.78 -8.91
N PHE A 769 -7.16 -3.84 -9.24
CA PHE A 769 -8.17 -3.96 -8.19
C PHE A 769 -8.13 -5.32 -7.53
N VAL A 770 -8.02 -6.38 -8.32
CA VAL A 770 -7.93 -7.72 -7.76
C VAL A 770 -6.57 -7.93 -7.11
N GLY A 771 -5.50 -7.55 -7.79
CA GLY A 771 -4.16 -7.81 -7.32
C GLY A 771 -3.70 -7.04 -6.11
N ASN A 772 -3.69 -5.71 -6.19
CA ASN A 772 -3.14 -4.92 -5.10
C ASN A 772 -4.12 -4.76 -3.96
N LEU A 773 -5.39 -4.51 -4.26
CA LEU A 773 -6.33 -4.06 -3.25
C LEU A 773 -7.02 -5.20 -2.52
N VAL A 774 -7.11 -6.38 -3.11
CA VAL A 774 -7.80 -7.50 -2.51
C VAL A 774 -6.83 -8.61 -2.09
N ILE A 775 -5.93 -9.00 -2.99
CA ILE A 775 -5.05 -10.14 -2.71
C ILE A 775 -3.95 -9.75 -1.73
N LEU A 776 -3.30 -8.60 -1.93
CA LEU A 776 -2.27 -8.19 -0.98
C LEU A 776 -2.86 -7.72 0.34
N ASN A 777 -4.10 -7.24 0.35
CA ASN A 777 -4.73 -6.94 1.63
C ASN A 777 -5.17 -8.20 2.36
N LEU A 778 -5.44 -9.29 1.64
CA LEU A 778 -5.64 -10.59 2.28
C LEU A 778 -4.37 -11.14 2.89
N LEU A 779 -3.21 -10.74 2.39
CA LEU A 779 -1.97 -11.18 3.00
C LEU A 779 -1.69 -10.43 4.30
N ILE A 780 -2.15 -9.19 4.40
CA ILE A 780 -2.02 -8.42 5.63
C ILE A 780 -3.00 -8.94 6.68
N ALA A 781 -4.20 -9.37 6.25
CA ALA A 781 -5.17 -9.95 7.16
C ALA A 781 -4.69 -11.29 7.70
N LEU A 782 -3.94 -12.03 6.90
CA LEU A 782 -3.38 -13.28 7.36
C LEU A 782 -2.16 -13.10 8.24
N LEU A 783 -1.52 -11.93 8.21
CA LEU A 783 -0.42 -11.66 9.14
C LEU A 783 -0.93 -11.18 10.50
N LEU A 784 -2.10 -10.56 10.55
CA LEU A 784 -2.68 -10.18 11.84
C LEU A 784 -3.08 -11.39 12.67
N ASN A 785 -3.73 -12.37 12.04
CA ASN A 785 -4.27 -13.50 12.76
C ASN A 785 -3.22 -14.50 13.21
N ASN A 786 -1.99 -14.41 12.69
CA ASN A 786 -0.95 -15.35 13.06
C ASN A 786 0.22 -14.72 13.80
N TYR A 787 0.34 -13.40 13.79
CA TYR A 787 1.41 -12.72 14.51
C TYR A 787 0.86 -11.74 15.55
N ARG A 883 17.88 28.53 56.43
CA ARG A 883 16.62 27.94 55.97
C ARG A 883 16.29 28.46 54.57
N MET A 884 17.21 29.25 54.00
CA MET A 884 17.00 29.85 52.69
C MET A 884 17.03 28.82 51.57
N TRP A 885 17.66 27.66 51.77
CA TRP A 885 17.72 26.64 50.73
C TRP A 885 16.36 25.98 50.49
N SER A 886 15.49 25.97 51.50
CA SER A 886 14.20 25.31 51.33
C SER A 886 13.13 26.24 50.76
N ASN A 887 13.34 27.56 50.81
CA ASN A 887 12.38 28.49 50.22
C ASN A 887 12.60 28.70 48.74
N ILE A 888 13.84 28.52 48.26
CA ILE A 888 14.12 28.68 46.83
C ILE A 888 13.53 27.53 46.05
N ARG A 889 13.57 26.32 46.60
CA ARG A 889 12.90 25.18 45.97
C ARG A 889 11.38 25.25 46.05
N ARG A 890 10.82 26.21 46.79
CA ARG A 890 9.39 26.45 46.76
C ARG A 890 9.01 27.40 45.62
N VAL A 891 9.84 28.41 45.37
CA VAL A 891 9.53 29.39 44.34
C VAL A 891 9.75 28.81 42.94
N CYS A 892 10.84 28.06 42.76
CA CYS A 892 11.09 27.41 41.48
C CYS A 892 10.11 26.28 41.22
N PHE A 893 9.53 25.69 42.26
CA PHE A 893 8.50 24.68 42.05
C PHE A 893 7.18 25.31 41.63
N LEU A 894 6.86 26.48 42.20
CA LEU A 894 5.63 27.17 41.81
C LEU A 894 5.73 27.75 40.40
N LEU A 895 6.92 28.17 39.99
CA LEU A 895 7.09 28.66 38.61
C LEU A 895 7.02 27.52 37.61
N ALA A 896 7.59 26.36 37.95
CA ALA A 896 7.58 25.23 37.04
C ALA A 896 6.20 24.63 36.84
N LYS A 897 5.28 24.83 37.78
CA LYS A 897 3.92 24.33 37.65
C LYS A 897 2.93 25.38 37.19
N ASN A 898 3.35 26.65 37.13
CA ASN A 898 2.44 27.74 36.78
C ASN A 898 2.07 27.67 35.31
N LYS A 899 0.82 28.00 35.01
CA LYS A 899 0.30 27.82 33.65
C LYS A 899 0.72 28.95 32.72
N TYR A 900 0.81 30.18 33.22
CA TYR A 900 1.25 31.29 32.36
C TYR A 900 2.74 31.21 32.06
N PHE A 901 3.51 30.56 32.93
CA PHE A 901 4.94 30.39 32.67
C PHE A 901 5.18 29.39 31.55
N GLN A 902 4.42 28.30 31.54
CA GLN A 902 4.60 27.24 30.55
C GLN A 902 4.09 27.64 29.18
N LYS A 903 3.16 28.60 29.10
CA LYS A 903 2.77 29.13 27.80
C LYS A 903 3.85 30.02 27.23
N PHE A 904 4.59 30.72 28.09
CA PHE A 904 5.68 31.57 27.63
C PHE A 904 6.84 30.73 27.09
N VAL A 905 7.16 29.63 27.76
CA VAL A 905 8.26 28.77 27.35
C VAL A 905 7.92 28.05 26.05
N THR A 906 6.67 27.66 25.89
CA THR A 906 6.23 27.05 24.64
C THR A 906 6.24 28.06 23.49
N ALA A 907 5.87 29.31 23.77
CA ALA A 907 5.80 30.33 22.71
C ALA A 907 7.18 30.73 22.22
N VAL A 908 8.19 30.73 23.09
CA VAL A 908 9.55 31.04 22.66
C VAL A 908 10.09 29.96 21.73
N LEU A 909 9.80 28.69 22.03
CA LEU A 909 10.31 27.59 21.23
C LEU A 909 9.67 27.53 19.84
N VAL A 910 8.44 28.03 19.69
CA VAL A 910 7.76 27.96 18.40
C VAL A 910 8.16 29.14 17.52
N ILE A 911 8.22 30.34 18.10
CA ILE A 911 8.66 31.54 17.39
C ILE A 911 10.09 31.39 16.90
N THR A 912 10.95 30.78 17.71
CA THR A 912 12.35 30.67 17.35
C THR A 912 12.61 29.60 16.29
N SER A 913 11.77 28.58 16.21
CA SER A 913 11.94 27.57 15.17
C SER A 913 11.44 28.06 13.80
N VAL A 914 10.52 29.02 13.77
CA VAL A 914 10.16 29.65 12.51
C VAL A 914 11.32 30.49 11.99
N LEU A 915 12.09 31.10 12.89
CA LEU A 915 13.30 31.81 12.50
C LEU A 915 14.35 30.88 11.92
N LEU A 916 14.30 29.61 12.28
CA LEU A 916 15.28 28.65 11.79
C LEU A 916 14.94 28.16 10.38
N ALA A 917 13.68 28.26 9.98
CA ALA A 917 13.25 27.96 8.62
C ALA A 917 13.54 29.08 7.65
N LEU A 918 13.76 30.29 8.14
CA LEU A 918 14.02 31.45 7.28
C LEU A 918 15.48 31.60 6.91
N GLU A 919 16.38 30.82 7.49
CA GLU A 919 17.79 30.89 7.13
C GLU A 919 18.05 29.79 6.10
N ASP A 920 18.38 30.20 4.89
CA ASP A 920 18.43 29.31 3.75
C ASP A 920 19.49 29.85 2.80
N ILE A 921 19.43 29.45 1.54
CA ILE A 921 20.15 30.19 0.52
C ILE A 921 19.51 31.56 0.36
N TYR A 922 20.29 32.51 -0.16
CA TYR A 922 20.05 33.95 -0.21
C TYR A 922 20.08 34.62 1.16
N LEU A 923 20.51 33.92 2.21
CA LEU A 923 20.63 34.56 3.53
C LEU A 923 21.72 35.63 3.64
N PRO A 924 22.94 35.49 3.08
CA PRO A 924 23.88 36.62 3.13
C PRO A 924 23.47 37.84 2.30
N GLN A 925 22.43 37.73 1.47
CA GLN A 925 21.84 38.88 0.81
C GLN A 925 20.78 39.56 1.65
N ARG A 926 20.47 39.02 2.84
CA ARG A 926 19.56 39.64 3.82
C ARG A 926 20.36 40.01 5.05
N PRO A 927 21.11 41.13 5.02
CA PRO A 927 22.06 41.41 6.12
C PRO A 927 21.40 41.80 7.43
N VAL A 928 20.15 42.27 7.40
CA VAL A 928 19.43 42.55 8.63
C VAL A 928 19.00 41.24 9.28
N LEU A 929 18.56 40.28 8.48
CA LEU A 929 18.15 38.98 8.99
C LEU A 929 19.33 38.15 9.49
N VAL A 930 20.54 38.45 9.04
CA VAL A 930 21.73 37.81 9.59
C VAL A 930 21.97 38.28 11.02
N ASN A 931 21.70 39.56 11.32
CA ASN A 931 21.89 40.05 12.67
C ASN A 931 20.75 39.65 13.60
N ILE A 932 19.55 39.43 13.05
CA ILE A 932 18.42 38.98 13.86
C ILE A 932 18.68 37.57 14.38
N THR A 933 19.11 36.67 13.50
CA THR A 933 19.37 35.29 13.90
C THR A 933 20.63 35.16 14.74
N LEU A 934 21.49 36.18 14.76
CA LEU A 934 22.67 36.14 15.60
C LEU A 934 22.35 36.45 17.05
N TYR A 935 21.60 37.53 17.30
CA TYR A 935 21.25 37.92 18.66
C TYR A 935 20.25 36.96 19.28
N VAL A 936 19.49 36.24 18.46
CA VAL A 936 18.59 35.20 18.97
C VAL A 936 19.41 34.04 19.55
N ASP A 937 20.54 33.70 18.93
CA ASP A 937 21.39 32.65 19.46
C ASP A 937 22.08 33.03 20.77
N TYR A 938 22.17 34.33 21.09
CA TYR A 938 22.69 34.74 22.38
C TYR A 938 21.59 34.82 23.44
N VAL A 939 20.39 35.20 23.05
CA VAL A 939 19.28 35.22 24.00
C VAL A 939 18.89 33.81 24.39
N LEU A 940 18.89 32.88 23.43
CA LEU A 940 18.54 31.49 23.73
C LEU A 940 19.60 30.79 24.57
N THR A 941 20.88 31.10 24.36
CA THR A 941 21.90 30.45 25.17
C THR A 941 21.95 30.98 26.59
N ALA A 942 21.24 32.08 26.87
CA ALA A 942 20.93 32.50 28.23
C ALA A 942 19.55 32.04 28.68
N PHE A 943 18.63 31.83 27.75
CA PHE A 943 17.30 31.35 28.10
C PHE A 943 17.31 29.89 28.51
N PHE A 944 18.08 29.07 27.80
CA PHE A 944 18.16 27.64 28.12
C PHE A 944 18.87 27.38 29.44
N VAL A 945 19.85 28.22 29.79
CA VAL A 945 20.57 28.05 31.05
C VAL A 945 19.70 28.45 32.23
N ILE A 946 18.90 29.52 32.07
CA ILE A 946 18.01 29.95 33.13
C ILE A 946 16.87 28.95 33.33
N GLU A 947 16.28 28.44 32.26
CA GLU A 947 15.20 27.48 32.45
C GLU A 947 15.70 26.12 32.91
N MET A 948 16.99 25.82 32.76
CA MET A 948 17.49 24.56 33.30
C MET A 948 17.66 24.64 34.80
N ILE A 949 18.14 25.77 35.32
CA ILE A 949 18.35 25.90 36.76
C ILE A 949 17.03 26.12 37.50
N ILE A 950 15.97 26.56 36.80
CA ILE A 950 14.66 26.61 37.43
C ILE A 950 14.08 25.22 37.55
N MET A 951 14.20 24.40 36.50
CA MET A 951 13.71 23.03 36.58
C MET A 951 14.60 22.15 37.46
N LEU A 952 15.84 22.57 37.73
CA LEU A 952 16.74 21.76 38.54
C LEU A 952 16.54 21.99 40.03
N PHE A 953 15.98 23.15 40.41
CA PHE A 953 15.55 23.38 41.77
C PHE A 953 14.14 22.89 42.03
N ALA A 954 13.32 22.80 40.99
CA ALA A 954 11.96 22.30 41.16
C ALA A 954 11.93 20.78 41.20
N VAL A 955 12.49 20.14 40.19
CA VAL A 955 12.38 18.70 40.07
C VAL A 955 13.44 17.99 40.92
N GLY A 956 14.64 18.56 41.02
CA GLY A 956 15.72 17.98 41.78
C GLY A 956 16.85 17.51 40.88
N PHE A 957 17.68 16.62 41.43
CA PHE A 957 18.72 15.98 40.65
C PHE A 957 18.29 14.61 40.14
N LYS A 958 17.81 13.74 41.03
CA LYS A 958 17.55 12.36 40.67
C LYS A 958 16.30 12.19 39.82
N LYS A 959 15.34 13.10 39.91
CA LYS A 959 14.17 13.06 39.03
C LYS A 959 14.36 13.88 37.76
N TYR A 960 15.39 14.74 37.71
CA TYR A 960 15.70 15.47 36.48
C TYR A 960 16.49 14.60 35.53
N PHE A 961 17.61 14.04 35.99
CA PHE A 961 18.50 13.27 35.14
C PHE A 961 18.05 11.82 34.95
N THR A 962 16.81 11.48 35.27
CA THR A 962 16.24 10.19 34.96
C THR A 962 15.09 10.27 33.95
N SER A 963 14.60 11.48 33.66
CA SER A 963 13.52 11.65 32.70
C SER A 963 14.07 11.71 31.28
N LYS A 964 13.28 11.24 30.33
CA LYS A 964 13.70 11.23 28.94
C LYS A 964 13.47 12.57 28.24
N TRP A 965 12.49 13.35 28.70
CA TRP A 965 12.32 14.69 28.13
C TRP A 965 13.36 15.67 28.66
N TYR A 966 13.91 15.41 29.84
CA TYR A 966 14.91 16.29 30.42
C TYR A 966 16.32 15.99 29.94
N TRP A 967 16.61 14.74 29.58
CA TRP A 967 17.86 14.46 28.88
C TRP A 967 17.87 15.04 27.48
N LEU A 968 16.72 15.08 26.81
CA LEU A 968 16.63 15.81 25.55
C LEU A 968 16.82 17.30 25.79
N ASP A 969 16.26 17.81 26.89
CA ASP A 969 16.39 19.20 27.27
C ASP A 969 17.84 19.54 27.63
N PHE A 970 18.56 18.60 28.24
CA PHE A 970 19.91 18.88 28.71
C PHE A 970 20.92 18.91 27.57
N ILE A 971 20.68 18.17 26.48
CA ILE A 971 21.61 18.16 25.36
C ILE A 971 21.57 19.50 24.61
N VAL A 972 20.40 20.11 24.53
CA VAL A 972 20.27 21.39 23.84
C VAL A 972 20.91 22.51 24.66
N VAL A 973 20.96 22.37 25.98
CA VAL A 973 21.68 23.33 26.80
C VAL A 973 23.18 23.18 26.61
N VAL A 974 23.67 21.95 26.53
CA VAL A 974 25.09 21.70 26.31
C VAL A 974 25.50 22.13 24.90
N ALA A 975 24.62 21.92 23.92
CA ALA A 975 24.92 22.31 22.55
C ALA A 975 24.99 23.82 22.37
N TYR A 976 24.25 24.58 23.18
CA TYR A 976 24.36 26.03 23.11
C TYR A 976 25.36 26.62 24.07
N LEU A 977 25.89 25.82 25.00
CA LEU A 977 27.07 26.27 25.72
C LEU A 977 28.35 25.98 24.96
N LEU A 978 28.36 24.91 24.16
CA LEU A 978 29.53 24.60 23.37
C LEU A 978 29.68 25.60 22.22
N ASN A 979 28.58 25.95 21.55
CA ASN A 979 28.64 26.99 20.53
C ASN A 979 28.91 28.37 21.10
N PHE A 980 28.65 28.58 22.39
CA PHE A 980 28.92 29.87 22.99
C PHE A 980 30.43 30.08 23.19
N VAL A 981 31.12 29.06 23.71
CA VAL A 981 32.54 29.22 23.99
C VAL A 981 33.40 29.15 22.74
N LEU A 982 32.85 28.70 21.62
CA LEU A 982 33.56 28.81 20.35
C LEU A 982 33.49 30.23 19.81
N MET A 983 32.31 30.84 19.86
CA MET A 983 32.14 32.21 19.37
C MET A 983 32.77 33.24 20.30
N CYS A 984 33.03 32.87 21.56
CA CYS A 984 33.75 33.76 22.45
C CYS A 984 35.26 33.67 22.28
N ALA A 985 35.76 32.59 21.67
CA ALA A 985 37.19 32.45 21.39
C ALA A 985 37.36 31.82 20.01
N GLY A 986 37.40 32.64 18.97
CA GLY A 986 37.85 32.14 17.69
C GLY A 986 36.79 31.53 16.80
N ILE A 987 36.67 30.19 16.91
CA ILE A 987 36.04 29.33 15.90
C ILE A 987 34.57 29.69 15.70
N GLU A 988 34.15 29.76 14.44
CA GLU A 988 32.75 29.97 14.13
C GLU A 988 31.91 28.77 14.56
N ALA A 989 30.64 29.04 14.87
CA ALA A 989 29.81 28.05 15.53
C ALA A 989 29.36 26.96 14.58
N LEU A 990 29.35 25.73 15.08
CA LEU A 990 28.89 24.58 14.31
C LEU A 990 27.40 24.69 14.04
N GLN A 991 27.03 24.64 12.76
CA GLN A 991 25.64 24.86 12.40
C GLN A 991 24.74 23.67 12.69
N THR A 992 25.32 22.48 12.85
CA THR A 992 24.52 21.31 13.16
C THR A 992 24.04 21.33 14.60
N LEU A 993 24.87 21.83 15.52
CA LEU A 993 24.47 21.94 16.92
C LEU A 993 23.45 23.04 17.16
N ARG A 994 23.31 24.00 16.24
CA ARG A 994 22.27 25.01 16.38
C ARG A 994 20.89 24.44 16.13
N LEU A 995 20.81 23.45 15.25
CA LEU A 995 19.54 22.86 14.85
C LEU A 995 19.00 21.86 15.87
N LEU A 996 19.68 21.65 17.00
CA LEU A 996 19.16 20.73 18.01
C LEU A 996 18.01 21.32 18.81
N ARG A 997 17.67 22.60 18.64
CA ARG A 997 16.57 23.19 19.38
C ARG A 997 15.22 22.84 18.78
N VAL A 998 15.19 22.23 17.59
CA VAL A 998 13.94 21.79 16.99
C VAL A 998 13.35 20.63 17.77
N PHE A 999 14.21 19.84 18.43
CA PHE A 999 13.72 18.71 19.21
C PHE A 999 13.03 19.15 20.50
N ARG A 1000 13.21 20.41 20.92
CA ARG A 1000 12.51 20.94 22.09
C ARG A 1000 11.00 21.05 21.90
N LEU A 1001 10.51 21.07 20.66
CA LEU A 1001 9.08 21.20 20.44
C LEU A 1001 8.38 19.87 20.11
N PHE A 1002 8.91 18.75 20.57
CA PHE A 1002 8.12 17.52 20.56
C PHE A 1002 7.39 17.30 21.87
N ARG A 1003 7.80 17.97 22.94
CA ARG A 1003 7.08 17.88 24.20
C ARG A 1003 5.82 18.76 24.22
N PRO A 1004 5.81 20.01 23.72
CA PRO A 1004 4.50 20.65 23.51
C PRO A 1004 3.66 19.99 22.45
N LEU A 1005 4.25 19.23 21.54
CA LEU A 1005 3.47 18.47 20.56
C LEU A 1005 2.75 17.29 21.21
N SER A 1006 3.28 16.78 22.31
CA SER A 1006 2.69 15.62 22.98
C SER A 1006 1.51 15.98 23.87
N LYS A 1007 0.99 17.21 23.80
CA LYS A 1007 -0.04 17.68 24.72
C LYS A 1007 -1.13 18.45 23.98
N VAL A 1008 -1.53 17.97 22.80
CA VAL A 1008 -2.42 18.73 21.91
C VAL A 1008 -3.74 17.97 21.81
N ASN A 1009 -4.20 17.44 22.95
CA ASN A 1009 -5.57 16.99 23.20
C ASN A 1009 -5.93 15.68 22.49
N GLY A 1010 -5.07 15.17 21.62
CA GLY A 1010 -5.30 13.86 21.07
C GLY A 1010 -4.03 13.12 20.75
N MET A 1011 -2.88 13.75 21.03
CA MET A 1011 -1.60 13.14 20.78
C MET A 1011 -1.18 12.16 21.87
N GLN A 1012 -1.99 11.97 22.90
CA GLN A 1012 -1.72 10.94 23.90
C GLN A 1012 -1.84 9.55 23.29
N VAL A 1013 -2.80 9.33 22.40
CA VAL A 1013 -2.91 8.01 21.78
C VAL A 1013 -1.90 7.84 20.66
N VAL A 1014 -1.53 8.91 19.97
CA VAL A 1014 -0.66 8.80 18.80
C VAL A 1014 0.80 8.65 19.23
N THR A 1015 1.20 9.32 20.32
CA THR A 1015 2.57 9.15 20.77
C THR A 1015 2.77 7.92 21.63
N SER A 1016 1.72 7.41 22.28
CA SER A 1016 1.89 6.19 23.07
C SER A 1016 1.93 4.94 22.20
N THR A 1017 1.32 4.98 21.02
CA THR A 1017 1.44 3.85 20.12
C THR A 1017 2.72 3.87 19.31
N LEU A 1018 3.56 4.90 19.48
CA LEU A 1018 4.90 4.93 18.91
C LEU A 1018 5.99 4.59 19.91
N VAL A 1019 5.82 5.02 21.17
CA VAL A 1019 6.77 4.65 22.20
C VAL A 1019 6.67 3.16 22.50
N GLU A 1020 5.45 2.61 22.52
CA GLU A 1020 5.25 1.20 22.78
C GLU A 1020 5.54 0.32 21.57
N ALA A 1021 5.65 0.89 20.37
CA ALA A 1021 5.92 0.09 19.18
C ALA A 1021 7.39 -0.07 18.88
N VAL A 1022 8.25 0.80 19.40
CA VAL A 1022 9.66 0.80 19.02
C VAL A 1022 10.45 -0.44 19.47
N PRO A 1023 10.17 -1.17 20.58
CA PRO A 1023 10.85 -2.48 20.71
C PRO A 1023 10.29 -3.55 19.81
N HIS A 1024 9.05 -3.41 19.34
CA HIS A 1024 8.50 -4.36 18.39
C HIS A 1024 8.96 -4.07 16.97
N ILE A 1025 9.13 -2.78 16.64
CA ILE A 1025 9.67 -2.40 15.34
C ILE A 1025 11.13 -2.82 15.22
N PHE A 1026 11.89 -2.71 16.32
CA PHE A 1026 13.31 -3.00 16.32
C PHE A 1026 13.61 -4.49 16.14
N ASN A 1027 12.75 -5.38 16.62
CA ASN A 1027 12.93 -6.80 16.37
C ASN A 1027 12.52 -7.21 14.97
N VAL A 1028 11.65 -6.44 14.33
CA VAL A 1028 11.29 -6.73 12.94
C VAL A 1028 12.37 -6.22 11.99
N ILE A 1029 13.06 -5.13 12.37
CA ILE A 1029 14.24 -4.69 11.63
C ILE A 1029 15.33 -5.75 11.65
N LEU A 1030 15.58 -6.34 12.83
CA LEU A 1030 16.66 -7.32 12.97
C LEU A 1030 16.35 -8.61 12.22
N VAL A 1031 15.10 -9.06 12.25
CA VAL A 1031 14.70 -10.20 11.44
C VAL A 1031 14.69 -9.81 9.95
N GLY A 1032 14.39 -8.56 9.65
CA GLY A 1032 14.49 -8.09 8.27
C GLY A 1032 15.92 -8.03 7.76
N ILE A 1033 16.86 -7.55 8.59
CA ILE A 1033 18.29 -7.55 8.26
C ILE A 1033 18.82 -8.96 8.05
N PHE A 1034 18.29 -9.94 8.79
CA PHE A 1034 18.71 -11.32 8.63
C PHE A 1034 18.29 -11.90 7.28
N PHE A 1035 17.00 -11.79 6.94
CA PHE A 1035 16.52 -12.41 5.71
C PHE A 1035 17.03 -11.69 4.47
N TRP A 1036 17.25 -10.38 4.55
CA TRP A 1036 17.83 -9.71 3.40
C TRP A 1036 19.31 -10.01 3.27
N LEU A 1037 19.97 -10.42 4.36
CA LEU A 1037 21.37 -10.83 4.28
C LEU A 1037 21.56 -12.09 3.46
N VAL A 1038 20.58 -13.00 3.48
CA VAL A 1038 20.67 -14.20 2.66
C VAL A 1038 20.54 -13.85 1.19
N PHE A 1039 19.62 -12.95 0.86
CA PHE A 1039 19.50 -12.45 -0.51
C PHE A 1039 20.62 -11.50 -0.89
N ALA A 1040 21.27 -10.85 0.07
CA ALA A 1040 22.35 -9.94 -0.28
C ALA A 1040 23.61 -10.70 -0.65
N ILE A 1041 23.90 -11.79 0.06
CA ILE A 1041 25.02 -12.65 -0.31
C ILE A 1041 24.78 -13.30 -1.67
N MET A 1042 23.55 -13.75 -1.92
CA MET A 1042 23.21 -14.44 -3.16
C MET A 1042 23.25 -13.50 -4.36
N GLY A 1043 22.88 -12.23 -4.17
CA GLY A 1043 22.99 -11.26 -5.24
C GLY A 1043 24.43 -10.90 -5.56
N VAL A 1044 25.32 -10.90 -4.56
CA VAL A 1044 26.73 -10.72 -4.82
C VAL A 1044 27.29 -11.92 -5.58
N GLN A 1045 26.84 -13.12 -5.25
CA GLN A 1045 27.37 -14.29 -5.94
C GLN A 1045 26.83 -14.44 -7.35
N LEU A 1046 25.77 -13.72 -7.70
CA LEU A 1046 25.22 -13.72 -9.04
C LEU A 1046 25.65 -12.52 -9.88
N PHE A 1047 25.82 -11.32 -9.28
CA PHE A 1047 25.91 -10.11 -10.08
C PHE A 1047 27.09 -9.21 -9.71
N ALA A 1048 28.10 -9.69 -9.01
CA ALA A 1048 29.23 -8.83 -8.67
C ALA A 1048 30.18 -8.74 -9.84
N GLY A 1049 30.50 -7.51 -10.25
CA GLY A 1049 31.36 -7.28 -11.38
C GLY A 1049 30.69 -7.40 -12.73
N LYS A 1050 29.39 -7.68 -12.77
CA LYS A 1050 28.71 -7.94 -14.02
C LYS A 1050 27.84 -6.78 -14.48
N PHE A 1051 27.88 -5.64 -13.80
CA PHE A 1051 27.08 -4.48 -14.22
C PHE A 1051 27.93 -3.41 -14.88
N TYR A 1052 29.12 -3.77 -15.34
CA TYR A 1052 29.94 -2.91 -16.18
C TYR A 1052 29.48 -3.02 -17.64
N LYS A 1053 29.75 -1.96 -18.40
CA LYS A 1053 29.31 -1.87 -19.78
C LYS A 1053 30.10 -0.77 -20.47
N CYS A 1054 30.29 -0.93 -21.77
CA CYS A 1054 30.97 0.08 -22.57
C CYS A 1054 29.99 1.16 -22.99
N VAL A 1055 30.39 2.41 -22.85
CA VAL A 1055 29.49 3.53 -23.04
C VAL A 1055 30.13 4.54 -23.97
N ASP A 1056 29.30 5.33 -24.65
CA ASP A 1056 29.75 6.36 -25.58
C ASP A 1056 30.27 7.58 -24.85
N GLU A 1057 30.51 8.65 -25.61
CA GLU A 1057 31.05 9.88 -25.04
C GLU A 1057 30.03 10.60 -24.17
N ASN A 1058 28.74 10.52 -24.53
CA ASN A 1058 27.75 11.16 -23.68
C ASN A 1058 27.07 10.20 -22.69
N SER A 1059 26.23 9.29 -23.17
CA SER A 1059 25.56 8.37 -22.25
C SER A 1059 25.22 7.01 -22.83
N THR A 1060 25.58 6.71 -24.08
CA THR A 1060 24.92 5.67 -24.84
C THR A 1060 25.67 4.35 -24.74
N VAL A 1061 24.95 3.28 -24.40
CA VAL A 1061 25.53 1.95 -24.31
C VAL A 1061 25.74 1.41 -25.71
N LEU A 1062 26.96 0.95 -26.00
CA LEU A 1062 27.29 0.44 -27.32
C LEU A 1062 26.65 -0.92 -27.55
N SER A 1063 26.57 -1.30 -28.83
CA SER A 1063 26.10 -2.62 -29.17
C SER A 1063 27.22 -3.64 -28.98
N HIS A 1064 26.82 -4.89 -28.81
CA HIS A 1064 27.79 -5.96 -28.56
C HIS A 1064 28.46 -6.44 -29.84
N GLU A 1065 27.91 -6.11 -31.00
CA GLU A 1065 28.57 -6.42 -32.25
C GLU A 1065 29.79 -5.51 -32.47
N ILE A 1066 29.73 -4.29 -31.98
CA ILE A 1066 30.87 -3.38 -32.04
C ILE A 1066 31.87 -3.70 -30.93
N THR A 1067 31.43 -3.61 -29.68
CA THR A 1067 32.28 -3.83 -28.52
C THR A 1067 31.90 -5.15 -27.86
N MET A 1068 32.84 -6.09 -27.83
CA MET A 1068 32.59 -7.40 -27.23
C MET A 1068 33.05 -7.51 -25.78
N ASP A 1069 34.08 -6.78 -25.37
CA ASP A 1069 34.63 -6.92 -24.03
C ASP A 1069 35.22 -5.57 -23.60
N ARG A 1070 36.05 -5.59 -22.56
CA ARG A 1070 36.73 -4.38 -22.10
C ARG A 1070 37.94 -4.04 -22.96
N ASN A 1071 38.53 -5.03 -23.64
CA ASN A 1071 39.60 -4.77 -24.60
C ASN A 1071 39.11 -3.90 -25.75
N ASP A 1072 37.95 -4.25 -26.33
CA ASP A 1072 37.41 -3.50 -27.45
C ASP A 1072 36.94 -2.11 -27.04
N CYS A 1073 36.54 -1.94 -25.77
CA CYS A 1073 36.00 -0.67 -25.32
C CYS A 1073 37.10 0.36 -25.16
N LEU A 1074 38.25 -0.04 -24.63
CA LEU A 1074 39.34 0.90 -24.36
C LEU A 1074 40.30 1.05 -25.53
N HIS A 1075 40.30 0.09 -26.45
CA HIS A 1075 41.02 0.26 -27.70
C HIS A 1075 40.39 1.34 -28.57
N GLU A 1076 39.07 1.49 -28.51
CA GLU A 1076 38.35 2.45 -29.33
C GLU A 1076 38.08 3.75 -28.58
N ASN A 1077 38.74 3.97 -27.45
CA ASN A 1077 38.69 5.20 -26.65
C ASN A 1077 37.28 5.52 -26.14
N TYR A 1078 36.51 4.49 -25.82
CA TYR A 1078 35.26 4.70 -25.11
C TYR A 1078 35.51 4.57 -23.60
N THR A 1079 34.44 4.48 -22.82
CA THR A 1079 34.54 4.42 -21.37
C THR A 1079 33.87 3.15 -20.85
N TRP A 1080 34.60 2.40 -20.03
CA TRP A 1080 34.09 1.19 -19.38
C TRP A 1080 33.57 1.59 -18.00
N GLU A 1081 32.26 1.51 -17.80
CA GLU A 1081 31.59 2.21 -16.70
C GLU A 1081 30.70 1.26 -15.92
N ASN A 1082 30.65 1.45 -14.60
CA ASN A 1082 29.87 0.63 -13.69
C ASN A 1082 28.56 1.31 -13.36
N SER A 1083 27.57 0.52 -12.99
CA SER A 1083 26.26 1.03 -12.59
C SER A 1083 26.31 1.56 -11.15
N PRO A 1084 25.52 2.61 -10.86
CA PRO A 1084 25.49 3.13 -9.48
C PRO A 1084 24.84 2.19 -8.47
N MET A 1085 23.95 1.30 -8.90
CA MET A 1085 23.44 0.21 -8.07
C MET A 1085 23.98 -1.08 -8.66
N ASN A 1086 24.86 -1.77 -7.93
CA ASN A 1086 25.75 -2.68 -8.64
C ASN A 1086 26.00 -4.07 -8.06
N PHE A 1087 25.53 -4.40 -6.85
CA PHE A 1087 25.75 -5.71 -6.19
C PHE A 1087 27.22 -6.08 -6.02
N ASP A 1088 28.13 -5.12 -5.94
CA ASP A 1088 29.55 -5.45 -5.88
C ASP A 1088 30.02 -5.91 -4.52
N HIS A 1089 29.33 -5.51 -3.45
CA HIS A 1089 29.51 -6.09 -2.12
C HIS A 1089 28.17 -6.02 -1.41
N VAL A 1090 28.15 -6.54 -0.17
CA VAL A 1090 26.90 -6.73 0.56
C VAL A 1090 26.30 -5.39 0.97
N GLY A 1091 27.12 -4.38 1.21
CA GLY A 1091 26.61 -3.05 1.49
C GLY A 1091 25.90 -2.43 0.30
N ASN A 1092 26.46 -2.60 -0.90
CA ASN A 1092 25.79 -2.13 -2.11
C ASN A 1092 24.54 -2.95 -2.40
N ALA A 1093 24.56 -4.24 -2.06
CA ALA A 1093 23.40 -5.09 -2.28
C ALA A 1093 22.25 -4.69 -1.38
N TYR A 1094 22.53 -4.35 -0.13
CA TYR A 1094 21.52 -3.82 0.79
C TYR A 1094 20.86 -2.55 0.26
N LEU A 1095 21.64 -1.66 -0.33
CA LEU A 1095 21.05 -0.46 -0.89
C LEU A 1095 20.35 -0.76 -2.21
N SER A 1096 20.76 -1.83 -2.90
CA SER A 1096 20.04 -2.29 -4.08
C SER A 1096 18.76 -3.03 -3.71
N LEU A 1097 18.81 -3.90 -2.69
CA LEU A 1097 17.61 -4.63 -2.27
C LEU A 1097 16.57 -3.72 -1.63
N LEU A 1098 16.94 -2.53 -1.19
CA LEU A 1098 15.96 -1.59 -0.69
C LEU A 1098 15.15 -0.96 -1.82
N GLN A 1099 15.77 -0.74 -2.97
CA GLN A 1099 15.05 -0.16 -4.10
C GLN A 1099 14.13 -1.15 -4.80
N VAL A 1100 14.41 -2.45 -4.69
CA VAL A 1100 13.51 -3.43 -5.30
C VAL A 1100 12.33 -3.73 -4.37
N ALA A 1101 12.50 -3.54 -3.06
CA ALA A 1101 11.43 -3.81 -2.12
C ALA A 1101 10.46 -2.65 -1.97
N THR A 1102 10.91 -1.41 -2.16
CA THR A 1102 10.04 -0.25 -2.18
C THR A 1102 9.50 0.05 -3.57
N PHE A 1103 10.00 -0.68 -4.58
CA PHE A 1103 9.61 -0.56 -5.99
C PHE A 1103 9.92 0.83 -6.56
N LYS A 1104 10.99 1.47 -6.09
CA LYS A 1104 11.39 2.80 -6.53
C LYS A 1104 12.84 2.70 -6.96
N GLY A 1105 13.08 2.50 -8.25
CA GLY A 1105 14.42 2.27 -8.77
C GLY A 1105 14.67 0.87 -9.24
N TRP A 1106 13.68 -0.01 -9.09
CA TRP A 1106 13.84 -1.44 -9.29
C TRP A 1106 13.94 -1.82 -10.76
N LEU A 1107 13.51 -0.93 -11.66
CA LEU A 1107 13.51 -1.24 -13.09
C LEU A 1107 14.90 -1.18 -13.70
N GLN A 1108 15.78 -0.32 -13.19
CA GLN A 1108 17.13 -0.25 -13.71
C GLN A 1108 18.03 -1.33 -13.12
N ILE A 1109 17.77 -1.71 -11.87
CA ILE A 1109 18.52 -2.81 -11.24
C ILE A 1109 18.19 -4.14 -11.91
N MET A 1110 16.95 -4.32 -12.35
CA MET A 1110 16.53 -5.56 -12.98
C MET A 1110 16.84 -5.61 -14.46
N ASN A 1111 17.12 -4.48 -15.10
CA ASN A 1111 17.67 -4.51 -16.45
C ASN A 1111 19.10 -5.03 -16.44
N ASP A 1112 19.91 -4.55 -15.51
CA ASP A 1112 21.31 -4.95 -15.41
C ASP A 1112 21.45 -6.42 -15.05
N ALA A 1113 20.50 -6.97 -14.30
CA ALA A 1113 20.57 -8.37 -13.88
C ALA A 1113 20.26 -9.32 -15.02
N ILE A 1114 19.29 -8.97 -15.87
CA ILE A 1114 18.94 -9.86 -16.98
C ILE A 1114 19.78 -9.60 -18.22
N ASP A 1115 20.63 -8.58 -18.21
CA ASP A 1115 21.56 -8.40 -19.32
C ASP A 1115 22.95 -8.92 -19.01
N SER A 1116 23.19 -9.36 -17.78
CA SER A 1116 24.53 -9.72 -17.32
C SER A 1116 25.00 -11.02 -17.97
N ARG A 1117 26.25 -11.04 -18.41
CA ARG A 1117 26.82 -12.21 -19.05
C ARG A 1117 27.94 -12.86 -18.23
N GLU A 1118 29.00 -12.11 -17.98
CA GLU A 1118 30.24 -12.59 -17.38
C GLU A 1118 31.07 -11.34 -17.11
N VAL A 1119 32.05 -11.46 -16.22
CA VAL A 1119 32.94 -10.35 -15.95
C VAL A 1119 33.76 -10.04 -17.20
N HIS A 1120 33.94 -8.74 -17.47
CA HIS A 1120 34.62 -8.18 -18.64
C HIS A 1120 33.97 -8.55 -19.97
N LYS A 1121 32.66 -8.73 -20.00
CA LYS A 1121 31.95 -8.88 -21.26
C LYS A 1121 30.87 -7.81 -21.37
N GLN A 1122 30.62 -7.37 -22.59
CA GLN A 1122 29.60 -6.36 -22.82
C GLN A 1122 28.21 -6.98 -22.66
N PRO A 1123 27.34 -6.39 -21.85
CA PRO A 1123 26.01 -6.98 -21.65
C PRO A 1123 25.10 -6.87 -22.87
N ILE A 1124 24.30 -7.91 -23.06
CA ILE A 1124 23.38 -8.05 -24.18
C ILE A 1124 21.98 -8.14 -23.59
N ARG A 1125 21.00 -7.45 -24.20
CA ARG A 1125 19.71 -7.29 -23.54
C ARG A 1125 18.93 -8.61 -23.52
N GLU A 1126 18.44 -8.96 -22.32
CA GLU A 1126 17.65 -10.17 -22.04
C GLU A 1126 18.41 -11.44 -22.40
N THR A 1127 19.66 -11.53 -21.95
CA THR A 1127 20.46 -12.70 -22.26
C THR A 1127 20.37 -13.78 -21.19
N ASN A 1128 20.01 -13.44 -19.96
CA ASN A 1128 19.51 -14.40 -18.98
C ASN A 1128 18.27 -13.79 -18.33
N ILE A 1129 17.13 -14.01 -18.97
CA ILE A 1129 15.87 -13.42 -18.54
C ILE A 1129 15.25 -14.18 -17.38
N TYR A 1130 15.80 -15.34 -17.03
CA TYR A 1130 15.34 -16.07 -15.87
C TYR A 1130 15.90 -15.54 -14.56
N MET A 1131 16.70 -14.47 -14.59
CA MET A 1131 17.10 -13.78 -13.37
C MET A 1131 15.94 -13.00 -12.74
N TYR A 1132 14.81 -12.87 -13.45
CA TYR A 1132 13.57 -12.38 -12.86
C TYR A 1132 13.11 -13.25 -11.70
N LEU A 1133 13.45 -14.55 -11.71
CA LEU A 1133 13.03 -15.45 -10.64
C LEU A 1133 13.68 -15.09 -9.31
N TYR A 1134 14.89 -14.54 -9.35
CA TYR A 1134 15.53 -13.99 -8.16
C TYR A 1134 14.70 -12.87 -7.56
N PHE A 1135 14.16 -11.99 -8.39
CA PHE A 1135 13.48 -10.82 -7.88
C PHE A 1135 12.06 -11.12 -7.44
N ILE A 1136 11.38 -12.07 -8.09
CA ILE A 1136 10.06 -12.50 -7.64
C ILE A 1136 10.14 -13.12 -6.26
N PHE A 1137 11.16 -13.96 -6.03
CA PHE A 1137 11.30 -14.65 -4.76
C PHE A 1137 11.65 -13.69 -3.64
N PHE A 1138 12.36 -12.60 -3.94
CA PHE A 1138 12.65 -11.60 -2.92
C PHE A 1138 11.46 -10.70 -2.62
N ILE A 1139 10.69 -10.31 -3.65
CA ILE A 1139 9.55 -9.43 -3.44
C ILE A 1139 8.46 -10.14 -2.62
N VAL A 1140 8.30 -11.44 -2.83
CA VAL A 1140 7.31 -12.18 -2.04
C VAL A 1140 7.75 -12.31 -0.58
N PHE A 1141 9.02 -12.67 -0.35
CA PHE A 1141 9.47 -12.93 1.01
C PHE A 1141 10.11 -11.73 1.70
N GLY A 1142 10.46 -10.69 0.98
CA GLY A 1142 11.04 -9.52 1.62
C GLY A 1142 10.16 -8.29 1.59
N SER A 1143 9.40 -8.11 0.52
CA SER A 1143 8.53 -6.94 0.42
C SER A 1143 7.11 -7.26 0.88
N PHE A 1144 6.54 -8.36 0.38
CA PHE A 1144 5.15 -8.69 0.69
C PHE A 1144 4.98 -9.28 2.07
N PHE A 1145 6.04 -9.58 2.77
CA PHE A 1145 5.94 -10.30 4.03
C PHE A 1145 6.65 -9.59 5.18
N ILE A 1146 7.76 -8.92 4.93
CA ILE A 1146 8.51 -8.26 5.99
C ILE A 1146 8.06 -6.81 6.16
N LEU A 1147 7.80 -6.10 5.07
CA LEU A 1147 7.43 -4.69 5.19
C LEU A 1147 5.98 -4.51 5.60
N LYS A 1148 5.11 -5.43 5.24
CA LYS A 1148 3.72 -5.39 5.70
C LYS A 1148 3.55 -5.87 7.13
N LEU A 1149 4.63 -6.36 7.73
CA LEU A 1149 4.62 -6.76 9.13
C LEU A 1149 4.73 -5.56 10.06
N PHE A 1150 5.14 -4.40 9.54
CA PHE A 1150 5.09 -3.17 10.31
C PHE A 1150 3.65 -2.68 10.48
N VAL A 1151 2.79 -2.96 9.50
CA VAL A 1151 1.38 -2.56 9.60
C VAL A 1151 0.68 -3.37 10.67
N CYS A 1152 1.04 -4.66 10.78
CA CYS A 1152 0.50 -5.54 11.81
C CYS A 1152 0.87 -5.09 13.21
N ILE A 1153 2.03 -4.46 13.38
CA ILE A 1153 2.46 -4.01 14.70
C ILE A 1153 1.63 -2.84 15.17
N LEU A 1154 1.51 -1.80 14.32
CA LEU A 1154 0.80 -0.59 14.73
C LEU A 1154 -0.69 -0.83 14.88
N ILE A 1155 -1.25 -1.81 14.18
CA ILE A 1155 -2.65 -2.16 14.37
C ILE A 1155 -2.88 -2.76 15.77
N ASP A 1156 -1.99 -3.65 16.21
CA ASP A 1156 -2.18 -4.31 17.49
C ASP A 1156 -1.92 -3.38 18.67
N ILE A 1157 -0.94 -2.48 18.55
CA ILE A 1157 -0.63 -1.59 19.67
C ILE A 1157 -1.68 -0.50 19.81
N PHE A 1158 -2.22 0.00 18.69
CA PHE A 1158 -3.21 1.07 18.77
C PHE A 1158 -4.57 0.57 19.28
N ARG A 1159 -4.89 -0.72 19.11
CA ARG A 1159 -6.03 -1.28 19.80
C ARG A 1159 -5.86 -1.21 21.31
N GLN A 1160 -4.63 -1.41 21.79
CA GLN A 1160 -4.36 -1.39 23.22
C GLN A 1160 -4.33 0.02 23.78
N GLN A 1161 -3.69 0.95 23.07
CA GLN A 1161 -3.50 2.29 23.60
C GLN A 1161 -4.75 3.14 23.51
N ARG A 1162 -5.71 2.77 22.68
CA ARG A 1162 -6.99 3.45 22.69
C ARG A 1162 -7.91 2.88 23.77
N ARG A 1163 -7.81 1.58 24.04
CA ARG A 1163 -8.53 0.99 25.16
C ARG A 1163 -8.03 1.52 26.50
N LYS A 1164 -6.73 1.85 26.58
CA LYS A 1164 -6.19 2.46 27.80
C LYS A 1164 -6.67 3.89 27.99
N ALA A 1165 -6.79 4.65 26.90
CA ALA A 1165 -7.06 6.08 27.02
C ALA A 1165 -8.52 6.36 27.36
N GLU A 1166 -9.42 5.44 26.98
CA GLU A 1166 -10.84 5.67 27.24
C GLU A 1166 -11.26 5.15 28.60
N GLY A 1167 -10.33 4.74 29.45
CA GLY A 1167 -10.63 4.24 30.77
C GLY A 1167 -11.05 2.79 30.82
N LEU A 1168 -11.05 2.10 29.70
CA LEU A 1168 -11.51 0.73 29.63
C LEU A 1168 -10.47 -0.21 30.23
N SER A 1169 -10.92 -1.42 30.57
CA SER A 1169 -10.08 -2.44 31.16
C SER A 1169 -9.62 -3.43 30.10
N ALA A 1170 -8.48 -4.06 30.36
CA ALA A 1170 -7.96 -5.07 29.44
C ALA A 1170 -8.37 -6.46 29.92
N THR A 1171 -9.37 -6.52 30.79
CA THR A 1171 -9.85 -7.79 31.31
C THR A 1171 -11.31 -8.05 31.01
N ASP A 1172 -12.04 -7.09 30.45
CA ASP A 1172 -13.40 -7.34 29.98
C ASP A 1172 -13.36 -7.87 28.55
N SER A 1173 -14.26 -8.79 28.25
CA SER A 1173 -14.36 -9.35 26.91
C SER A 1173 -14.97 -8.34 25.95
N ARG A 1174 -14.92 -8.68 24.66
CA ARG A 1174 -15.47 -7.80 23.63
C ARG A 1174 -16.98 -7.65 23.74
N THR A 1175 -17.67 -8.70 24.19
CA THR A 1175 -19.11 -8.61 24.36
C THR A 1175 -19.49 -7.77 25.58
N GLN A 1176 -18.63 -7.73 26.59
CA GLN A 1176 -18.89 -6.88 27.75
C GLN A 1176 -18.66 -5.40 27.45
N LEU A 1177 -17.87 -5.09 26.41
CA LEU A 1177 -17.59 -3.71 26.06
C LEU A 1177 -18.59 -3.15 25.05
N ILE A 1178 -19.26 -4.02 24.30
CA ILE A 1178 -20.41 -3.60 23.52
C ILE A 1178 -21.53 -3.16 24.46
N TYR A 1179 -21.67 -3.86 25.58
CA TYR A 1179 -22.73 -3.55 26.54
C TYR A 1179 -22.42 -2.28 27.29
N ARG A 1180 -21.14 -1.99 27.52
CA ARG A 1180 -20.75 -0.80 28.27
C ARG A 1180 -20.89 0.46 27.42
N ARG A 1181 -20.55 0.36 26.13
CA ARG A 1181 -20.72 1.49 25.21
C ARG A 1181 -22.17 1.88 25.03
N ALA A 1182 -23.09 0.91 25.06
CA ALA A 1182 -24.50 1.23 24.94
C ALA A 1182 -25.05 1.89 26.20
N VAL A 1183 -24.40 1.72 27.34
CA VAL A 1183 -24.82 2.38 28.57
C VAL A 1183 -24.19 3.76 28.72
N MET A 1184 -22.95 3.95 28.24
CA MET A 1184 -22.33 5.26 28.32
C MET A 1184 -23.02 6.28 27.42
N ARG A 1185 -23.68 5.82 26.36
CA ARG A 1185 -24.30 6.74 25.42
C ARG A 1185 -25.68 7.18 25.86
N THR A 1186 -26.45 6.31 26.52
CA THR A 1186 -27.76 6.72 27.01
C THR A 1186 -27.67 7.69 28.17
N MET A 1187 -26.57 7.71 28.91
CA MET A 1187 -26.40 8.64 30.02
C MET A 1187 -25.84 9.98 29.59
N SER A 1188 -25.27 10.06 28.39
CA SER A 1188 -24.76 11.31 27.85
C SER A 1188 -25.67 11.88 26.77
N ALA A 1189 -26.97 11.64 26.87
CA ALA A 1189 -27.93 11.99 25.84
C ALA A 1189 -28.90 13.05 26.35
N LYS A 1190 -29.14 14.07 25.52
CA LYS A 1190 -30.03 15.17 25.84
C LYS A 1190 -31.01 15.39 24.70
N PRO A 1191 -32.25 15.76 25.00
CA PRO A 1191 -33.21 16.08 23.93
C PRO A 1191 -32.85 17.38 23.23
N VAL A 1192 -33.15 17.42 21.94
CA VAL A 1192 -32.78 18.55 21.09
C VAL A 1192 -33.96 19.50 20.99
N LYS A 1193 -33.71 20.77 21.29
CA LYS A 1193 -34.75 21.78 21.26
C LYS A 1193 -35.03 22.22 19.83
N ARG A 1194 -36.32 22.34 19.49
CA ARG A 1194 -36.73 22.64 18.13
C ARG A 1194 -36.58 24.13 17.85
N ILE A 1195 -36.28 24.45 16.59
CA ILE A 1195 -36.18 25.85 16.16
C ILE A 1195 -37.56 26.49 16.19
N PRO A 1196 -37.75 27.62 16.86
CA PRO A 1196 -39.10 28.16 17.06
C PRO A 1196 -39.71 28.76 15.82
N LYS A 1197 -41.03 28.56 15.67
CA LYS A 1197 -41.85 29.10 14.59
C LYS A 1197 -42.41 30.47 14.98
N PRO A 1198 -42.21 31.46 14.13
CA PRO A 1198 -42.64 32.83 14.40
C PRO A 1198 -44.13 33.08 14.21
N THR A 1199 -44.53 34.32 14.46
CA THR A 1199 -45.93 34.71 14.40
C THR A 1199 -46.48 35.64 13.33
N CYS A 1200 -45.64 36.53 12.82
CA CYS A 1200 -46.04 37.41 11.75
C CYS A 1200 -46.34 36.51 10.57
N HIS A 1201 -47.38 36.80 9.81
CA HIS A 1201 -47.77 35.98 8.67
C HIS A 1201 -46.73 35.92 7.54
N PRO A 1202 -46.09 37.10 7.22
CA PRO A 1202 -45.12 36.99 6.12
C PRO A 1202 -43.90 36.09 6.37
N GLN A 1203 -43.33 36.15 7.58
CA GLN A 1203 -42.14 35.35 7.89
C GLN A 1203 -42.39 33.99 8.53
N SER A 1204 -43.66 33.63 8.75
CA SER A 1204 -43.98 32.36 9.37
C SER A 1204 -44.15 31.26 8.32
N LEU A 1205 -44.74 31.65 7.19
CA LEU A 1205 -44.96 30.76 6.05
C LEU A 1205 -43.57 30.40 5.56
N MET A 1206 -42.70 31.40 5.58
CA MET A 1206 -41.32 31.27 5.12
C MET A 1206 -40.55 30.29 6.01
N TYR A 1207 -40.97 30.12 7.26
CA TYR A 1207 -40.41 29.09 8.12
C TYR A 1207 -40.99 27.72 7.80
N ASP A 1208 -42.28 27.68 7.45
CA ASP A 1208 -42.96 26.41 7.27
C ASP A 1208 -42.50 25.70 6.00
N ILE A 1209 -42.20 26.46 4.95
CA ILE A 1209 -41.70 25.86 3.72
C ILE A 1209 -40.20 25.60 3.81
N SER A 1210 -39.52 26.22 4.78
CA SER A 1210 -38.08 26.00 4.93
C SER A 1210 -37.79 24.64 5.54
N VAL A 1211 -38.56 24.22 6.55
CA VAL A 1211 -38.32 22.98 7.27
C VAL A 1211 -38.91 21.78 6.55
N ASN A 1212 -39.61 21.99 5.44
CA ASN A 1212 -40.24 20.92 4.69
C ASN A 1212 -39.18 20.04 4.03
N ARG A 1213 -39.40 18.72 4.10
CA ARG A 1213 -38.44 17.79 3.51
C ARG A 1213 -38.50 17.78 1.99
N LYS A 1214 -39.65 18.13 1.41
CA LYS A 1214 -39.74 18.20 -0.04
C LYS A 1214 -39.00 19.41 -0.59
N PHE A 1215 -38.86 20.46 0.22
CA PHE A 1215 -38.03 21.59 -0.16
C PHE A 1215 -36.56 21.25 -0.02
N GLU A 1216 -36.20 20.47 1.00
CA GLU A 1216 -34.80 20.12 1.22
C GLU A 1216 -34.30 19.07 0.23
N TYR A 1217 -35.21 18.33 -0.41
CA TYR A 1217 -34.80 17.36 -1.42
C TYR A 1217 -34.54 18.04 -2.76
N THR A 1218 -35.43 18.94 -3.18
CA THR A 1218 -35.25 19.63 -4.44
C THR A 1218 -34.16 20.70 -4.34
N MET A 1219 -33.77 21.09 -3.13
CA MET A 1219 -32.60 21.93 -2.96
C MET A 1219 -31.32 21.14 -3.24
N MET A 1220 -31.36 19.83 -3.00
CA MET A 1220 -30.19 19.00 -3.23
C MET A 1220 -30.08 18.56 -4.69
N ILE A 1221 -31.20 18.41 -5.39
CA ILE A 1221 -31.15 18.03 -6.79
C ILE A 1221 -30.55 19.15 -7.63
N LEU A 1222 -30.83 20.40 -7.27
CA LEU A 1222 -30.31 21.52 -8.05
C LEU A 1222 -28.84 21.79 -7.78
N ILE A 1223 -28.29 21.28 -6.68
CA ILE A 1223 -26.85 21.35 -6.47
C ILE A 1223 -26.13 20.31 -7.32
N ILE A 1224 -26.70 19.10 -7.41
CA ILE A 1224 -26.14 18.05 -8.26
C ILE A 1224 -26.24 18.43 -9.73
N LEU A 1225 -27.32 19.13 -10.11
CA LEU A 1225 -27.42 19.60 -11.49
C LEU A 1225 -26.46 20.75 -11.78
N ASN A 1226 -26.14 21.57 -10.77
CA ASN A 1226 -25.22 22.68 -11.00
C ASN A 1226 -23.78 22.21 -11.19
N VAL A 1227 -23.45 21.02 -10.72
CA VAL A 1227 -22.08 20.52 -10.75
C VAL A 1227 -21.88 19.45 -11.83
N ALA A 1228 -22.93 18.75 -12.24
CA ALA A 1228 -22.84 17.92 -13.43
C ALA A 1228 -22.65 18.75 -14.69
N VAL A 1229 -23.14 20.00 -14.70
CA VAL A 1229 -22.85 20.92 -15.79
C VAL A 1229 -21.37 21.31 -15.81
N MET A 1230 -20.73 21.35 -14.64
CA MET A 1230 -19.29 21.63 -14.61
C MET A 1230 -18.47 20.46 -15.17
N ALA A 1231 -19.02 19.25 -15.15
CA ALA A 1231 -18.29 18.08 -15.63
C ALA A 1231 -18.26 17.97 -17.14
N ILE A 1232 -19.00 18.80 -17.88
CA ILE A 1232 -18.93 18.77 -19.33
C ILE A 1232 -18.22 20.00 -19.88
N ASP A 1233 -17.44 20.68 -19.05
CA ASP A 1233 -16.47 21.65 -19.55
C ASP A 1233 -15.24 20.92 -20.05
N HIS A 1234 -14.82 21.24 -21.27
CA HIS A 1234 -13.62 20.67 -21.84
C HIS A 1234 -12.74 21.78 -22.38
N TYR A 1235 -11.46 21.47 -22.58
CA TYR A 1235 -10.52 22.47 -23.05
C TYR A 1235 -10.64 22.63 -24.56
N GLY A 1236 -10.78 23.88 -25.00
CA GLY A 1236 -10.95 24.18 -26.40
C GLY A 1236 -12.38 24.26 -26.87
N GLN A 1237 -13.33 24.44 -25.96
CA GLN A 1237 -14.73 24.49 -26.32
C GLN A 1237 -15.06 25.80 -27.03
N SER A 1238 -16.04 25.75 -27.91
CA SER A 1238 -16.40 26.90 -28.74
C SER A 1238 -17.02 28.00 -27.89
N MET A 1239 -16.97 29.22 -28.44
CA MET A 1239 -17.49 30.38 -27.71
C MET A 1239 -19.01 30.33 -27.61
N GLU A 1240 -19.67 29.70 -28.58
CA GLU A 1240 -21.11 29.50 -28.50
C GLU A 1240 -21.49 28.42 -27.49
N PHE A 1241 -20.57 27.50 -27.18
CA PHE A 1241 -20.84 26.50 -26.16
C PHE A 1241 -20.79 27.12 -24.78
N SER A 1242 -19.82 28.02 -24.55
CA SER A 1242 -19.67 28.65 -23.24
C SER A 1242 -20.75 29.70 -22.98
N GLU A 1243 -21.36 30.25 -24.02
CA GLU A 1243 -22.46 31.19 -23.82
C GLU A 1243 -23.74 30.48 -23.43
N VAL A 1244 -23.91 29.22 -23.83
CA VAL A 1244 -25.05 28.43 -23.37
C VAL A 1244 -24.91 28.12 -21.89
N LEU A 1245 -23.71 27.72 -21.45
CA LEU A 1245 -23.49 27.31 -20.08
C LEU A 1245 -23.35 28.47 -19.11
N ASP A 1246 -23.26 29.71 -19.60
CA ASP A 1246 -23.24 30.87 -18.71
C ASP A 1246 -24.57 31.58 -18.64
N TYR A 1247 -25.50 31.27 -19.54
CA TYR A 1247 -26.89 31.65 -19.35
C TYR A 1247 -27.63 30.64 -18.50
N LEU A 1248 -27.21 29.37 -18.58
CA LEU A 1248 -27.77 28.35 -17.71
C LEU A 1248 -27.20 28.48 -16.30
N ASN A 1249 -26.01 29.06 -16.16
CA ASN A 1249 -25.47 29.31 -14.83
C ASN A 1249 -26.20 30.46 -14.14
N LEU A 1250 -26.73 31.41 -14.91
CA LEU A 1250 -27.37 32.57 -14.31
C LEU A 1250 -28.72 32.21 -13.71
N ILE A 1251 -29.47 31.29 -14.33
CA ILE A 1251 -30.76 30.90 -13.76
C ILE A 1251 -30.60 29.99 -12.55
N PHE A 1252 -29.41 29.44 -12.32
CA PHE A 1252 -29.14 28.73 -11.08
C PHE A 1252 -28.72 29.65 -9.95
N ILE A 1253 -28.14 30.81 -10.24
CA ILE A 1253 -27.78 31.74 -9.17
C ILE A 1253 -29.03 32.39 -8.61
N ILE A 1254 -30.01 32.66 -9.46
CA ILE A 1254 -31.22 33.34 -9.00
C ILE A 1254 -32.12 32.39 -8.22
N ILE A 1255 -32.01 31.08 -8.48
CA ILE A 1255 -32.75 30.10 -7.67
C ILE A 1255 -32.08 29.94 -6.30
N PHE A 1256 -30.75 29.85 -6.28
CA PHE A 1256 -30.02 29.69 -5.03
C PHE A 1256 -30.04 30.96 -4.19
N PHE A 1257 -30.38 32.09 -4.79
CA PHE A 1257 -30.62 33.33 -4.05
C PHE A 1257 -32.00 33.33 -3.43
N VAL A 1258 -32.99 32.73 -4.09
CA VAL A 1258 -34.33 32.65 -3.52
C VAL A 1258 -34.34 31.72 -2.31
N GLU A 1259 -33.80 30.51 -2.45
CA GLU A 1259 -33.84 29.56 -1.36
C GLU A 1259 -32.87 29.94 -0.23
N CYS A 1260 -31.94 30.85 -0.45
CA CYS A 1260 -31.13 31.37 0.63
C CYS A 1260 -31.88 32.41 1.44
N VAL A 1261 -32.76 33.19 0.82
CA VAL A 1261 -33.47 34.24 1.56
C VAL A 1261 -34.76 33.70 2.18
N ILE A 1262 -35.32 32.60 1.66
CA ILE A 1262 -36.38 31.91 2.36
C ILE A 1262 -35.85 31.30 3.65
N LYS A 1263 -34.65 30.74 3.60
CA LYS A 1263 -34.01 30.15 4.76
C LYS A 1263 -33.38 31.17 5.70
N VAL A 1264 -33.54 32.47 5.44
CA VAL A 1264 -33.11 33.50 6.37
C VAL A 1264 -34.30 34.31 6.89
N SER A 1265 -35.28 34.60 6.02
CA SER A 1265 -36.53 35.24 6.45
C SER A 1265 -37.28 34.34 7.42
N GLY A 1266 -37.80 33.22 6.94
CA GLY A 1266 -38.09 32.13 7.84
C GLY A 1266 -36.80 31.46 8.25
N LEU A 1267 -36.82 30.80 9.42
CA LEU A 1267 -35.66 30.10 9.98
C LEU A 1267 -34.49 31.06 10.19
N ARG A 1268 -34.57 31.89 11.23
CA ARG A 1268 -33.65 32.99 11.49
C ARG A 1268 -32.28 32.49 11.96
N HIS A 1269 -31.56 33.33 12.74
CA HIS A 1269 -30.14 33.20 13.14
C HIS A 1269 -29.63 31.81 13.50
N HIS A 1270 -30.54 30.88 13.83
CA HIS A 1270 -30.24 29.45 13.82
C HIS A 1270 -29.74 28.93 12.46
N TYR A 1271 -30.01 29.66 11.37
CA TYR A 1271 -29.51 29.33 10.04
C TYR A 1271 -28.00 29.19 10.00
N PHE A 1272 -27.29 30.03 10.76
CA PHE A 1272 -25.84 30.07 10.71
C PHE A 1272 -25.17 29.08 11.67
N LYS A 1273 -25.93 28.10 12.18
CA LYS A 1273 -25.34 27.06 13.01
C LYS A 1273 -25.06 25.78 12.24
N ASP A 1274 -25.82 25.50 11.18
CA ASP A 1274 -25.55 24.39 10.29
C ASP A 1274 -24.29 24.71 9.49
N PRO A 1275 -23.24 23.88 9.53
CA PRO A 1275 -21.99 24.23 8.84
C PRO A 1275 -22.06 24.28 7.33
N TRP A 1276 -23.11 23.73 6.72
CA TRP A 1276 -23.24 23.79 5.28
C TRP A 1276 -24.08 24.97 4.80
N ASN A 1277 -24.82 25.63 5.68
CA ASN A 1277 -25.50 26.85 5.28
C ASN A 1277 -24.58 28.04 5.19
N ILE A 1278 -23.37 27.94 5.73
CA ILE A 1278 -22.39 29.00 5.58
C ILE A 1278 -21.86 29.02 4.15
N ILE A 1279 -21.49 27.85 3.64
CA ILE A 1279 -20.98 27.73 2.28
C ILE A 1279 -22.10 27.97 1.26
N ASP A 1280 -23.33 27.57 1.57
CA ASP A 1280 -24.47 27.95 0.74
C ASP A 1280 -24.69 29.46 0.75
N PHE A 1281 -24.31 30.15 1.82
CA PHE A 1281 -24.46 31.60 1.86
C PHE A 1281 -23.27 32.30 1.21
N LEU A 1282 -22.05 31.82 1.49
CA LEU A 1282 -20.85 32.48 0.96
C LEU A 1282 -20.74 32.36 -0.54
N TYR A 1283 -21.30 31.31 -1.14
CA TYR A 1283 -21.24 31.20 -2.59
C TYR A 1283 -22.21 32.17 -3.26
N VAL A 1284 -23.43 32.27 -2.74
CA VAL A 1284 -24.45 33.09 -3.38
C VAL A 1284 -24.12 34.57 -3.26
N VAL A 1285 -23.41 34.98 -2.21
CA VAL A 1285 -22.98 36.37 -2.09
C VAL A 1285 -21.89 36.68 -3.12
N LEU A 1286 -20.90 35.79 -3.24
CA LEU A 1286 -19.81 36.02 -4.19
C LEU A 1286 -20.25 35.81 -5.63
N ALA A 1287 -21.31 35.04 -5.88
CA ALA A 1287 -21.82 34.88 -7.23
C ALA A 1287 -22.62 36.09 -7.69
N ILE A 1288 -23.35 36.75 -6.78
CA ILE A 1288 -24.02 38.00 -7.13
C ILE A 1288 -23.00 39.11 -7.28
N ALA A 1289 -21.93 39.10 -6.47
CA ALA A 1289 -20.90 40.12 -6.56
C ALA A 1289 -20.09 39.97 -7.85
N GLY A 1290 -19.90 38.73 -8.31
CA GLY A 1290 -19.18 38.51 -9.56
C GLY A 1290 -19.96 38.88 -10.80
N LEU A 1291 -21.29 38.93 -10.71
CA LEU A 1291 -22.12 39.30 -11.85
C LEU A 1291 -22.57 40.75 -11.82
N MET A 1292 -22.75 41.30 -10.62
CA MET A 1292 -23.15 42.69 -10.47
C MET A 1292 -21.95 43.61 -10.71
N LEU A 1293 -22.03 44.84 -10.21
CA LEU A 1293 -20.95 45.81 -10.36
C LEU A 1293 -20.41 45.81 -11.78
N SER A 1294 -21.03 46.61 -12.64
CA SER A 1294 -20.62 46.72 -14.04
C SER A 1294 -19.12 46.94 -14.19
N ASP A 1295 -18.56 47.80 -13.35
CA ASP A 1295 -17.13 48.10 -13.41
C ASP A 1295 -16.36 46.99 -12.70
N VAL A 1296 -16.26 45.82 -13.34
CA VAL A 1296 -15.47 44.73 -12.77
C VAL A 1296 -14.00 45.09 -12.92
N ILE A 1297 -13.29 45.12 -11.79
CA ILE A 1297 -11.93 45.65 -11.71
C ILE A 1297 -10.96 44.73 -12.42
N GLU A 1298 -11.03 43.42 -12.09
CA GLU A 1298 -10.23 42.30 -12.60
C GLU A 1298 -8.75 42.36 -12.18
N LYS A 1299 -8.36 43.40 -11.45
CA LYS A 1299 -7.05 43.42 -10.81
C LYS A 1299 -7.16 42.73 -9.46
N TYR A 1300 -6.82 41.43 -9.42
CA TYR A 1300 -6.86 40.52 -8.27
C TYR A 1300 -8.16 40.54 -7.46
N PHE A 1301 -9.28 40.94 -8.09
CA PHE A 1301 -10.52 41.25 -7.39
C PHE A 1301 -11.16 40.04 -6.72
N ILE A 1302 -11.66 39.10 -7.51
CA ILE A 1302 -12.22 37.83 -7.02
C ILE A 1302 -11.72 36.77 -7.99
N SER A 1303 -11.05 35.74 -7.47
CA SER A 1303 -10.52 34.67 -8.28
C SER A 1303 -11.63 33.87 -8.92
N PRO A 1304 -11.56 33.59 -10.22
CA PRO A 1304 -12.53 32.69 -10.85
C PRO A 1304 -12.32 31.25 -10.38
N THR A 1305 -11.10 30.94 -9.94
CA THR A 1305 -10.83 29.67 -9.27
C THR A 1305 -11.56 29.59 -7.94
N LEU A 1306 -11.55 30.66 -7.15
CA LEU A 1306 -12.16 30.64 -5.82
C LEU A 1306 -13.68 30.58 -5.92
N LEU A 1307 -14.24 31.05 -7.04
CA LEU A 1307 -15.68 30.95 -7.22
C LEU A 1307 -16.08 29.53 -7.61
N ARG A 1308 -15.23 28.84 -8.38
CA ARG A 1308 -15.56 27.51 -8.85
C ARG A 1308 -15.27 26.43 -7.80
N ILE A 1309 -14.47 26.73 -6.79
CA ILE A 1309 -14.29 25.78 -5.70
C ILE A 1309 -15.49 25.78 -4.78
N LEU A 1310 -16.16 26.93 -4.63
CA LEU A 1310 -17.34 27.00 -3.76
C LEU A 1310 -18.56 26.34 -4.41
N ARG A 1311 -18.64 26.28 -5.74
CA ARG A 1311 -19.68 25.48 -6.39
C ARG A 1311 -19.53 24.01 -6.09
N ILE A 1312 -18.30 23.51 -6.11
CA ILE A 1312 -18.09 22.08 -5.95
C ILE A 1312 -18.14 21.69 -4.48
N LEU A 1313 -17.82 22.62 -3.58
CA LEU A 1313 -17.78 22.28 -2.16
C LEU A 1313 -19.17 22.13 -1.56
N ARG A 1314 -20.22 22.58 -2.24
CA ARG A 1314 -21.59 22.41 -1.77
C ARG A 1314 -22.16 21.03 -2.05
N VAL A 1315 -21.43 20.18 -2.79
CA VAL A 1315 -21.91 18.83 -3.07
C VAL A 1315 -21.83 17.94 -1.83
N GLY A 1316 -21.00 18.33 -0.85
CA GLY A 1316 -20.86 17.59 0.39
C GLY A 1316 -22.10 17.53 1.26
N ARG A 1317 -23.17 18.25 0.91
CA ARG A 1317 -24.49 18.00 1.49
C ARG A 1317 -24.98 16.59 1.21
N LEU A 1318 -24.56 15.99 0.09
CA LEU A 1318 -25.02 14.66 -0.28
C LEU A 1318 -24.44 13.57 0.64
N LEU A 1319 -23.40 13.88 1.42
CA LEU A 1319 -22.93 12.96 2.44
C LEU A 1319 -23.93 12.83 3.58
N ARG A 1320 -24.84 13.78 3.73
CA ARG A 1320 -25.92 13.68 4.71
C ARG A 1320 -27.06 12.80 4.20
N TYR A 1321 -27.30 12.81 2.90
CA TYR A 1321 -28.34 11.99 2.30
C TYR A 1321 -27.88 10.57 2.02
N PHE A 1322 -26.59 10.28 2.18
CA PHE A 1322 -26.09 8.93 2.14
C PHE A 1322 -26.29 8.20 3.46
N GLN A 1323 -26.85 8.86 4.46
CA GLN A 1323 -27.15 8.27 5.76
C GLN A 1323 -28.47 7.51 5.76
N SER A 1324 -29.04 7.24 4.59
CA SER A 1324 -30.17 6.34 4.44
C SER A 1324 -29.74 4.93 4.06
N ALA A 1325 -28.77 4.81 3.15
CA ALA A 1325 -28.18 3.52 2.85
C ALA A 1325 -27.37 3.04 4.04
N ARG A 1326 -27.50 1.75 4.36
CA ARG A 1326 -26.95 1.22 5.60
C ARG A 1326 -25.43 1.18 5.56
N GLY A 1327 -24.86 0.54 4.54
CA GLY A 1327 -23.42 0.36 4.45
C GLY A 1327 -22.65 1.65 4.23
N MET A 1328 -23.29 2.67 3.65
CA MET A 1328 -22.66 3.97 3.58
C MET A 1328 -22.68 4.66 4.94
N ARG A 1329 -23.81 4.58 5.64
CA ARG A 1329 -23.94 5.20 6.97
C ARG A 1329 -22.98 4.59 7.97
N LEU A 1330 -22.73 3.28 7.86
CA LEU A 1330 -21.70 2.61 8.66
C LEU A 1330 -20.32 3.22 8.42
N LEU A 1331 -20.05 3.60 7.19
CA LEU A 1331 -18.69 3.91 6.79
C LEU A 1331 -18.34 5.37 6.97
N LEU A 1332 -19.33 6.27 6.82
CA LEU A 1332 -19.08 7.68 7.12
C LEU A 1332 -19.00 7.93 8.62
N LEU A 1333 -19.69 7.11 9.42
CA LEU A 1333 -19.64 7.25 10.87
C LEU A 1333 -18.27 6.89 11.41
N ALA A 1334 -17.63 5.87 10.83
CA ALA A 1334 -16.27 5.52 11.23
C ALA A 1334 -15.28 6.60 10.84
N LEU A 1335 -15.53 7.29 9.73
CA LEU A 1335 -14.69 8.42 9.34
C LEU A 1335 -14.91 9.62 10.25
N ARG A 1336 -16.13 9.81 10.73
CA ARG A 1336 -16.42 10.97 11.57
C ARG A 1336 -15.84 10.80 12.96
N LYS A 1337 -15.84 9.58 13.49
CA LYS A 1337 -15.32 9.31 14.82
C LYS A 1337 -13.80 9.25 14.87
N ALA A 1338 -13.16 8.95 13.75
CA ALA A 1338 -11.71 8.84 13.67
C ALA A 1338 -11.04 10.12 13.21
N LEU A 1339 -11.80 11.17 12.90
CA LEU A 1339 -11.26 12.32 12.20
C LEU A 1339 -10.39 13.20 13.08
N ARG A 1340 -10.54 13.10 14.40
CA ARG A 1340 -9.69 13.86 15.30
C ARG A 1340 -8.31 13.23 15.44
N THR A 1341 -8.27 11.92 15.59
CA THR A 1341 -7.00 11.20 15.69
C THR A 1341 -6.33 10.99 14.35
N LEU A 1342 -7.05 11.11 13.24
CA LEU A 1342 -6.38 11.14 11.94
C LEU A 1342 -5.71 12.48 11.68
N PHE A 1343 -6.27 13.56 12.19
CA PHE A 1343 -5.61 14.87 12.10
C PHE A 1343 -4.37 14.93 12.97
N ASN A 1344 -4.38 14.24 14.10
CA ASN A 1344 -3.24 14.26 15.01
C ASN A 1344 -2.04 13.49 14.42
N VAL A 1345 -2.30 12.42 13.68
CA VAL A 1345 -1.24 11.74 12.95
C VAL A 1345 -0.69 12.64 11.85
N SER A 1346 -1.57 13.34 11.15
CA SER A 1346 -1.18 14.24 10.08
C SER A 1346 -0.52 15.53 10.58
N PHE A 1347 -0.61 15.82 11.88
CA PHE A 1347 0.09 16.97 12.45
C PHE A 1347 1.38 16.57 13.11
N LEU A 1348 1.49 15.33 13.59
CA LEU A 1348 2.80 14.77 13.93
C LEU A 1348 3.68 14.62 12.71
N LEU A 1349 3.08 14.24 11.58
CA LEU A 1349 3.80 14.07 10.32
C LEU A 1349 4.44 15.36 9.86
N PHE A 1350 3.73 16.49 10.02
CA PHE A 1350 4.27 17.78 9.61
C PHE A 1350 5.43 18.23 10.49
N VAL A 1351 5.43 17.86 11.78
CA VAL A 1351 6.54 18.25 12.65
C VAL A 1351 7.79 17.43 12.33
N ILE A 1352 7.63 16.17 11.93
CA ILE A 1352 8.76 15.37 11.45
C ILE A 1352 9.29 15.91 10.12
N MET A 1353 8.37 16.37 9.26
CA MET A 1353 8.79 16.98 7.99
C MET A 1353 9.52 18.30 8.21
N PHE A 1354 9.15 19.04 9.26
CA PHE A 1354 9.85 20.27 9.60
C PHE A 1354 11.29 19.99 10.05
N VAL A 1355 11.50 18.87 10.75
CA VAL A 1355 12.84 18.53 11.22
C VAL A 1355 13.73 18.14 10.04
N TYR A 1356 13.21 17.32 9.12
CA TYR A 1356 13.97 16.95 7.95
C TYR A 1356 14.06 18.06 6.91
N ALA A 1357 13.20 19.08 6.98
CA ALA A 1357 13.36 20.22 6.07
C ALA A 1357 14.52 21.09 6.49
N VAL A 1358 14.63 21.38 7.78
CA VAL A 1358 15.68 22.28 8.27
C VAL A 1358 17.04 21.61 8.24
N PHE A 1359 17.12 20.33 8.61
CA PHE A 1359 18.37 19.58 8.48
C PHE A 1359 18.74 19.33 7.03
N GLY A 1360 17.76 19.10 6.17
CA GLY A 1360 18.06 18.90 4.76
C GLY A 1360 18.47 20.19 4.07
N MET A 1361 18.00 21.33 4.58
CA MET A 1361 18.37 22.63 4.05
C MET A 1361 19.79 23.00 4.42
N GLU A 1362 20.38 22.33 5.41
CA GLU A 1362 21.73 22.62 5.84
C GLU A 1362 22.74 21.65 5.24
N PHE A 1363 22.30 20.44 4.91
CA PHE A 1363 23.16 19.44 4.29
C PHE A 1363 23.20 19.57 2.77
N PHE A 1364 22.08 19.87 2.13
CA PHE A 1364 21.95 19.69 0.69
C PHE A 1364 21.51 20.97 0.00
N MET A 1365 21.90 22.12 0.57
CA MET A 1365 21.56 23.40 -0.03
C MET A 1365 22.41 23.69 -1.26
N HIS A 1366 23.69 23.31 -1.21
CA HIS A 1366 24.60 23.52 -2.32
C HIS A 1366 24.99 22.14 -2.84
N ILE A 1367 24.15 21.57 -3.69
CA ILE A 1367 24.52 20.40 -4.47
C ILE A 1367 24.16 20.70 -5.91
N ARG A 1368 24.92 20.14 -6.83
CA ARG A 1368 24.65 20.45 -8.22
C ARG A 1368 23.46 19.63 -8.72
N ASP A 1369 22.86 20.10 -9.81
CA ASP A 1369 21.61 19.55 -10.30
C ASP A 1369 21.87 18.21 -10.98
N ALA A 1370 21.73 17.13 -10.23
CA ALA A 1370 21.76 15.77 -10.73
C ALA A 1370 20.44 15.11 -10.38
N GLY A 1371 20.20 13.94 -10.99
CA GLY A 1371 19.09 13.07 -10.62
C GLY A 1371 17.73 13.71 -10.80
N ALA A 1372 17.00 13.84 -9.70
CA ALA A 1372 15.69 14.48 -9.67
C ALA A 1372 15.74 15.87 -9.08
N ILE A 1373 16.93 16.41 -8.84
CA ILE A 1373 17.12 17.73 -8.27
C ILE A 1373 17.47 18.70 -9.39
N ASP A 1374 16.76 19.82 -9.46
CA ASP A 1374 16.97 20.79 -10.53
C ASP A 1374 16.70 22.19 -9.96
N ASP A 1375 16.45 23.14 -10.86
CA ASP A 1375 16.24 24.52 -10.46
C ASP A 1375 14.89 24.80 -9.82
N VAL A 1376 13.98 23.83 -9.79
CA VAL A 1376 12.70 23.98 -9.12
C VAL A 1376 12.63 23.11 -7.86
N TYR A 1377 13.12 21.88 -7.93
CA TYR A 1377 12.98 20.91 -6.85
C TYR A 1377 14.36 20.66 -6.24
N ASN A 1378 14.54 21.12 -5.00
CA ASN A 1378 15.85 21.19 -4.36
C ASN A 1378 15.65 21.49 -2.88
N PHE A 1379 16.76 21.66 -2.17
CA PHE A 1379 16.76 21.95 -0.75
C PHE A 1379 17.20 23.38 -0.45
N LYS A 1380 16.95 24.30 -1.37
CA LYS A 1380 17.52 25.65 -1.26
C LYS A 1380 16.74 26.55 -0.31
N THR A 1381 15.42 26.39 -0.22
CA THR A 1381 14.59 27.17 0.67
C THR A 1381 13.80 26.23 1.56
N PHE A 1382 13.03 26.80 2.49
CA PHE A 1382 12.12 25.99 3.30
C PHE A 1382 10.95 25.49 2.49
N GLY A 1383 10.35 26.38 1.69
CA GLY A 1383 9.16 26.03 0.94
C GLY A 1383 9.43 24.94 -0.09
N GLN A 1384 10.61 24.96 -0.71
CA GLN A 1384 10.99 23.95 -1.67
C GLN A 1384 11.42 22.64 -1.01
N SER A 1385 11.81 22.68 0.26
CA SER A 1385 12.11 21.44 0.98
C SER A 1385 10.84 20.68 1.33
N ILE A 1386 9.80 21.40 1.75
CA ILE A 1386 8.50 20.80 2.05
C ILE A 1386 7.86 20.18 0.81
N ILE A 1387 8.14 20.75 -0.38
CA ILE A 1387 7.70 20.13 -1.64
C ILE A 1387 8.31 18.74 -1.81
N LEU A 1388 9.62 18.62 -1.57
CA LEU A 1388 10.28 17.32 -1.74
C LEU A 1388 9.92 16.34 -0.65
N LEU A 1389 9.98 16.77 0.62
CA LEU A 1389 9.80 15.84 1.74
C LEU A 1389 8.38 15.31 1.84
N PHE A 1390 7.40 16.00 1.23
CA PHE A 1390 6.04 15.47 1.17
C PHE A 1390 5.91 14.41 0.09
N GLN A 1391 6.55 14.62 -1.05
CA GLN A 1391 6.70 13.56 -2.05
C GLN A 1391 7.45 12.35 -1.49
N LEU A 1392 8.54 12.62 -0.76
CA LEU A 1392 9.38 11.60 -0.15
C LEU A 1392 8.70 10.88 1.00
N ALA A 1393 7.59 11.42 1.52
CA ALA A 1393 6.91 10.79 2.65
C ALA A 1393 6.21 9.49 2.27
N THR A 1394 5.83 9.33 1.01
CA THR A 1394 5.24 8.10 0.53
C THR A 1394 6.23 7.22 -0.22
N SER A 1395 7.53 7.55 -0.15
CA SER A 1395 8.69 6.94 -0.77
C SER A 1395 8.73 7.10 -2.28
N ALA A 1396 7.86 7.92 -2.87
CA ALA A 1396 7.75 8.00 -4.31
C ALA A 1396 8.93 8.77 -4.90
N GLY A 1397 9.69 8.10 -5.76
CA GLY A 1397 10.83 8.72 -6.42
C GLY A 1397 12.00 9.06 -5.52
N TRP A 1398 12.28 8.24 -4.50
CA TRP A 1398 13.41 8.53 -3.64
C TRP A 1398 14.73 8.11 -4.26
N ASP A 1399 14.69 7.29 -5.31
CA ASP A 1399 15.91 6.81 -5.94
C ASP A 1399 16.63 7.92 -6.70
N GLY A 1400 15.89 8.88 -7.25
CA GLY A 1400 16.48 9.97 -7.99
C GLY A 1400 16.88 11.12 -7.10
N VAL A 1401 16.28 11.18 -5.91
CA VAL A 1401 16.74 12.12 -4.89
C VAL A 1401 18.04 11.61 -4.28
N TYR A 1402 18.15 10.29 -4.09
CA TYR A 1402 19.38 9.67 -3.59
C TYR A 1402 20.55 9.89 -4.54
N PHE A 1403 20.29 9.80 -5.84
CA PHE A 1403 21.33 9.94 -6.86
C PHE A 1403 21.95 11.33 -6.87
N ALA A 1404 21.23 12.36 -6.41
CA ALA A 1404 21.75 13.71 -6.34
C ALA A 1404 22.31 14.08 -4.99
N ILE A 1405 21.79 13.53 -3.88
CA ILE A 1405 22.32 13.88 -2.57
C ILE A 1405 23.45 12.96 -2.14
N ALA A 1406 23.83 12.01 -2.98
CA ALA A 1406 25.01 11.18 -2.74
C ALA A 1406 26.04 11.32 -3.84
N ASN A 1407 25.80 12.20 -4.81
CA ASN A 1407 26.68 12.35 -5.97
C ASN A 1407 27.96 13.06 -5.55
N GLU A 1408 29.08 12.33 -5.56
CA GLU A 1408 30.36 12.89 -5.19
C GLU A 1408 31.42 12.57 -6.23
N GLU A 1409 31.02 12.43 -7.50
CA GLU A 1409 31.94 12.00 -8.54
C GLU A 1409 32.80 13.15 -9.05
N ASP A 1410 32.18 14.14 -9.69
CA ASP A 1410 32.88 15.29 -10.25
C ASP A 1410 32.26 16.55 -9.67
N CYS A 1411 32.74 16.92 -8.49
CA CYS A 1411 32.17 17.99 -7.68
C CYS A 1411 33.30 18.90 -7.23
N ARG A 1412 32.99 20.19 -7.14
CA ARG A 1412 33.98 21.15 -6.70
C ARG A 1412 34.11 21.13 -5.18
N ALA A 1413 35.34 21.25 -4.72
CA ALA A 1413 35.61 21.27 -3.29
C ALA A 1413 35.29 22.63 -2.70
N PRO A 1414 34.80 22.68 -1.46
CA PRO A 1414 34.53 23.97 -0.82
C PRO A 1414 35.83 24.68 -0.46
N ASP A 1415 35.97 25.92 -0.95
CA ASP A 1415 37.14 26.74 -0.66
C ASP A 1415 36.72 27.84 0.31
N HIS A 1416 37.30 27.79 1.52
CA HIS A 1416 36.89 28.69 2.59
C HIS A 1416 37.36 30.12 2.36
N GLU A 1417 38.52 30.30 1.72
CA GLU A 1417 39.09 31.63 1.59
C GLU A 1417 38.39 32.45 0.51
N LEU A 1418 38.03 31.83 -0.61
CA LEU A 1418 37.30 32.53 -1.65
C LEU A 1418 35.83 32.73 -1.30
N GLY A 1419 35.33 32.01 -0.31
CA GLY A 1419 33.92 32.08 0.00
C GLY A 1419 33.05 31.24 -0.90
N TYR A 1420 33.49 30.04 -1.22
CA TYR A 1420 32.77 29.15 -2.11
C TYR A 1420 32.26 27.94 -1.35
N PRO A 1421 30.96 27.63 -1.45
CA PRO A 1421 30.39 26.57 -0.60
C PRO A 1421 30.65 25.14 -1.08
N GLY A 1422 30.91 24.93 -2.36
CA GLY A 1422 31.10 23.57 -2.86
C GLY A 1422 29.79 22.89 -3.18
N ASN A 1423 29.73 22.16 -4.29
CA ASN A 1423 28.47 21.55 -4.74
C ASN A 1423 28.45 20.04 -4.59
N CYS A 1424 29.09 19.50 -3.56
CA CYS A 1424 29.33 18.07 -3.53
C CYS A 1424 28.32 17.35 -2.63
N GLY A 1425 28.35 16.03 -2.69
CA GLY A 1425 27.23 15.21 -2.27
C GLY A 1425 27.20 14.61 -0.89
N SER A 1426 28.31 14.03 -0.41
CA SER A 1426 28.42 13.28 0.84
C SER A 1426 27.49 12.07 0.88
N ARG A 1427 27.90 11.01 0.15
CA ARG A 1427 27.20 9.73 0.10
C ARG A 1427 26.83 9.15 1.47
N ALA A 1428 27.69 9.31 2.47
CA ALA A 1428 27.43 8.68 3.76
C ALA A 1428 26.30 9.38 4.50
N LEU A 1429 26.27 10.71 4.45
CA LEU A 1429 25.21 11.48 5.10
C LEU A 1429 23.89 11.36 4.34
N GLY A 1430 23.94 11.11 3.04
CA GLY A 1430 22.73 10.95 2.27
C GLY A 1430 22.04 9.62 2.49
N ILE A 1431 22.80 8.57 2.81
CA ILE A 1431 22.18 7.30 3.18
C ILE A 1431 21.50 7.41 4.54
N ALA A 1432 22.17 8.06 5.50
CA ALA A 1432 21.59 8.22 6.83
C ALA A 1432 20.48 9.26 6.89
N TYR A 1433 20.25 10.00 5.81
CA TYR A 1433 19.14 10.95 5.73
C TYR A 1433 17.90 10.28 5.14
N LEU A 1434 18.05 9.58 4.02
CA LEU A 1434 16.88 9.03 3.36
C LEU A 1434 16.39 7.74 4.01
N VAL A 1435 17.30 6.84 4.39
CA VAL A 1435 16.89 5.58 5.01
C VAL A 1435 16.25 5.83 6.37
N SER A 1436 16.79 6.78 7.12
CA SER A 1436 16.15 7.21 8.37
C SER A 1436 14.80 7.85 8.11
N TYR A 1437 14.66 8.57 7.00
CA TYR A 1437 13.39 9.18 6.68
C TYR A 1437 12.39 8.13 6.21
N LEU A 1438 12.82 7.19 5.37
CA LEU A 1438 11.89 6.20 4.81
C LEU A 1438 11.37 5.22 5.83
N ILE A 1439 12.13 4.94 6.90
CA ILE A 1439 11.61 4.01 7.88
C ILE A 1439 10.83 4.72 8.98
N ILE A 1440 11.10 6.01 9.22
CA ILE A 1440 10.29 6.75 10.17
C ILE A 1440 9.00 7.24 9.52
N THR A 1441 9.09 7.84 8.35
CA THR A 1441 7.91 8.53 7.86
C THR A 1441 7.01 7.64 7.04
N CYS A 1442 7.52 6.54 6.46
CA CYS A 1442 6.73 5.76 5.51
C CYS A 1442 6.31 4.41 6.04
N LEU A 1443 7.11 3.80 6.91
CA LEU A 1443 6.80 2.49 7.43
C LEU A 1443 6.02 2.54 8.73
N VAL A 1444 6.15 3.59 9.54
CA VAL A 1444 5.51 3.61 10.84
C VAL A 1444 4.51 4.75 11.01
N VAL A 1445 4.55 5.82 10.22
CA VAL A 1445 3.64 6.94 10.37
C VAL A 1445 2.57 6.95 9.29
N ILE A 1446 2.90 6.58 8.05
CA ILE A 1446 1.83 6.36 7.07
C ILE A 1446 1.04 5.11 7.42
N ASN A 1447 1.69 4.11 8.01
CA ASN A 1447 0.95 2.92 8.46
C ASN A 1447 0.14 3.18 9.72
N MET A 1448 0.32 4.33 10.37
CA MET A 1448 -0.51 4.72 11.50
C MET A 1448 -1.92 5.07 11.05
N TYR A 1449 -2.09 5.52 9.80
CA TYR A 1449 -3.43 5.79 9.29
C TYR A 1449 -4.25 4.51 9.15
N ALA A 1450 -3.59 3.41 8.75
CA ALA A 1450 -4.26 2.13 8.65
C ALA A 1450 -4.53 1.54 10.03
N ALA A 1451 -3.77 1.91 11.04
CA ALA A 1451 -4.03 1.41 12.38
C ALA A 1451 -5.27 2.05 12.98
N VAL A 1452 -5.48 3.34 12.71
CA VAL A 1452 -6.57 4.08 13.31
C VAL A 1452 -7.89 3.75 12.63
N ILE A 1453 -7.90 3.66 11.30
CA ILE A 1453 -9.11 3.35 10.56
C ILE A 1453 -9.56 1.92 10.80
N LEU A 1454 -8.63 0.98 11.01
CA LEU A 1454 -9.01 -0.38 11.36
C LEU A 1454 -9.67 -0.44 12.73
N ASP A 1455 -9.25 0.41 13.66
CA ASP A 1455 -9.84 0.34 14.98
C ASP A 1455 -11.20 1.02 15.05
N TYR A 1456 -11.49 1.97 14.18
CA TYR A 1456 -12.80 2.62 14.20
C TYR A 1456 -13.81 1.95 13.27
N VAL A 1457 -13.37 1.31 12.19
CA VAL A 1457 -14.29 0.56 11.35
C VAL A 1457 -14.76 -0.71 12.05
N LEU A 1458 -13.84 -1.41 12.70
CA LEU A 1458 -14.21 -2.61 13.47
C LEU A 1458 -15.11 -2.30 14.65
N GLU A 1459 -15.00 -1.10 15.23
CA GLU A 1459 -15.87 -0.71 16.33
C GLU A 1459 -17.29 -0.45 15.85
N VAL A 1460 -17.43 0.21 14.70
CA VAL A 1460 -18.75 0.64 14.25
C VAL A 1460 -19.53 -0.52 13.65
N TYR A 1461 -18.86 -1.41 12.90
CA TYR A 1461 -19.51 -2.62 12.39
C TYR A 1461 -19.91 -3.58 13.50
N GLU A 1462 -19.18 -3.57 14.61
CA GLU A 1462 -19.54 -4.42 15.74
C GLU A 1462 -20.78 -3.91 16.44
N ASP A 1463 -20.99 -2.59 16.42
CA ASP A 1463 -22.24 -2.04 16.93
C ASP A 1463 -23.40 -2.25 15.96
N SER A 1464 -23.14 -2.40 14.67
CA SER A 1464 -24.23 -2.71 13.76
C SER A 1464 -24.73 -4.13 13.95
N LYS A 1465 -23.84 -5.02 14.36
CA LYS A 1465 -24.20 -6.42 14.52
C LYS A 1465 -24.75 -6.70 15.91
N GLU A 1466 -24.23 -6.03 16.94
CA GLU A 1466 -24.67 -6.27 18.30
C GLU A 1466 -25.08 -5.02 19.07
N GLY A 1467 -24.41 -3.89 18.83
CA GLY A 1467 -24.64 -2.72 19.66
C GLY A 1467 -25.75 -1.83 19.17
N LEU A 1468 -25.56 -0.51 19.17
CA LEU A 1468 -26.63 0.39 18.78
C LEU A 1468 -26.28 1.50 17.80
N THR A 1469 -25.00 1.78 17.48
CA THR A 1469 -24.62 2.67 16.37
C THR A 1469 -25.14 4.11 16.44
N ASP A 1470 -24.38 5.03 17.06
CA ASP A 1470 -24.67 6.42 17.43
C ASP A 1470 -25.77 7.15 16.66
N ASP A 1471 -25.85 6.93 15.34
CA ASP A 1471 -26.95 7.45 14.53
C ASP A 1471 -28.32 6.97 15.01
N ASP A 1472 -28.40 5.79 15.62
CA ASP A 1472 -29.69 5.32 16.14
C ASP A 1472 -30.05 5.95 17.48
N TYR A 1473 -29.09 6.56 18.17
CA TYR A 1473 -29.41 7.49 19.25
C TYR A 1473 -29.87 8.82 18.70
N ASP A 1474 -29.23 9.28 17.62
CA ASP A 1474 -29.67 10.50 16.95
C ASP A 1474 -31.01 10.29 16.26
N MET A 1475 -31.32 9.04 15.87
CA MET A 1475 -32.65 8.70 15.39
C MET A 1475 -33.71 8.86 16.47
N PHE A 1476 -33.34 8.59 17.73
CA PHE A 1476 -34.32 8.62 18.81
C PHE A 1476 -34.75 10.05 19.13
N PHE A 1477 -33.83 11.01 19.04
CA PHE A 1477 -34.15 12.37 19.40
C PHE A 1477 -34.68 13.21 18.23
N GLU A 1478 -34.70 12.64 17.02
CA GLU A 1478 -35.43 13.27 15.92
C GLU A 1478 -36.91 12.92 15.94
N VAL A 1479 -37.29 11.90 16.69
CA VAL A 1479 -38.68 11.50 16.82
C VAL A 1479 -39.22 11.77 18.24
N TRP A 1480 -38.35 11.89 19.24
CA TRP A 1480 -38.73 12.50 20.50
C TRP A 1480 -39.06 13.97 20.32
N GLN A 1481 -38.43 14.61 19.34
CA GLN A 1481 -38.60 16.05 19.11
C GLN A 1481 -39.99 16.38 18.61
N GLN A 1482 -40.57 15.54 17.77
CA GLN A 1482 -41.88 15.85 17.22
C GLN A 1482 -43.02 15.53 18.17
N PHE A 1483 -42.73 14.90 19.32
CA PHE A 1483 -43.68 14.75 20.40
C PHE A 1483 -43.32 15.57 21.62
N ASP A 1484 -42.12 16.13 21.66
CA ASP A 1484 -41.72 17.08 22.70
C ASP A 1484 -40.91 18.18 22.03
N PRO A 1485 -41.58 19.19 21.48
CA PRO A 1485 -40.85 20.21 20.70
C PRO A 1485 -40.13 21.26 21.54
N GLU A 1486 -40.59 21.55 22.76
CA GLU A 1486 -40.02 22.64 23.52
C GLU A 1486 -38.88 22.20 24.42
N ALA A 1487 -38.36 20.98 24.22
CA ALA A 1487 -37.32 20.36 25.05
C ALA A 1487 -37.71 20.33 26.53
N THR A 1488 -38.96 19.92 26.78
CA THR A 1488 -39.45 19.76 28.15
C THR A 1488 -38.85 18.53 28.81
N GLN A 1489 -38.27 17.63 28.00
CA GLN A 1489 -37.76 16.29 28.35
C GLN A 1489 -38.76 15.50 29.21
N TYR A 1490 -40.03 15.61 28.84
CA TYR A 1490 -41.13 14.84 29.41
C TYR A 1490 -42.22 14.73 28.35
N ILE A 1491 -42.74 13.53 28.14
CA ILE A 1491 -43.98 13.35 27.38
C ILE A 1491 -45.00 12.67 28.29
N ARG A 1492 -46.23 12.59 27.81
CA ARG A 1492 -47.28 11.97 28.58
C ARG A 1492 -47.39 10.49 28.26
N TYR A 1493 -48.14 9.77 29.09
CA TYR A 1493 -48.25 8.32 28.96
C TYR A 1493 -49.02 7.91 27.70
N ASP A 1494 -49.94 8.76 27.23
CA ASP A 1494 -50.75 8.41 26.08
C ASP A 1494 -49.96 8.45 24.79
N GLN A 1495 -48.91 9.28 24.75
CA GLN A 1495 -48.14 9.47 23.52
C GLN A 1495 -47.12 8.36 23.29
N LEU A 1496 -46.79 7.56 24.30
CA LEU A 1496 -45.68 6.64 24.13
C LEU A 1496 -46.08 5.41 23.33
N SER A 1497 -47.36 5.15 23.17
CA SER A 1497 -47.77 4.10 22.22
C SER A 1497 -47.58 4.57 20.79
N GLU A 1498 -47.71 5.87 20.55
CA GLU A 1498 -47.44 6.42 19.22
C GLU A 1498 -45.97 6.68 18.99
N LEU A 1499 -45.19 6.89 20.06
CA LEU A 1499 -43.77 7.14 19.89
C LEU A 1499 -43.01 5.86 19.62
N LEU A 1500 -43.40 4.76 20.27
CA LEU A 1500 -42.70 3.48 20.10
C LEU A 1500 -42.90 2.89 18.71
N GLU A 1501 -44.03 3.21 18.07
CA GLU A 1501 -44.22 2.78 16.69
C GLU A 1501 -43.47 3.67 15.71
N ALA A 1502 -43.34 4.96 16.02
CA ALA A 1502 -42.69 5.90 15.11
C ALA A 1502 -41.17 5.79 15.13
N LEU A 1503 -40.59 4.91 15.94
CA LEU A 1503 -39.16 4.68 15.96
C LEU A 1503 -38.75 3.85 14.75
N GLN A 1504 -37.44 3.65 14.62
CA GLN A 1504 -36.87 2.82 13.58
C GLN A 1504 -36.26 1.57 14.18
N PRO A 1505 -36.05 0.51 13.39
CA PRO A 1505 -35.25 -0.61 13.86
C PRO A 1505 -33.81 -0.19 14.07
N PRO A 1506 -33.10 -0.84 15.01
CA PRO A 1506 -33.48 -1.95 15.88
C PRO A 1506 -34.15 -1.52 17.17
N LEU A 1507 -34.69 -0.30 17.19
CA LEU A 1507 -35.16 0.31 18.42
C LEU A 1507 -36.67 0.51 18.43
N GLN A 1508 -37.36 0.11 17.36
CA GLN A 1508 -38.80 0.28 17.24
C GLN A 1508 -39.54 -0.86 17.94
N VAL A 1509 -40.65 -0.52 18.61
CA VAL A 1509 -41.60 -1.49 19.14
C VAL A 1509 -42.81 -1.53 18.22
N GLN A 1510 -43.15 -2.72 17.75
CA GLN A 1510 -44.24 -2.87 16.78
C GLN A 1510 -45.61 -2.85 17.47
N LYS A 1511 -46.62 -2.45 16.71
CA LYS A 1511 -47.99 -2.52 17.20
C LYS A 1511 -48.46 -3.98 17.20
N PRO A 1512 -49.28 -4.39 18.20
CA PRO A 1512 -49.85 -3.64 19.33
C PRO A 1512 -48.85 -3.29 20.43
N ASN A 1513 -48.68 -1.98 20.66
CA ASN A 1513 -47.64 -1.52 21.57
C ASN A 1513 -47.99 -1.81 23.03
N LYS A 1514 -49.27 -1.64 23.39
CA LYS A 1514 -49.70 -1.70 24.79
C LYS A 1514 -49.55 -3.09 25.40
N TYR A 1515 -49.43 -4.13 24.58
CA TYR A 1515 -49.05 -5.44 25.10
C TYR A 1515 -47.57 -5.48 25.49
N LYS A 1516 -46.74 -4.72 24.80
CA LYS A 1516 -45.30 -4.69 25.08
C LYS A 1516 -44.89 -3.55 25.99
N ILE A 1517 -45.72 -2.52 26.13
CA ILE A 1517 -45.41 -1.41 27.04
C ILE A 1517 -45.47 -1.87 28.48
N LEU A 1518 -46.54 -2.59 28.84
CA LEU A 1518 -46.71 -3.08 30.21
C LEU A 1518 -45.74 -4.20 30.59
N SER A 1519 -45.05 -4.79 29.61
CA SER A 1519 -44.06 -5.82 29.94
C SER A 1519 -42.81 -5.23 30.57
N MET A 1520 -42.55 -3.94 30.33
CA MET A 1520 -41.41 -3.24 30.91
C MET A 1520 -41.90 -2.18 31.87
N ASN A 1521 -41.11 -1.91 32.91
CA ASN A 1521 -41.50 -1.00 33.97
C ASN A 1521 -40.84 0.36 33.75
N ILE A 1522 -41.65 1.38 33.55
CA ILE A 1522 -41.19 2.75 33.34
C ILE A 1522 -41.69 3.58 34.51
N PRO A 1523 -40.79 4.16 35.33
CA PRO A 1523 -41.24 4.97 36.47
C PRO A 1523 -41.88 6.29 36.03
N ILE A 1524 -43.19 6.36 36.20
CA ILE A 1524 -43.98 7.49 35.73
C ILE A 1524 -43.95 8.58 36.80
N CYS A 1525 -43.64 9.80 36.39
CA CYS A 1525 -43.61 10.94 37.30
C CYS A 1525 -45.03 11.50 37.47
N LYS A 1526 -45.13 12.70 38.03
CA LYS A 1526 -46.42 13.29 38.36
C LYS A 1526 -47.21 13.65 37.11
N ASP A 1527 -48.52 13.37 37.15
CA ASP A 1527 -49.51 13.69 36.12
C ASP A 1527 -49.21 12.99 34.80
N ASP A 1528 -48.97 11.67 34.89
CA ASP A 1528 -48.77 10.75 33.75
C ASP A 1528 -47.60 11.15 32.86
N HIS A 1529 -46.61 11.88 33.40
CA HIS A 1529 -45.46 12.29 32.63
C HIS A 1529 -44.31 11.32 32.85
N ILE A 1530 -43.69 10.89 31.76
CA ILE A 1530 -42.55 10.00 31.80
C ILE A 1530 -41.31 10.76 31.34
N PHE A 1531 -40.15 10.18 31.61
CA PHE A 1531 -38.88 10.82 31.33
C PHE A 1531 -38.19 10.10 30.18
N TYR A 1532 -37.35 10.83 29.44
CA TYR A 1532 -36.73 10.24 28.25
C TYR A 1532 -35.68 9.21 28.62
N LYS A 1533 -34.98 9.43 29.73
CA LYS A 1533 -33.95 8.50 30.18
C LYS A 1533 -34.57 7.18 30.61
N ASP A 1534 -35.76 7.22 31.17
CA ASP A 1534 -36.46 6.00 31.57
C ASP A 1534 -37.03 5.27 30.36
N VAL A 1535 -37.35 5.99 29.28
CA VAL A 1535 -37.82 5.33 28.08
C VAL A 1535 -36.65 4.72 27.31
N LEU A 1536 -35.55 5.45 27.21
CA LEU A 1536 -34.42 4.99 26.42
C LEU A 1536 -33.72 3.82 27.08
N GLU A 1537 -33.56 3.85 28.41
CA GLU A 1537 -32.96 2.72 29.11
C GLU A 1537 -33.88 1.50 29.10
N ALA A 1538 -35.19 1.70 29.00
CA ALA A 1538 -36.10 0.57 28.85
C ALA A 1538 -36.02 -0.03 27.46
N LEU A 1539 -35.61 0.74 26.46
CA LEU A 1539 -35.48 0.24 25.09
C LEU A 1539 -34.15 -0.44 24.82
N VAL A 1540 -33.07 0.00 25.49
CA VAL A 1540 -31.78 -0.66 25.34
C VAL A 1540 -31.82 -2.06 25.93
N LYS A 1541 -32.56 -2.24 27.03
CA LYS A 1541 -32.79 -3.56 27.59
C LYS A 1541 -33.59 -4.44 26.65
N ASP A 1542 -34.46 -3.85 25.84
CA ASP A 1542 -35.26 -4.62 24.89
C ASP A 1542 -34.42 -5.08 23.71
N VAL A 1543 -33.43 -4.28 23.31
CA VAL A 1543 -32.61 -4.63 22.14
C VAL A 1543 -31.66 -5.77 22.49
N PHE A 1544 -31.02 -5.72 23.65
CA PHE A 1544 -30.08 -6.76 24.06
C PHE A 1544 -30.77 -7.98 24.64
N SER A 1545 -32.10 -8.00 24.70
CA SER A 1545 -32.82 -9.19 25.15
C SER A 1545 -33.12 -10.15 24.01
N ARG A 1546 -33.33 -9.61 22.81
CA ARG A 1546 -33.81 -10.42 21.68
C ARG A 1546 -32.73 -10.79 20.68
N ARG A 1547 -31.52 -10.22 20.78
CA ARG A 1547 -30.49 -10.52 19.80
C ARG A 1547 -29.91 -11.91 19.98
N GLY A 1548 -29.23 -12.14 21.10
CA GLY A 1548 -28.60 -13.42 21.35
C GLY A 1548 -29.43 -14.37 22.19
N SER A 1549 -29.82 -13.92 23.37
CA SER A 1549 -30.49 -14.75 24.37
C SER A 1549 -30.99 -13.82 25.48
N PRO A 1550 -32.03 -14.24 26.23
CA PRO A 1550 -32.40 -13.48 27.44
C PRO A 1550 -31.41 -13.61 28.59
N VAL A 1551 -30.43 -14.51 28.49
CA VAL A 1551 -29.36 -14.54 29.49
C VAL A 1551 -28.43 -13.35 29.29
N GLU A 1552 -28.12 -13.02 28.03
CA GLU A 1552 -27.29 -11.86 27.72
C GLU A 1552 -28.00 -10.54 27.92
N ALA A 1553 -29.31 -10.57 28.20
CA ALA A 1553 -30.00 -9.41 28.73
C ALA A 1553 -29.62 -9.15 30.19
N GLY A 1554 -29.02 -10.12 30.87
CA GLY A 1554 -28.65 -9.96 32.26
C GLY A 1554 -27.35 -9.21 32.49
N ASP A 1555 -26.50 -9.11 31.47
CA ASP A 1555 -25.20 -8.47 31.62
C ASP A 1555 -25.25 -6.95 31.47
N VAL A 1556 -26.40 -6.37 31.14
CA VAL A 1556 -26.48 -4.92 30.91
C VAL A 1556 -27.05 -4.16 32.10
N GLN A 1557 -27.61 -4.84 33.10
CA GLN A 1557 -28.08 -4.13 34.28
C GLN A 1557 -26.92 -3.68 35.15
N ALA A 1558 -25.87 -4.49 35.24
CA ALA A 1558 -24.71 -4.13 36.05
C ALA A 1558 -23.96 -2.88 35.58
N PRO A 1559 -23.87 -2.54 34.28
CA PRO A 1559 -23.45 -1.16 33.96
C PRO A 1559 -24.51 -0.12 34.29
N ASN A 1560 -25.79 -0.46 34.23
CA ASN A 1560 -26.83 0.51 34.58
C ASN A 1560 -26.92 0.77 36.08
N VAL A 1561 -26.48 -0.16 36.91
CA VAL A 1561 -26.51 0.02 38.35
C VAL A 1561 -25.23 0.69 38.85
N ASP A 1562 -24.06 0.25 38.34
CA ASP A 1562 -22.78 0.79 38.79
C ASP A 1562 -22.60 2.23 38.34
N GLU A 1563 -23.28 2.65 37.29
CA GLU A 1563 -23.19 4.03 36.82
C GLU A 1563 -24.38 4.88 37.24
N ALA A 1564 -25.45 4.26 37.73
CA ALA A 1564 -26.62 5.00 38.16
C ALA A 1564 -27.33 4.29 39.31
C SER B 1 58.14 3.69 -27.28
N ALA B 2 57.02 3.12 -27.73
CA ALA B 2 56.16 2.34 -26.86
C ALA B 2 55.36 1.35 -27.70
N LYS B 3 55.08 0.19 -27.11
CA LYS B 3 54.50 -0.92 -27.86
C LYS B 3 53.63 -1.73 -26.89
N ASP B 4 52.53 -2.27 -27.42
CA ASP B 4 51.63 -3.08 -26.61
C ASP B 4 52.31 -4.39 -26.23
N GLY B 5 52.72 -4.51 -24.97
CA GLY B 5 53.38 -5.70 -24.50
C GLY B 5 54.67 -5.43 -23.75
N ASP B 6 54.90 -4.17 -23.38
CA ASP B 6 56.13 -3.79 -22.69
C ASP B 6 56.13 -4.35 -21.28
N VAL B 7 57.07 -5.26 -21.01
CA VAL B 7 57.05 -6.02 -19.76
C VAL B 7 57.39 -5.14 -18.57
N GLU B 8 58.48 -4.36 -18.67
CA GLU B 8 58.99 -3.44 -17.64
C GLU B 8 59.16 -4.14 -16.29
N GLY B 9 60.10 -5.08 -16.30
CA GLY B 9 60.40 -5.86 -15.12
C GLY B 9 61.39 -6.97 -15.41
N PRO B 10 61.58 -7.87 -14.46
CA PRO B 10 62.49 -9.00 -14.67
C PRO B 10 61.86 -10.05 -15.58
N ALA B 11 62.69 -11.03 -15.95
CA ALA B 11 62.22 -12.11 -16.80
C ALA B 11 61.31 -13.05 -16.01
N GLY B 12 60.46 -13.76 -16.74
CA GLY B 12 59.46 -14.62 -16.13
C GLY B 12 58.27 -13.89 -15.56
N CYS B 13 58.12 -12.61 -15.86
CA CYS B 13 57.02 -11.82 -15.32
C CYS B 13 55.72 -12.13 -16.04
N LYS B 14 54.61 -11.80 -15.39
CA LYS B 14 53.28 -12.08 -15.92
C LYS B 14 52.65 -10.82 -16.48
N LYS B 15 52.02 -10.95 -17.64
CA LYS B 15 51.40 -9.84 -18.33
C LYS B 15 49.97 -9.65 -17.83
N TYR B 16 49.21 -8.79 -18.52
CA TYR B 16 47.82 -8.54 -18.18
C TYR B 16 46.98 -9.79 -18.42
N ASP B 17 45.98 -9.97 -17.55
CA ASP B 17 44.94 -11.00 -17.65
C ASP B 17 45.49 -12.43 -17.54
N VAL B 18 46.59 -12.60 -16.79
CA VAL B 18 47.24 -13.89 -16.60
C VAL B 18 47.27 -14.18 -15.10
N GLU B 19 47.08 -15.45 -14.74
CA GLU B 19 47.09 -15.89 -13.34
C GLU B 19 48.45 -15.63 -12.69
N CYS B 20 48.42 -15.48 -11.37
CA CYS B 20 49.55 -14.95 -10.62
C CYS B 20 49.37 -15.26 -9.14
N ASP B 21 50.44 -15.01 -8.35
CA ASP B 21 50.41 -15.21 -6.91
C ASP B 21 51.19 -14.13 -6.17
N SER B 22 51.18 -12.89 -6.67
CA SER B 22 51.81 -11.67 -6.14
C SER B 22 53.34 -11.69 -6.17
N GLY B 23 53.95 -12.79 -6.62
CA GLY B 23 55.38 -12.84 -6.79
C GLY B 23 55.73 -12.70 -8.25
N GLU B 24 54.75 -12.96 -9.11
CA GLU B 24 54.91 -12.87 -10.56
C GLU B 24 53.92 -11.84 -11.11
N CYS B 25 54.31 -10.58 -11.06
CA CYS B 25 53.46 -9.49 -11.52
C CYS B 25 54.35 -8.31 -11.89
N CYS B 26 54.22 -7.83 -13.13
CA CYS B 26 55.06 -6.76 -13.63
C CYS B 26 54.74 -5.45 -12.94
N GLN B 27 55.73 -4.54 -12.95
CA GLN B 27 55.55 -3.26 -12.29
C GLN B 27 54.62 -2.36 -13.10
N LYS B 28 54.85 -2.27 -14.42
CA LYS B 28 53.95 -1.58 -15.32
C LYS B 28 53.80 -2.40 -16.59
N GLN B 29 52.99 -1.86 -17.52
CA GLN B 29 52.54 -2.54 -18.72
C GLN B 29 51.99 -1.46 -19.64
N TYR B 30 52.30 -1.55 -20.93
CA TYR B 30 51.83 -0.54 -21.88
C TYR B 30 50.58 -1.10 -22.56
N LEU B 31 49.43 -0.85 -21.94
CA LEU B 31 48.15 -1.27 -22.46
C LEU B 31 47.23 -0.07 -22.60
N TRP B 32 46.59 0.02 -23.76
CA TRP B 32 45.63 1.07 -24.15
C TRP B 32 46.20 2.47 -23.93
N TYR B 33 47.25 2.76 -24.67
CA TYR B 33 47.71 4.10 -25.06
C TYR B 33 48.39 4.84 -23.91
N LYS B 34 48.74 4.17 -22.81
CA LYS B 34 49.52 4.78 -21.74
C LYS B 34 50.19 3.67 -20.93
N TRP B 35 50.94 4.08 -19.91
CA TRP B 35 51.64 3.17 -19.01
C TRP B 35 50.80 2.96 -17.76
N ARG B 36 50.39 1.73 -17.52
CA ARG B 36 49.57 1.46 -16.36
C ARG B 36 50.21 0.40 -15.48
N PRO B 37 50.14 0.55 -14.15
CA PRO B 37 50.71 -0.46 -13.26
C PRO B 37 49.87 -1.73 -13.24
N LEU B 38 50.44 -2.78 -12.66
CA LEU B 38 49.76 -4.06 -12.55
C LEU B 38 49.78 -4.52 -11.10
N ASP B 39 48.70 -5.17 -10.68
CA ASP B 39 48.62 -5.76 -9.35
C ASP B 39 47.74 -6.99 -9.44
N CYS B 40 48.14 -8.05 -8.74
CA CYS B 40 47.44 -9.33 -8.86
C CYS B 40 46.22 -9.32 -7.96
N ARG B 41 45.03 -9.24 -8.57
CA ARG B 41 43.77 -9.14 -7.86
C ARG B 41 42.92 -10.36 -8.18
N CYS B 42 41.95 -10.64 -7.32
CA CYS B 42 41.11 -11.84 -7.46
C CYS B 42 39.69 -11.41 -7.81
N LEU B 43 39.25 -11.75 -9.02
CA LEU B 43 37.98 -11.30 -9.57
C LEU B 43 36.91 -12.37 -9.39
N LYS B 44 35.65 -11.95 -9.38
CA LYS B 44 34.53 -12.84 -9.13
C LYS B 44 34.24 -13.71 -10.35
N SER B 45 34.20 -15.02 -10.16
CA SER B 45 34.00 -15.97 -11.25
C SER B 45 33.09 -17.13 -10.85
N GLY B 46 31.98 -16.84 -10.18
CA GLY B 46 31.03 -17.85 -9.79
C GLY B 46 30.73 -17.80 -8.31
N PHE B 47 29.94 -18.78 -7.87
CA PHE B 47 29.51 -18.87 -6.47
C PHE B 47 30.70 -19.17 -5.57
N PHE B 48 31.13 -18.15 -4.81
CA PHE B 48 32.22 -18.24 -3.83
C PHE B 48 33.53 -18.66 -4.46
N SER B 49 33.68 -18.38 -5.75
CA SER B 49 34.86 -18.73 -6.52
C SER B 49 35.54 -17.46 -6.99
N SER B 50 36.86 -17.50 -7.09
CA SER B 50 37.61 -16.35 -7.57
C SER B 50 38.82 -16.82 -8.34
N LYS B 51 39.09 -16.15 -9.45
CA LYS B 51 40.28 -16.38 -10.25
C LYS B 51 41.21 -15.20 -10.07
N CYS B 52 42.43 -15.46 -9.61
CA CYS B 52 43.35 -14.38 -9.28
C CYS B 52 44.25 -14.09 -10.46
N VAL B 53 44.26 -12.83 -10.89
CA VAL B 53 44.66 -12.41 -12.23
C VAL B 53 45.35 -11.05 -12.14
N CYS B 54 46.46 -10.88 -12.88
CA CYS B 54 47.09 -9.57 -13.01
C CYS B 54 46.15 -8.55 -13.64
N ARG B 55 45.72 -7.59 -12.84
CA ARG B 55 44.77 -6.57 -13.25
C ARG B 55 45.44 -5.21 -13.08
N ASP B 56 45.10 -4.27 -13.96
CA ASP B 56 45.64 -2.93 -13.81
C ASP B 56 44.97 -2.18 -12.66
N VAL B 57 45.72 -1.28 -12.03
CA VAL B 57 45.19 -0.45 -10.96
C VAL B 57 45.44 1.01 -11.30
#